data_1YUI
# 
_entry.id   1YUI 
# 
_audit_conform.dict_name       mmcif_pdbx.dic 
_audit_conform.dict_version    5.392 
_audit_conform.dict_location   http://mmcif.pdb.org/dictionaries/ascii/mmcif_pdbx.dic 
# 
loop_
_database_2.database_id 
_database_2.database_code 
_database_2.pdbx_database_accession 
_database_2.pdbx_DOI 
PDB   1YUI         pdb_00001yui 10.2210/pdb1yui/pdb 
WWPDB D_1000177448 ?            ?                   
# 
loop_
_pdbx_audit_revision_history.ordinal 
_pdbx_audit_revision_history.data_content_type 
_pdbx_audit_revision_history.major_revision 
_pdbx_audit_revision_history.minor_revision 
_pdbx_audit_revision_history.revision_date 
1 'Structure model' 1 0 1997-12-31 
2 'Structure model' 1 1 2008-03-24 
3 'Structure model' 1 2 2011-07-13 
4 'Structure model' 1 3 2022-03-02 
5 'Structure model' 1 4 2024-05-22 
# 
_pdbx_audit_revision_details.ordinal             1 
_pdbx_audit_revision_details.revision_ordinal    1 
_pdbx_audit_revision_details.data_content_type   'Structure model' 
_pdbx_audit_revision_details.provider            repository 
_pdbx_audit_revision_details.type                'Initial release' 
_pdbx_audit_revision_details.description         ? 
_pdbx_audit_revision_details.details             ? 
# 
loop_
_pdbx_audit_revision_group.ordinal 
_pdbx_audit_revision_group.revision_ordinal 
_pdbx_audit_revision_group.data_content_type 
_pdbx_audit_revision_group.group 
1 2 'Structure model' 'Version format compliance' 
2 3 'Structure model' 'Version format compliance' 
3 4 'Structure model' 'Database references'       
4 4 'Structure model' 'Derived calculations'      
5 4 'Structure model' Other                       
6 5 'Structure model' 'Data collection'           
# 
loop_
_pdbx_audit_revision_category.ordinal 
_pdbx_audit_revision_category.revision_ordinal 
_pdbx_audit_revision_category.data_content_type 
_pdbx_audit_revision_category.category 
1 4 'Structure model' database_2            
2 4 'Structure model' pdbx_database_status  
3 4 'Structure model' pdbx_struct_assembly  
4 4 'Structure model' pdbx_struct_oper_list 
5 4 'Structure model' struct_conn           
6 4 'Structure model' struct_site           
7 5 'Structure model' chem_comp_atom        
8 5 'Structure model' chem_comp_bond        
# 
loop_
_pdbx_audit_revision_item.ordinal 
_pdbx_audit_revision_item.revision_ordinal 
_pdbx_audit_revision_item.data_content_type 
_pdbx_audit_revision_item.item 
1  4 'Structure model' '_database_2.pdbx_DOI'                
2  4 'Structure model' '_database_2.pdbx_database_accession' 
3  4 'Structure model' '_pdbx_database_status.process_site'  
4  4 'Structure model' '_struct_conn.ptnr1_auth_comp_id'     
5  4 'Structure model' '_struct_conn.ptnr1_auth_seq_id'      
6  4 'Structure model' '_struct_conn.ptnr1_label_asym_id'    
7  4 'Structure model' '_struct_conn.ptnr1_label_atom_id'    
8  4 'Structure model' '_struct_conn.ptnr1_label_comp_id'    
9  4 'Structure model' '_struct_conn.ptnr1_label_seq_id'     
10 4 'Structure model' '_struct_conn.ptnr2_auth_comp_id'     
11 4 'Structure model' '_struct_conn.ptnr2_auth_seq_id'      
12 4 'Structure model' '_struct_conn.ptnr2_label_asym_id'    
13 4 'Structure model' '_struct_conn.ptnr2_label_atom_id'    
14 4 'Structure model' '_struct_conn.ptnr2_label_comp_id'    
15 4 'Structure model' '_struct_conn.ptnr2_label_seq_id'     
16 4 'Structure model' '_struct_site.pdbx_auth_asym_id'      
17 4 'Structure model' '_struct_site.pdbx_auth_comp_id'      
18 4 'Structure model' '_struct_site.pdbx_auth_seq_id'       
# 
_pdbx_database_status.status_code                     REL 
_pdbx_database_status.entry_id                        1YUI 
_pdbx_database_status.recvd_initial_deposition_date   1996-12-31 
_pdbx_database_status.deposit_site                    ? 
_pdbx_database_status.process_site                    BNL 
_pdbx_database_status.status_code_sf                  ? 
_pdbx_database_status.status_code_mr                  REL 
_pdbx_database_status.SG_entry                        ? 
_pdbx_database_status.pdb_format_compatible           Y 
_pdbx_database_status.status_code_cs                  ? 
_pdbx_database_status.status_code_nmr_data            ? 
_pdbx_database_status.methods_development_category    ? 
# 
_pdbx_database_related.db_name        PDB 
_pdbx_database_related.db_id          1YUJ 
_pdbx_database_related.details        'ENSEMBLE OF 50 STRUCTURES' 
_pdbx_database_related.content_type   ensemble 
# 
loop_
_audit_author.name 
_audit_author.pdbx_ordinal 
'Clore, G.M.'      1 
'Omichinski, J.G.' 2 
'Gronenborn, A.M.' 3 
# 
_citation.id                        primary 
_citation.title                     'The solution structure of a specific GAGA factor-DNA complex reveals a modular binding mode.' 
_citation.journal_abbrev            Nat.Struct.Biol. 
_citation.journal_volume            4 
_citation.page_first                122 
_citation.page_last                 132 
_citation.year                      1997 
_citation.journal_id_ASTM           NSBIEW 
_citation.country                   US 
_citation.journal_id_ISSN           1072-8368 
_citation.journal_id_CSD            2024 
_citation.book_publisher            ? 
_citation.pdbx_database_id_PubMed   9033593 
_citation.pdbx_database_id_DOI      10.1038/nsb0297-122 
# 
loop_
_citation_author.citation_id 
_citation_author.name 
_citation_author.ordinal 
_citation_author.identifier_ORCID 
primary 'Omichinski, J.G.' 1 ? 
primary 'Pedone, P.V.'     2 ? 
primary 'Felsenfeld, G.'   3 ? 
primary 'Gronenborn, A.M.' 4 ? 
primary 'Clore, G.M.'      5 ? 
# 
loop_
_entity.id 
_entity.type 
_entity.src_method 
_entity.pdbx_description 
_entity.formula_weight 
_entity.pdbx_number_of_molecules 
_entity.pdbx_ec 
_entity.pdbx_mutation 
_entity.pdbx_fragment 
_entity.details 
1 polymer     syn 
;DNA (5'-D(*GP*CP*CP*GP*AP*GP*AP*GP*TP*AP*C)-3')
;
3383.224 1 ? ? ?                                        ? 
2 polymer     syn 
;DNA (5'-D(*GP*TP*AP*CP*TP*CP*TP*CP*GP*GP*C)-3')
;
3325.172 1 ? ? ?                                        ? 
3 polymer     nat GAGA-FACTOR                                       6202.233 1 ? ? 'DNA BINDING DOMAIN, RESIDUES 310 - 372' ? 
4 non-polymer syn 'ZINC ION'                                        65.409   1 ? ? ?                                        ? 
# 
loop_
_entity_poly.entity_id 
_entity_poly.type 
_entity_poly.nstd_linkage 
_entity_poly.nstd_monomer 
_entity_poly.pdbx_seq_one_letter_code 
_entity_poly.pdbx_seq_one_letter_code_can 
_entity_poly.pdbx_strand_id 
_entity_poly.pdbx_target_identifier 
1 polydeoxyribonucleotide no no '(DG)(DC)(DC)(DG)(DA)(DG)(DA)(DG)(DT)(DA)(DC)'         GCCGAGAGTAC B ? 
2 polydeoxyribonucleotide no no '(DG)(DT)(DA)(DC)(DT)(DC)(DT)(DC)(DG)(DG)(DC)'         GTACTCTCGGC C ? 
3 'polypeptide(L)'        no no PKAKRAKHPPGTEKPRSRSQSEQPATCPICYAVIRQSRNLRRHLELRHFAKPGV 
PKAKRAKHPPGTEKPRSRSQSEQPATCPICYAVIRQSRNLRRHLELRHFAKPGV A ? 
# 
_pdbx_entity_nonpoly.entity_id   4 
_pdbx_entity_nonpoly.name        'ZINC ION' 
_pdbx_entity_nonpoly.comp_id     ZN 
# 
loop_
_entity_poly_seq.entity_id 
_entity_poly_seq.num 
_entity_poly_seq.mon_id 
_entity_poly_seq.hetero 
1 1  DG  n 
1 2  DC  n 
1 3  DC  n 
1 4  DG  n 
1 5  DA  n 
1 6  DG  n 
1 7  DA  n 
1 8  DG  n 
1 9  DT  n 
1 10 DA  n 
1 11 DC  n 
2 1  DG  n 
2 2  DT  n 
2 3  DA  n 
2 4  DC  n 
2 5  DT  n 
2 6  DC  n 
2 7  DT  n 
2 8  DC  n 
2 9  DG  n 
2 10 DG  n 
2 11 DC  n 
3 1  PRO n 
3 2  LYS n 
3 3  ALA n 
3 4  LYS n 
3 5  ARG n 
3 6  ALA n 
3 7  LYS n 
3 8  HIS n 
3 9  PRO n 
3 10 PRO n 
3 11 GLY n 
3 12 THR n 
3 13 GLU n 
3 14 LYS n 
3 15 PRO n 
3 16 ARG n 
3 17 SER n 
3 18 ARG n 
3 19 SER n 
3 20 GLN n 
3 21 SER n 
3 22 GLU n 
3 23 GLN n 
3 24 PRO n 
3 25 ALA n 
3 26 THR n 
3 27 CYS n 
3 28 PRO n 
3 29 ILE n 
3 30 CYS n 
3 31 TYR n 
3 32 ALA n 
3 33 VAL n 
3 34 ILE n 
3 35 ARG n 
3 36 GLN n 
3 37 SER n 
3 38 ARG n 
3 39 ASN n 
3 40 LEU n 
3 41 ARG n 
3 42 ARG n 
3 43 HIS n 
3 44 LEU n 
3 45 GLU n 
3 46 LEU n 
3 47 ARG n 
3 48 HIS n 
3 49 PHE n 
3 50 ALA n 
3 51 LYS n 
3 52 PRO n 
3 53 GLY n 
3 54 VAL n 
# 
_entity_src_nat.entity_id                  3 
_entity_src_nat.pdbx_src_id                1 
_entity_src_nat.pdbx_alt_source_flag       sample 
_entity_src_nat.pdbx_beg_seq_num           ? 
_entity_src_nat.pdbx_end_seq_num           ? 
_entity_src_nat.common_name                'fruit fly' 
_entity_src_nat.pdbx_organism_scientific   'Drosophila melanogaster' 
_entity_src_nat.pdbx_ncbi_taxonomy_id      7227 
_entity_src_nat.genus                      Drosophila 
_entity_src_nat.species                    ? 
_entity_src_nat.strain                     ? 
_entity_src_nat.tissue                     ? 
_entity_src_nat.tissue_fraction            ? 
_entity_src_nat.pdbx_secretion             ? 
_entity_src_nat.pdbx_fragment              ? 
_entity_src_nat.pdbx_variant               ? 
_entity_src_nat.pdbx_cell_line             ? 
_entity_src_nat.pdbx_atcc                  ? 
_entity_src_nat.pdbx_cellular_location     ? 
_entity_src_nat.pdbx_organ                 ? 
_entity_src_nat.pdbx_organelle             ? 
_entity_src_nat.pdbx_cell                  ? 
_entity_src_nat.pdbx_plasmid_name          ? 
_entity_src_nat.pdbx_plasmid_details       ? 
_entity_src_nat.details                    ? 
# 
loop_
_chem_comp.id 
_chem_comp.type 
_chem_comp.mon_nstd_flag 
_chem_comp.name 
_chem_comp.pdbx_synonyms 
_chem_comp.formula 
_chem_comp.formula_weight 
ALA 'L-peptide linking' y ALANINE                              ? 'C3 H7 N O2'      89.093  
ARG 'L-peptide linking' y ARGININE                             ? 'C6 H15 N4 O2 1'  175.209 
ASN 'L-peptide linking' y ASPARAGINE                           ? 'C4 H8 N2 O3'     132.118 
CYS 'L-peptide linking' y CYSTEINE                             ? 'C3 H7 N O2 S'    121.158 
DA  'DNA linking'       y "2'-DEOXYADENOSINE-5'-MONOPHOSPHATE" ? 'C10 H14 N5 O6 P' 331.222 
DC  'DNA linking'       y "2'-DEOXYCYTIDINE-5'-MONOPHOSPHATE"  ? 'C9 H14 N3 O7 P'  307.197 
DG  'DNA linking'       y "2'-DEOXYGUANOSINE-5'-MONOPHOSPHATE" ? 'C10 H14 N5 O7 P' 347.221 
DT  'DNA linking'       y "THYMIDINE-5'-MONOPHOSPHATE"         ? 'C10 H15 N2 O8 P' 322.208 
GLN 'L-peptide linking' y GLUTAMINE                            ? 'C5 H10 N2 O3'    146.144 
GLU 'L-peptide linking' y 'GLUTAMIC ACID'                      ? 'C5 H9 N O4'      147.129 
GLY 'peptide linking'   y GLYCINE                              ? 'C2 H5 N O2'      75.067  
HIS 'L-peptide linking' y HISTIDINE                            ? 'C6 H10 N3 O2 1'  156.162 
ILE 'L-peptide linking' y ISOLEUCINE                           ? 'C6 H13 N O2'     131.173 
LEU 'L-peptide linking' y LEUCINE                              ? 'C6 H13 N O2'     131.173 
LYS 'L-peptide linking' y LYSINE                               ? 'C6 H15 N2 O2 1'  147.195 
PHE 'L-peptide linking' y PHENYLALANINE                        ? 'C9 H11 N O2'     165.189 
PRO 'L-peptide linking' y PROLINE                              ? 'C5 H9 N O2'      115.130 
SER 'L-peptide linking' y SERINE                               ? 'C3 H7 N O3'      105.093 
THR 'L-peptide linking' y THREONINE                            ? 'C4 H9 N O3'      119.119 
TYR 'L-peptide linking' y TYROSINE                             ? 'C9 H11 N O3'     181.189 
VAL 'L-peptide linking' y VALINE                               ? 'C5 H11 N O2'     117.146 
ZN  non-polymer         . 'ZINC ION'                           ? 'Zn 2'            65.409  
# 
loop_
_pdbx_poly_seq_scheme.asym_id 
_pdbx_poly_seq_scheme.entity_id 
_pdbx_poly_seq_scheme.seq_id 
_pdbx_poly_seq_scheme.mon_id 
_pdbx_poly_seq_scheme.ndb_seq_num 
_pdbx_poly_seq_scheme.pdb_seq_num 
_pdbx_poly_seq_scheme.auth_seq_num 
_pdbx_poly_seq_scheme.pdb_mon_id 
_pdbx_poly_seq_scheme.auth_mon_id 
_pdbx_poly_seq_scheme.pdb_strand_id 
_pdbx_poly_seq_scheme.pdb_ins_code 
_pdbx_poly_seq_scheme.hetero 
A 1 1  DG  1  101 101 DG  G   B . n 
A 1 2  DC  2  102 102 DC  C   B . n 
A 1 3  DC  3  103 103 DC  C   B . n 
A 1 4  DG  4  104 104 DG  G   B . n 
A 1 5  DA  5  105 105 DA  A   B . n 
A 1 6  DG  6  106 106 DG  G   B . n 
A 1 7  DA  7  107 107 DA  A   B . n 
A 1 8  DG  8  108 108 DG  G   B . n 
A 1 9  DT  9  109 109 DT  T   B . n 
A 1 10 DA  10 110 110 DA  A   B . n 
A 1 11 DC  11 111 111 DC  C   B . n 
B 2 1  DG  1  112 112 DG  G   C . n 
B 2 2  DT  2  113 113 DT  T   C . n 
B 2 3  DA  3  114 114 DA  A   C . n 
B 2 4  DC  4  115 115 DC  C   C . n 
B 2 5  DT  5  116 116 DT  T   C . n 
B 2 6  DC  6  117 117 DC  C   C . n 
B 2 7  DT  7  118 118 DT  T   C . n 
B 2 8  DC  8  119 119 DC  C   C . n 
B 2 9  DG  9  120 120 DG  G   C . n 
B 2 10 DG  10 121 121 DG  G   C . n 
B 2 11 DC  11 122 122 DC  C   C . n 
C 3 1  PRO 1  10  10  PRO PRO A . n 
C 3 2  LYS 2  11  11  LYS LYS A . n 
C 3 3  ALA 3  12  12  ALA ALA A . n 
C 3 4  LYS 4  13  13  LYS LYS A . n 
C 3 5  ARG 5  14  14  ARG ARG A . n 
C 3 6  ALA 6  15  15  ALA ALA A . n 
C 3 7  LYS 7  16  16  LYS LYS A . n 
C 3 8  HIS 8  17  17  HIS HIS A . n 
C 3 9  PRO 9  18  18  PRO PRO A . n 
C 3 10 PRO 10 19  19  PRO PRO A . n 
C 3 11 GLY 11 20  20  GLY GLY A . n 
C 3 12 THR 12 21  21  THR THR A . n 
C 3 13 GLU 13 22  22  GLU GLU A . n 
C 3 14 LYS 14 23  23  LYS LYS A . n 
C 3 15 PRO 15 24  24  PRO PRO A . n 
C 3 16 ARG 16 25  25  ARG ARG A . n 
C 3 17 SER 17 26  26  SER SER A . n 
C 3 18 ARG 18 27  27  ARG ARG A . n 
C 3 19 SER 19 28  28  SER SER A . n 
C 3 20 GLN 20 29  29  GLN GLN A . n 
C 3 21 SER 21 30  30  SER SER A . n 
C 3 22 GLU 22 31  31  GLU GLU A . n 
C 3 23 GLN 23 32  32  GLN GLN A . n 
C 3 24 PRO 24 33  33  PRO PRO A . n 
C 3 25 ALA 25 34  34  ALA ALA A . n 
C 3 26 THR 26 35  35  THR THR A . n 
C 3 27 CYS 27 36  36  CYS CYS A . n 
C 3 28 PRO 28 37  37  PRO PRO A . n 
C 3 29 ILE 29 38  38  ILE ILE A . n 
C 3 30 CYS 30 39  39  CYS CYS A . n 
C 3 31 TYR 31 40  40  TYR TYR A . n 
C 3 32 ALA 32 41  41  ALA ALA A . n 
C 3 33 VAL 33 42  42  VAL VAL A . n 
C 3 34 ILE 34 43  43  ILE ILE A . n 
C 3 35 ARG 35 44  44  ARG ARG A . n 
C 3 36 GLN 36 45  45  GLN GLN A . n 
C 3 37 SER 37 46  46  SER SER A . n 
C 3 38 ARG 38 47  47  ARG ARG A . n 
C 3 39 ASN 39 48  48  ASN ASN A . n 
C 3 40 LEU 40 49  49  LEU LEU A . n 
C 3 41 ARG 41 50  50  ARG ARG A . n 
C 3 42 ARG 42 51  51  ARG ARG A . n 
C 3 43 HIS 43 52  52  HIS HIS A . n 
C 3 44 LEU 44 53  53  LEU LEU A . n 
C 3 45 GLU 45 54  54  GLU GLU A . n 
C 3 46 LEU 46 55  55  LEU LEU A . n 
C 3 47 ARG 47 56  56  ARG ARG A . n 
C 3 48 HIS 48 57  57  HIS HIS A . n 
C 3 49 PHE 49 58  58  PHE PHE A . n 
C 3 50 ALA 50 59  59  ALA ALA A . n 
C 3 51 LYS 51 60  60  LYS LYS A . n 
C 3 52 PRO 52 61  61  PRO PRO A . n 
C 3 53 GLY 53 62  62  GLY GLY A . n 
C 3 54 VAL 54 63  63  VAL VAL A . n 
# 
_pdbx_nonpoly_scheme.asym_id         D 
_pdbx_nonpoly_scheme.entity_id       4 
_pdbx_nonpoly_scheme.mon_id          ZN 
_pdbx_nonpoly_scheme.ndb_seq_num     1 
_pdbx_nonpoly_scheme.pdb_seq_num     64 
_pdbx_nonpoly_scheme.auth_seq_num    64 
_pdbx_nonpoly_scheme.pdb_mon_id      ZN 
_pdbx_nonpoly_scheme.auth_mon_id     ZN 
_pdbx_nonpoly_scheme.pdb_strand_id   A 
_pdbx_nonpoly_scheme.pdb_ins_code    . 
# 
loop_
_software.name 
_software.classification 
_software.version 
_software.citation_id 
_software.pdbx_ordinal 
X-PLOR 'model building' 3.1 ? 1 
X-PLOR refinement       3.1 ? 2 
X-PLOR phasing          3.1 ? 3 
# 
_cell.entry_id           1YUI 
_cell.length_a           1.000 
_cell.length_b           1.000 
_cell.length_c           1.000 
_cell.angle_alpha        90.00 
_cell.angle_beta         90.00 
_cell.angle_gamma        90.00 
_cell.Z_PDB              1 
_cell.pdbx_unique_axis   ? 
# 
_symmetry.entry_id                         1YUI 
_symmetry.space_group_name_H-M             'P 1' 
_symmetry.pdbx_full_space_group_name_H-M   ? 
_symmetry.cell_setting                     ? 
_symmetry.Int_Tables_number                1 
# 
_exptl.entry_id          1YUI 
_exptl.method            'SOLUTION NMR' 
_exptl.crystals_number   ? 
# 
_struct.entry_id                  1YUI 
_struct.title                     'SOLUTION NMR STRUCTURE OF THE GAGA FACTOR/DNA COMPLEX, REGULARIZED MEAN STRUCTURE' 
_struct.pdbx_model_details        ? 
_struct.pdbx_CASP_flag            ? 
_struct.pdbx_model_type_details   ? 
# 
_struct_keywords.entry_id        1YUI 
_struct_keywords.pdbx_keywords   'DNA BINDING PROTEIN/DNA' 
_struct_keywords.text            'COMPLEX (DNA-BINDING PROTEIN-DNA), CHROMATIN REMODELING, DNA BINDING PROTEIN-DNA COMPLEX' 
# 
loop_
_struct_asym.id 
_struct_asym.pdbx_blank_PDB_chainid_flag 
_struct_asym.pdbx_modified 
_struct_asym.entity_id 
_struct_asym.details 
A N N 1 ? 
B N N 2 ? 
C N N 3 ? 
D N N 4 ? 
# 
loop_
_struct_ref.id 
_struct_ref.db_name 
_struct_ref.db_code 
_struct_ref.pdbx_db_accession 
_struct_ref.entity_id 
_struct_ref.pdbx_align_begin 
_struct_ref.pdbx_db_isoform 
_struct_ref.pdbx_seq_one_letter_code 
1 UNP GAGA_DROME Q08605 3 319 ? ? 
2 PDB 1YUI       1YUI   1 ?   ? ? 
3 PDB 1YUI       1YUI   2 ?   ? ? 
# 
loop_
_struct_ref_seq.align_id 
_struct_ref_seq.ref_id 
_struct_ref_seq.pdbx_PDB_id_code 
_struct_ref_seq.pdbx_strand_id 
_struct_ref_seq.seq_align_beg 
_struct_ref_seq.pdbx_seq_align_beg_ins_code 
_struct_ref_seq.seq_align_end 
_struct_ref_seq.pdbx_seq_align_end_ins_code 
_struct_ref_seq.pdbx_db_accession 
_struct_ref_seq.db_align_beg 
_struct_ref_seq.pdbx_db_align_beg_ins_code 
_struct_ref_seq.db_align_end 
_struct_ref_seq.pdbx_db_align_end_ins_code 
_struct_ref_seq.pdbx_auth_seq_align_beg 
_struct_ref_seq.pdbx_auth_seq_align_end 
1 1 1YUI A 1 ? 54 ? Q08605 319 ? 372 ? 10  63  
2 2 1YUI B 1 ? 11 ? 1YUI   101 ? 111 ? 101 111 
3 3 1YUI C 1 ? 11 ? 1YUI   112 ? 122 ? 112 122 
# 
_pdbx_struct_assembly.id                   1 
_pdbx_struct_assembly.details              author_defined_assembly 
_pdbx_struct_assembly.method_details       ? 
_pdbx_struct_assembly.oligomeric_details   trimeric 
_pdbx_struct_assembly.oligomeric_count     3 
# 
_pdbx_struct_assembly_gen.assembly_id       1 
_pdbx_struct_assembly_gen.oper_expression   1 
_pdbx_struct_assembly_gen.asym_id_list      A,B,C,D 
# 
_pdbx_struct_oper_list.id                   1 
_pdbx_struct_oper_list.type                 'identity operation' 
_pdbx_struct_oper_list.name                 1_555 
_pdbx_struct_oper_list.symmetry_operation   x,y,z 
_pdbx_struct_oper_list.matrix[1][1]         1.0000000000 
_pdbx_struct_oper_list.matrix[1][2]         0.0000000000 
_pdbx_struct_oper_list.matrix[1][3]         0.0000000000 
_pdbx_struct_oper_list.vector[1]            0.0000000000 
_pdbx_struct_oper_list.matrix[2][1]         0.0000000000 
_pdbx_struct_oper_list.matrix[2][2]         1.0000000000 
_pdbx_struct_oper_list.matrix[2][3]         0.0000000000 
_pdbx_struct_oper_list.vector[2]            0.0000000000 
_pdbx_struct_oper_list.matrix[3][1]         0.0000000000 
_pdbx_struct_oper_list.matrix[3][2]         0.0000000000 
_pdbx_struct_oper_list.matrix[3][3]         1.0000000000 
_pdbx_struct_oper_list.vector[3]            0.0000000000 
# 
_struct_biol.id   1 
# 
loop_
_struct_conf.conf_type_id 
_struct_conf.id 
_struct_conf.pdbx_PDB_helix_id 
_struct_conf.beg_label_comp_id 
_struct_conf.beg_label_asym_id 
_struct_conf.beg_label_seq_id 
_struct_conf.pdbx_beg_PDB_ins_code 
_struct_conf.end_label_comp_id 
_struct_conf.end_label_asym_id 
_struct_conf.end_label_seq_id 
_struct_conf.pdbx_end_PDB_ins_code 
_struct_conf.beg_auth_comp_id 
_struct_conf.beg_auth_asym_id 
_struct_conf.beg_auth_seq_id 
_struct_conf.end_auth_comp_id 
_struct_conf.end_auth_asym_id 
_struct_conf.end_auth_seq_id 
_struct_conf.pdbx_PDB_helix_class 
_struct_conf.details 
_struct_conf.pdbx_PDB_helix_length 
HELX_P HELX_P1 1 ARG C 16 ? SER C 19 ? ARG A 25 SER A 28 1 ? 4  
HELX_P HELX_P2 2 SER C 37 ? ARG C 47 ? SER A 46 ARG A 56 1 ? 11 
# 
_struct_conf_type.id          HELX_P 
_struct_conf_type.criteria    ? 
_struct_conf_type.reference   ? 
# 
loop_
_struct_conn.id 
_struct_conn.conn_type_id 
_struct_conn.pdbx_leaving_atom_flag 
_struct_conn.pdbx_PDB_id 
_struct_conn.ptnr1_label_asym_id 
_struct_conn.ptnr1_label_comp_id 
_struct_conn.ptnr1_label_seq_id 
_struct_conn.ptnr1_label_atom_id 
_struct_conn.pdbx_ptnr1_label_alt_id 
_struct_conn.pdbx_ptnr1_PDB_ins_code 
_struct_conn.pdbx_ptnr1_standard_comp_id 
_struct_conn.ptnr1_symmetry 
_struct_conn.ptnr2_label_asym_id 
_struct_conn.ptnr2_label_comp_id 
_struct_conn.ptnr2_label_seq_id 
_struct_conn.ptnr2_label_atom_id 
_struct_conn.pdbx_ptnr2_label_alt_id 
_struct_conn.pdbx_ptnr2_PDB_ins_code 
_struct_conn.ptnr1_auth_asym_id 
_struct_conn.ptnr1_auth_comp_id 
_struct_conn.ptnr1_auth_seq_id 
_struct_conn.ptnr2_auth_asym_id 
_struct_conn.ptnr2_auth_comp_id 
_struct_conn.ptnr2_auth_seq_id 
_struct_conn.ptnr2_symmetry 
_struct_conn.pdbx_ptnr3_label_atom_id 
_struct_conn.pdbx_ptnr3_label_seq_id 
_struct_conn.pdbx_ptnr3_label_comp_id 
_struct_conn.pdbx_ptnr3_label_asym_id 
_struct_conn.pdbx_ptnr3_label_alt_id 
_struct_conn.pdbx_ptnr3_PDB_ins_code 
_struct_conn.details 
_struct_conn.pdbx_dist_value 
_struct_conn.pdbx_value_order 
_struct_conn.pdbx_role 
metalc1  metalc ? ? C CYS 27 SG  ? ? ? 1_555 D ZN .  ZN ? ? A CYS 36  A ZN 64  1_555 ? ? ? ? ? ? ?            2.299 ? ? 
metalc2  metalc ? ? C CYS 30 SG  ? ? ? 1_555 D ZN .  ZN ? ? A CYS 39  A ZN 64  1_555 ? ? ? ? ? ? ?            2.312 ? ? 
metalc3  metalc ? ? C HIS 43 NE2 ? ? ? 1_555 D ZN .  ZN ? ? A HIS 52  A ZN 64  1_555 ? ? ? ? ? ? ?            2.000 ? ? 
metalc4  metalc ? ? C HIS 48 NE2 ? ? ? 1_555 D ZN .  ZN ? ? A HIS 57  A ZN 64  1_555 ? ? ? ? ? ? ?            2.012 ? ? 
hydrog1  hydrog ? ? A DG  1  N1  ? ? ? 1_555 B DC 11 N3 ? ? B DG  101 C DC 122 1_555 ? ? ? ? ? ? WATSON-CRICK ?     ? ? 
hydrog2  hydrog ? ? A DG  1  N2  ? ? ? 1_555 B DC 11 O2 ? ? B DG  101 C DC 122 1_555 ? ? ? ? ? ? WATSON-CRICK ?     ? ? 
hydrog3  hydrog ? ? A DG  1  O6  ? ? ? 1_555 B DC 11 N4 ? ? B DG  101 C DC 122 1_555 ? ? ? ? ? ? WATSON-CRICK ?     ? ? 
hydrog4  hydrog ? ? A DC  2  N3  ? ? ? 1_555 B DG 10 N1 ? ? B DC  102 C DG 121 1_555 ? ? ? ? ? ? WATSON-CRICK ?     ? ? 
hydrog5  hydrog ? ? A DC  2  N4  ? ? ? 1_555 B DG 10 O6 ? ? B DC  102 C DG 121 1_555 ? ? ? ? ? ? WATSON-CRICK ?     ? ? 
hydrog6  hydrog ? ? A DC  2  O2  ? ? ? 1_555 B DG 10 N2 ? ? B DC  102 C DG 121 1_555 ? ? ? ? ? ? WATSON-CRICK ?     ? ? 
hydrog7  hydrog ? ? A DC  3  N3  ? ? ? 1_555 B DG 9  N1 ? ? B DC  103 C DG 120 1_555 ? ? ? ? ? ? WATSON-CRICK ?     ? ? 
hydrog8  hydrog ? ? A DC  3  N4  ? ? ? 1_555 B DG 9  O6 ? ? B DC  103 C DG 120 1_555 ? ? ? ? ? ? WATSON-CRICK ?     ? ? 
hydrog9  hydrog ? ? A DC  3  O2  ? ? ? 1_555 B DG 9  N2 ? ? B DC  103 C DG 120 1_555 ? ? ? ? ? ? WATSON-CRICK ?     ? ? 
hydrog10 hydrog ? ? A DG  4  N1  ? ? ? 1_555 B DC 8  N3 ? ? B DG  104 C DC 119 1_555 ? ? ? ? ? ? WATSON-CRICK ?     ? ? 
hydrog11 hydrog ? ? A DG  4  N2  ? ? ? 1_555 B DC 8  O2 ? ? B DG  104 C DC 119 1_555 ? ? ? ? ? ? WATSON-CRICK ?     ? ? 
hydrog12 hydrog ? ? A DG  4  O6  ? ? ? 1_555 B DC 8  N4 ? ? B DG  104 C DC 119 1_555 ? ? ? ? ? ? WATSON-CRICK ?     ? ? 
hydrog13 hydrog ? ? A DA  5  N1  ? ? ? 1_555 B DT 7  N3 ? ? B DA  105 C DT 118 1_555 ? ? ? ? ? ? WATSON-CRICK ?     ? ? 
hydrog14 hydrog ? ? A DA  5  N6  ? ? ? 1_555 B DT 7  O4 ? ? B DA  105 C DT 118 1_555 ? ? ? ? ? ? WATSON-CRICK ?     ? ? 
hydrog15 hydrog ? ? A DG  6  N1  ? ? ? 1_555 B DC 6  N3 ? ? B DG  106 C DC 117 1_555 ? ? ? ? ? ? WATSON-CRICK ?     ? ? 
hydrog16 hydrog ? ? A DG  6  N2  ? ? ? 1_555 B DC 6  O2 ? ? B DG  106 C DC 117 1_555 ? ? ? ? ? ? WATSON-CRICK ?     ? ? 
hydrog17 hydrog ? ? A DG  6  O6  ? ? ? 1_555 B DC 6  N4 ? ? B DG  106 C DC 117 1_555 ? ? ? ? ? ? WATSON-CRICK ?     ? ? 
hydrog18 hydrog ? ? A DA  7  N1  ? ? ? 1_555 B DT 5  N3 ? ? B DA  107 C DT 116 1_555 ? ? ? ? ? ? WATSON-CRICK ?     ? ? 
hydrog19 hydrog ? ? A DA  7  N6  ? ? ? 1_555 B DT 5  O4 ? ? B DA  107 C DT 116 1_555 ? ? ? ? ? ? WATSON-CRICK ?     ? ? 
hydrog20 hydrog ? ? A DG  8  N1  ? ? ? 1_555 B DC 4  N3 ? ? B DG  108 C DC 115 1_555 ? ? ? ? ? ? WATSON-CRICK ?     ? ? 
hydrog21 hydrog ? ? A DG  8  N2  ? ? ? 1_555 B DC 4  O2 ? ? B DG  108 C DC 115 1_555 ? ? ? ? ? ? WATSON-CRICK ?     ? ? 
hydrog22 hydrog ? ? A DG  8  O6  ? ? ? 1_555 B DC 4  N4 ? ? B DG  108 C DC 115 1_555 ? ? ? ? ? ? WATSON-CRICK ?     ? ? 
hydrog23 hydrog ? ? A DT  9  N3  ? ? ? 1_555 B DA 3  N1 ? ? B DT  109 C DA 114 1_555 ? ? ? ? ? ? WATSON-CRICK ?     ? ? 
hydrog24 hydrog ? ? A DT  9  O4  ? ? ? 1_555 B DA 3  N6 ? ? B DT  109 C DA 114 1_555 ? ? ? ? ? ? WATSON-CRICK ?     ? ? 
hydrog25 hydrog ? ? A DA  10 N1  ? ? ? 1_555 B DT 2  N3 ? ? B DA  110 C DT 113 1_555 ? ? ? ? ? ? WATSON-CRICK ?     ? ? 
hydrog26 hydrog ? ? A DA  10 N6  ? ? ? 1_555 B DT 2  O4 ? ? B DA  110 C DT 113 1_555 ? ? ? ? ? ? WATSON-CRICK ?     ? ? 
hydrog27 hydrog ? ? A DC  11 N3  ? ? ? 1_555 B DG 1  N1 ? ? B DC  111 C DG 112 1_555 ? ? ? ? ? ? WATSON-CRICK ?     ? ? 
hydrog28 hydrog ? ? A DC  11 N4  ? ? ? 1_555 B DG 1  O6 ? ? B DC  111 C DG 112 1_555 ? ? ? ? ? ? WATSON-CRICK ?     ? ? 
hydrog29 hydrog ? ? A DC  11 O2  ? ? ? 1_555 B DG 1  N2 ? ? B DC  111 C DG 112 1_555 ? ? ? ? ? ? WATSON-CRICK ?     ? ? 
# 
loop_
_struct_conn_type.id 
_struct_conn_type.criteria 
_struct_conn_type.reference 
metalc ? ? 
hydrog ? ? 
# 
loop_
_pdbx_struct_conn_angle.id 
_pdbx_struct_conn_angle.ptnr1_label_atom_id 
_pdbx_struct_conn_angle.ptnr1_label_alt_id 
_pdbx_struct_conn_angle.ptnr1_label_asym_id 
_pdbx_struct_conn_angle.ptnr1_label_comp_id 
_pdbx_struct_conn_angle.ptnr1_label_seq_id 
_pdbx_struct_conn_angle.ptnr1_auth_atom_id 
_pdbx_struct_conn_angle.ptnr1_auth_asym_id 
_pdbx_struct_conn_angle.ptnr1_auth_comp_id 
_pdbx_struct_conn_angle.ptnr1_auth_seq_id 
_pdbx_struct_conn_angle.ptnr1_PDB_ins_code 
_pdbx_struct_conn_angle.ptnr1_symmetry 
_pdbx_struct_conn_angle.ptnr2_label_atom_id 
_pdbx_struct_conn_angle.ptnr2_label_alt_id 
_pdbx_struct_conn_angle.ptnr2_label_asym_id 
_pdbx_struct_conn_angle.ptnr2_label_comp_id 
_pdbx_struct_conn_angle.ptnr2_label_seq_id 
_pdbx_struct_conn_angle.ptnr2_auth_atom_id 
_pdbx_struct_conn_angle.ptnr2_auth_asym_id 
_pdbx_struct_conn_angle.ptnr2_auth_comp_id 
_pdbx_struct_conn_angle.ptnr2_auth_seq_id 
_pdbx_struct_conn_angle.ptnr2_PDB_ins_code 
_pdbx_struct_conn_angle.ptnr2_symmetry 
_pdbx_struct_conn_angle.ptnr3_label_atom_id 
_pdbx_struct_conn_angle.ptnr3_label_alt_id 
_pdbx_struct_conn_angle.ptnr3_label_asym_id 
_pdbx_struct_conn_angle.ptnr3_label_comp_id 
_pdbx_struct_conn_angle.ptnr3_label_seq_id 
_pdbx_struct_conn_angle.ptnr3_auth_atom_id 
_pdbx_struct_conn_angle.ptnr3_auth_asym_id 
_pdbx_struct_conn_angle.ptnr3_auth_comp_id 
_pdbx_struct_conn_angle.ptnr3_auth_seq_id 
_pdbx_struct_conn_angle.ptnr3_PDB_ins_code 
_pdbx_struct_conn_angle.ptnr3_symmetry 
_pdbx_struct_conn_angle.value 
_pdbx_struct_conn_angle.value_esd 
1 SG  ? C CYS 27 ? A CYS 36 ? 1_555 ZN ? D ZN . ? A ZN 64 ? 1_555 SG  ? C CYS 30 ? A CYS 39 ? 1_555 107.3 ? 
2 SG  ? C CYS 27 ? A CYS 36 ? 1_555 ZN ? D ZN . ? A ZN 64 ? 1_555 NE2 ? C HIS 43 ? A HIS 52 ? 1_555 106.2 ? 
3 SG  ? C CYS 30 ? A CYS 39 ? 1_555 ZN ? D ZN . ? A ZN 64 ? 1_555 NE2 ? C HIS 43 ? A HIS 52 ? 1_555 107.5 ? 
4 SG  ? C CYS 27 ? A CYS 36 ? 1_555 ZN ? D ZN . ? A ZN 64 ? 1_555 NE2 ? C HIS 48 ? A HIS 57 ? 1_555 107.3 ? 
5 SG  ? C CYS 30 ? A CYS 39 ? 1_555 ZN ? D ZN . ? A ZN 64 ? 1_555 NE2 ? C HIS 48 ? A HIS 57 ? 1_555 121.4 ? 
6 NE2 ? C HIS 43 ? A HIS 52 ? 1_555 ZN ? D ZN . ? A ZN 64 ? 1_555 NE2 ? C HIS 48 ? A HIS 57 ? 1_555 106.3 ? 
# 
_struct_sheet.id               A 
_struct_sheet.type             ? 
_struct_sheet.number_strands   2 
_struct_sheet.details          ? 
# 
_struct_sheet_order.sheet_id     A 
_struct_sheet_order.range_id_1   1 
_struct_sheet_order.range_id_2   2 
_struct_sheet_order.offset       ? 
_struct_sheet_order.sense        anti-parallel 
# 
loop_
_struct_sheet_range.sheet_id 
_struct_sheet_range.id 
_struct_sheet_range.beg_label_comp_id 
_struct_sheet_range.beg_label_asym_id 
_struct_sheet_range.beg_label_seq_id 
_struct_sheet_range.pdbx_beg_PDB_ins_code 
_struct_sheet_range.end_label_comp_id 
_struct_sheet_range.end_label_asym_id 
_struct_sheet_range.end_label_seq_id 
_struct_sheet_range.pdbx_end_PDB_ins_code 
_struct_sheet_range.beg_auth_comp_id 
_struct_sheet_range.beg_auth_asym_id 
_struct_sheet_range.beg_auth_seq_id 
_struct_sheet_range.end_auth_comp_id 
_struct_sheet_range.end_auth_asym_id 
_struct_sheet_range.end_auth_seq_id 
A 1 ALA C 25 ? THR C 26 ? ALA A 34 THR A 35 
A 2 VAL C 33 ? ILE C 34 ? VAL A 42 ILE A 43 
# 
_pdbx_struct_sheet_hbond.sheet_id                A 
_pdbx_struct_sheet_hbond.range_id_1              1 
_pdbx_struct_sheet_hbond.range_id_2              2 
_pdbx_struct_sheet_hbond.range_1_label_atom_id   O 
_pdbx_struct_sheet_hbond.range_1_label_comp_id   ALA 
_pdbx_struct_sheet_hbond.range_1_label_asym_id   C 
_pdbx_struct_sheet_hbond.range_1_label_seq_id    25 
_pdbx_struct_sheet_hbond.range_1_PDB_ins_code    ? 
_pdbx_struct_sheet_hbond.range_1_auth_atom_id    O 
_pdbx_struct_sheet_hbond.range_1_auth_comp_id    ALA 
_pdbx_struct_sheet_hbond.range_1_auth_asym_id    A 
_pdbx_struct_sheet_hbond.range_1_auth_seq_id     34 
_pdbx_struct_sheet_hbond.range_2_label_atom_id   N 
_pdbx_struct_sheet_hbond.range_2_label_comp_id   ILE 
_pdbx_struct_sheet_hbond.range_2_label_asym_id   C 
_pdbx_struct_sheet_hbond.range_2_label_seq_id    34 
_pdbx_struct_sheet_hbond.range_2_PDB_ins_code    ? 
_pdbx_struct_sheet_hbond.range_2_auth_atom_id    N 
_pdbx_struct_sheet_hbond.range_2_auth_comp_id    ILE 
_pdbx_struct_sheet_hbond.range_2_auth_asym_id    A 
_pdbx_struct_sheet_hbond.range_2_auth_seq_id     43 
# 
_struct_site.id                   AC1 
_struct_site.pdbx_evidence_code   Software 
_struct_site.pdbx_auth_asym_id    A 
_struct_site.pdbx_auth_comp_id    ZN 
_struct_site.pdbx_auth_seq_id     64 
_struct_site.pdbx_auth_ins_code   ? 
_struct_site.pdbx_num_residues    4 
_struct_site.details              'BINDING SITE FOR RESIDUE ZN A 64' 
# 
loop_
_struct_site_gen.id 
_struct_site_gen.site_id 
_struct_site_gen.pdbx_num_res 
_struct_site_gen.label_comp_id 
_struct_site_gen.label_asym_id 
_struct_site_gen.label_seq_id 
_struct_site_gen.pdbx_auth_ins_code 
_struct_site_gen.auth_comp_id 
_struct_site_gen.auth_asym_id 
_struct_site_gen.auth_seq_id 
_struct_site_gen.label_atom_id 
_struct_site_gen.label_alt_id 
_struct_site_gen.symmetry 
_struct_site_gen.details 
1 AC1 4 CYS C 27 ? CYS A 36 . ? 1_555 ? 
2 AC1 4 CYS C 30 ? CYS A 39 . ? 1_555 ? 
3 AC1 4 HIS C 43 ? HIS A 52 . ? 1_555 ? 
4 AC1 4 HIS C 48 ? HIS A 57 . ? 1_555 ? 
# 
loop_
_pdbx_validate_rmsd_angle.id 
_pdbx_validate_rmsd_angle.PDB_model_num 
_pdbx_validate_rmsd_angle.auth_atom_id_1 
_pdbx_validate_rmsd_angle.auth_asym_id_1 
_pdbx_validate_rmsd_angle.auth_comp_id_1 
_pdbx_validate_rmsd_angle.auth_seq_id_1 
_pdbx_validate_rmsd_angle.PDB_ins_code_1 
_pdbx_validate_rmsd_angle.label_alt_id_1 
_pdbx_validate_rmsd_angle.auth_atom_id_2 
_pdbx_validate_rmsd_angle.auth_asym_id_2 
_pdbx_validate_rmsd_angle.auth_comp_id_2 
_pdbx_validate_rmsd_angle.auth_seq_id_2 
_pdbx_validate_rmsd_angle.PDB_ins_code_2 
_pdbx_validate_rmsd_angle.label_alt_id_2 
_pdbx_validate_rmsd_angle.auth_atom_id_3 
_pdbx_validate_rmsd_angle.auth_asym_id_3 
_pdbx_validate_rmsd_angle.auth_comp_id_3 
_pdbx_validate_rmsd_angle.auth_seq_id_3 
_pdbx_validate_rmsd_angle.PDB_ins_code_3 
_pdbx_validate_rmsd_angle.label_alt_id_3 
_pdbx_validate_rmsd_angle.angle_value 
_pdbx_validate_rmsd_angle.angle_target_value 
_pdbx_validate_rmsd_angle.angle_deviation 
_pdbx_validate_rmsd_angle.angle_standard_deviation 
_pdbx_validate_rmsd_angle.linker_flag 
1  1 "O4'" B DG 101 ? ? "C1'" B DG 101 ? ? N9 B DG 101 ? ? 110.39 108.30 2.09  0.30 N 
2  1 "O4'" B DC 102 ? ? "C1'" B DC 102 ? ? N1 B DC 102 ? ? 110.41 108.30 2.11  0.30 N 
3  1 "O4'" B DC 103 ? ? "C1'" B DC 103 ? ? N1 B DC 103 ? ? 110.58 108.30 2.28  0.30 N 
4  1 "O4'" B DG 104 ? ? "C1'" B DG 104 ? ? N9 B DG 104 ? ? 110.75 108.30 2.45  0.30 N 
5  1 "O4'" B DA 105 ? ? "C1'" B DA 105 ? ? N9 B DA 105 ? ? 111.42 108.30 3.12  0.30 N 
6  1 "O4'" B DG 106 ? ? "C1'" B DG 106 ? ? N9 B DG 106 ? ? 110.64 108.30 2.34  0.30 N 
7  1 "O4'" B DA 107 ? ? "C1'" B DA 107 ? ? N9 B DA 107 ? ? 110.61 108.30 2.31  0.30 N 
8  1 "O4'" B DG 108 ? ? "C1'" B DG 108 ? ? N9 B DG 108 ? ? 111.43 108.30 3.13  0.30 N 
9  1 "O4'" B DT 109 ? ? "C1'" B DT 109 ? ? N1 B DT 109 ? ? 110.37 108.30 2.07  0.30 N 
10 1 "O4'" B DA 110 ? ? "C1'" B DA 110 ? ? N9 B DA 110 ? ? 110.47 108.30 2.17  0.30 N 
11 1 "O4'" B DC 111 ? ? "C1'" B DC 111 ? ? N1 B DC 111 ? ? 110.90 108.30 2.60  0.30 N 
12 1 "O4'" C DG 112 ? ? "C1'" C DG 112 ? ? N9 C DG 112 ? ? 110.83 108.30 2.53  0.30 N 
13 1 "O4'" C DT 113 ? ? "C1'" C DT 113 ? ? N1 C DT 113 ? ? 110.51 108.30 2.21  0.30 N 
14 1 C6    C DT 113 ? ? C5    C DT 113 ? ? C7 C DT 113 ? ? 119.18 122.90 -3.72 0.60 N 
15 1 "O4'" C DA 114 ? ? "C1'" C DA 114 ? ? N9 C DA 114 ? ? 110.90 108.30 2.60  0.30 N 
16 1 "O4'" C DC 115 ? ? "C1'" C DC 115 ? ? N1 C DC 115 ? ? 110.14 108.30 1.84  0.30 N 
17 1 "O4'" C DT 116 ? ? "C1'" C DT 116 ? ? N1 C DT 116 ? ? 110.20 108.30 1.90  0.30 N 
18 1 "O4'" C DC 117 ? ? "C1'" C DC 117 ? ? N1 C DC 117 ? ? 111.42 108.30 3.12  0.30 N 
19 1 "O4'" C DT 118 ? ? "C1'" C DT 118 ? ? N1 C DT 118 ? ? 111.58 108.30 3.28  0.30 N 
20 1 "O4'" C DC 119 ? ? "C1'" C DC 119 ? ? N1 C DC 119 ? ? 110.75 108.30 2.45  0.30 N 
21 1 "O4'" C DG 120 ? ? "C1'" C DG 120 ? ? N9 C DG 120 ? ? 110.98 108.30 2.68  0.30 N 
22 1 "O4'" C DG 121 ? ? "C1'" C DG 121 ? ? N9 C DG 121 ? ? 110.58 108.30 2.28  0.30 N 
23 1 "O4'" C DC 122 ? ? "C1'" C DC 122 ? ? N1 C DC 122 ? ? 110.29 108.30 1.99  0.30 N 
# 
loop_
_pdbx_validate_torsion.id 
_pdbx_validate_torsion.PDB_model_num 
_pdbx_validate_torsion.auth_comp_id 
_pdbx_validate_torsion.auth_asym_id 
_pdbx_validate_torsion.auth_seq_id 
_pdbx_validate_torsion.PDB_ins_code 
_pdbx_validate_torsion.label_alt_id 
_pdbx_validate_torsion.phi 
_pdbx_validate_torsion.psi 
1 1 ALA A 12 ? ? -159.26 76.32  
2 1 LYS A 23 ? ? -104.38 76.45  
3 1 PRO A 33 ? ? -37.70  152.93 
4 1 TYR A 40 ? ? 52.98   17.58  
5 1 HIS A 57 ? ? -152.68 -73.20 
# 
_pdbx_nmr_ensemble.entry_id                             1YUI 
_pdbx_nmr_ensemble.conformers_calculated_total_number   ? 
_pdbx_nmr_ensemble.conformers_submitted_total_number    1 
_pdbx_nmr_ensemble.conformer_selection_criteria         'REGULARIZED MEAN STRUCTURE' 
# 
_pdbx_nmr_exptl_sample_conditions.conditions_id       1 
_pdbx_nmr_exptl_sample_conditions.temperature         303.50 
_pdbx_nmr_exptl_sample_conditions.pressure            ? 
_pdbx_nmr_exptl_sample_conditions.pH                  6.00 
_pdbx_nmr_exptl_sample_conditions.ionic_strength      ? 
_pdbx_nmr_exptl_sample_conditions.pressure_units      . 
_pdbx_nmr_exptl_sample_conditions.temperature_units   K 
# 
_pdbx_nmr_exptl.experiment_id   1 
_pdbx_nmr_exptl.conditions_id   1 
_pdbx_nmr_exptl.type            'TRIPLE RESONANCE' 
_pdbx_nmr_exptl.solution_id     1 
# 
_pdbx_nmr_details.entry_id   1YUI 
_pdbx_nmr_details.text       
;TRIPLE RESONANCE FOR ASSIGNMENT OF PROTEIN 12C- FILTERED NOE, 12C-FILTERED HOHAHA AND 1H-1H NOE FOR DNA. QUANTITATIVE J CORRELATION FOR COUPLING CONSTANTS 3D 15N- SEPARATED, 3D 13C-SEPARATED, 3D 12C-FILTERED 3D 13C- SEPARATED/12C-FILTERED, AND 2D 1H-1H NOE EXPERIMENTS.
;
# 
_pdbx_nmr_refine.entry_id           1YUI 
_pdbx_nmr_refine.method             'simulated annealing' 
_pdbx_nmr_refine.details            
;THE 3D STRUCTURE OF THE GAGA FACTOR/DNA COMPLEX WAS SOLVED          
BY MULTI-DIMENSIONAL HETERONUCLEAR-EDITED AND -FILTERED             
NMR AND IS BASED ON 1475 EXPERIMENTAL NMR RESTRAINTS:               
(A) INTRAPROTEIN: 188 SEQUENTIAL (|I- J|=1), 134 MEDIUM             
RANGE (1 < |I-J| <=5) AND 95 LONG RANGE (|I-J| >5)                  
INTERRESIDUES AND 275 INTRARESIDUE APPROXIMATE INTERPROTON          
DISTANCE RESTRAINTS; 140 TORSION ANGLE RESTRAINTS; 33               
THREE-BOND HN-HA COUPLING CONSTANT RESTRAINTS; AND 94               
(48 CALPHA AND 46 CBETA) 13C SHIFT RESTRAINTS.  (NUMBERS            
OF RESIDUES 10 - 61)                                                
(B) INTRA-DNA: 124 INTRARESIDUE, 112 SEQUENTIAL                     
INTRASTRAND, 21 INTERSTRAND INTERPROTON DISTANCE                    
RESTRAINTS; 102 TORSION ANGLE RESTRAINTS (FOR ALPHA, BETA,          
GAMMA, DELTA, EPSILON AND AND ZETA BACKBONE TORSION                 
ANGLES).                                                            
(C) INTERMOLECULAR: 75 INTERPROTON DISTANCE RESTRAINTS.             
THE EXPERIMENTAL NMR RESTRAINTS ARE SUPPLEMENTED BY                 
HYDROGEN BONDING RESTRAINTS: 24 DISTANCES FOR 12 BACKBONE           
HYDROGEN BONDS WITHIN THE PROTEIN, 58 DISTANCES FOR                 
WATSON-CRICK BASE-PAIRING WITHIN THE DNA, AND 10 AMBIGUOUS          
DISTANCE RESTRAINTS BETWEEN THE PROTEIN AND THE DNA.  THE           
RESTRAINTS HAVE BEEN DEPOSITED.                                     

THE STRUCTURES WERE CALCULATED USING THE SIMULATED
ANNEALING PROTOCOL OF NILGES ET AL. (1988) FEBS LETT. 229,
129-136 USING THE PROGRAM X-PLOR 3.1 (BRUNGER) MODIFIED
TO INCORPORATE COUPLING CONSTANT (GARRETT ET AL. (1984) J.
MAGN. RESON. SERIES B 104, 99-103) AND CARBON CHEMICAL
SHIFT (KUSZEWSKI ET AL. (1995) J. MAGN. RESON. SERIES B
106, 92-96) RESTRAINTS, AND A CONFORMATIONAL DATABASE
POTENTIAL (KUSZEWSKI ET AL.(1996) PROTEIN SCI. 5, 1067-1080

THE RESTRAINED REGULARIZED MEAN STRUCTURE IS PRESENTED IN
THIS ENTRY AND 50 STRUCTURES ARE PRESENTED IN ENTRY 1YUJ.
IN THE RESTRAINED REGULARIZED MEAN COORDINATES THE LAST
COLUMN REPRESENTS THE AVERAGE RMS DIFFERENCE BETWEEN THE
INDIVIDUAL SIMULATED ANNEALING STRUCTURES AND THE MEAN
COORDINATE POSITIONS.  THE LAST COLUMN IN THE INDIVIDUAL SA
STRUCTURES HAS NO MEANING.  BEST FITTING TO GENERATE THE
AVERAGE STRUCTURE IS WITH RESPECT TO RESIDUES 14 - 58 OF
THE PROTEIN AND BASE PAIRS 1 - 11 OF THE DNA (RESIDUES 10 -
13 AND 59 - 61 ARE DISORDERED IN SOLUTION).  RESIDUE 10
CORRESPONDS TO RESIDUE 319 OF THE NATURAL SEQUENCE.  NOTE
THE OCCUPANCY FIELD HAS NO MEANING.
;
_pdbx_nmr_refine.software_ordinal   1 
# 
loop_
_pdbx_nmr_software.classification 
_pdbx_nmr_software.name 
_pdbx_nmr_software.version 
_pdbx_nmr_software.authors 
_pdbx_nmr_software.ordinal 
'structure solution' 'X-PLOR (SEE ABOVE)' ? ? 1 
refinement           'X-PLOR (SEE ABOVE)' ? ? 2 
# 
loop_
_chem_comp_atom.comp_id 
_chem_comp_atom.atom_id 
_chem_comp_atom.type_symbol 
_chem_comp_atom.pdbx_aromatic_flag 
_chem_comp_atom.pdbx_stereo_config 
_chem_comp_atom.pdbx_ordinal 
ALA N      N  N N 1   
ALA CA     C  N S 2   
ALA C      C  N N 3   
ALA O      O  N N 4   
ALA CB     C  N N 5   
ALA OXT    O  N N 6   
ALA H      H  N N 7   
ALA H2     H  N N 8   
ALA HA     H  N N 9   
ALA HB1    H  N N 10  
ALA HB2    H  N N 11  
ALA HB3    H  N N 12  
ALA HXT    H  N N 13  
ARG N      N  N N 14  
ARG CA     C  N S 15  
ARG C      C  N N 16  
ARG O      O  N N 17  
ARG CB     C  N N 18  
ARG CG     C  N N 19  
ARG CD     C  N N 20  
ARG NE     N  N N 21  
ARG CZ     C  N N 22  
ARG NH1    N  N N 23  
ARG NH2    N  N N 24  
ARG OXT    O  N N 25  
ARG H      H  N N 26  
ARG H2     H  N N 27  
ARG HA     H  N N 28  
ARG HB2    H  N N 29  
ARG HB3    H  N N 30  
ARG HG2    H  N N 31  
ARG HG3    H  N N 32  
ARG HD2    H  N N 33  
ARG HD3    H  N N 34  
ARG HE     H  N N 35  
ARG HH11   H  N N 36  
ARG HH12   H  N N 37  
ARG HH21   H  N N 38  
ARG HH22   H  N N 39  
ARG HXT    H  N N 40  
ASN N      N  N N 41  
ASN CA     C  N S 42  
ASN C      C  N N 43  
ASN O      O  N N 44  
ASN CB     C  N N 45  
ASN CG     C  N N 46  
ASN OD1    O  N N 47  
ASN ND2    N  N N 48  
ASN OXT    O  N N 49  
ASN H      H  N N 50  
ASN H2     H  N N 51  
ASN HA     H  N N 52  
ASN HB2    H  N N 53  
ASN HB3    H  N N 54  
ASN HD21   H  N N 55  
ASN HD22   H  N N 56  
ASN HXT    H  N N 57  
CYS N      N  N N 58  
CYS CA     C  N R 59  
CYS C      C  N N 60  
CYS O      O  N N 61  
CYS CB     C  N N 62  
CYS SG     S  N N 63  
CYS OXT    O  N N 64  
CYS H      H  N N 65  
CYS H2     H  N N 66  
CYS HA     H  N N 67  
CYS HB2    H  N N 68  
CYS HB3    H  N N 69  
CYS HG     H  N N 70  
CYS HXT    H  N N 71  
DA  OP3    O  N N 72  
DA  P      P  N N 73  
DA  OP1    O  N N 74  
DA  OP2    O  N N 75  
DA  "O5'"  O  N N 76  
DA  "C5'"  C  N N 77  
DA  "C4'"  C  N R 78  
DA  "O4'"  O  N N 79  
DA  "C3'"  C  N S 80  
DA  "O3'"  O  N N 81  
DA  "C2'"  C  N N 82  
DA  "C1'"  C  N R 83  
DA  N9     N  Y N 84  
DA  C8     C  Y N 85  
DA  N7     N  Y N 86  
DA  C5     C  Y N 87  
DA  C6     C  Y N 88  
DA  N6     N  N N 89  
DA  N1     N  Y N 90  
DA  C2     C  Y N 91  
DA  N3     N  Y N 92  
DA  C4     C  Y N 93  
DA  HOP3   H  N N 94  
DA  HOP2   H  N N 95  
DA  "H5'"  H  N N 96  
DA  "H5''" H  N N 97  
DA  "H4'"  H  N N 98  
DA  "H3'"  H  N N 99  
DA  "HO3'" H  N N 100 
DA  "H2'"  H  N N 101 
DA  "H2''" H  N N 102 
DA  "H1'"  H  N N 103 
DA  H8     H  N N 104 
DA  H61    H  N N 105 
DA  H62    H  N N 106 
DA  H2     H  N N 107 
DC  OP3    O  N N 108 
DC  P      P  N N 109 
DC  OP1    O  N N 110 
DC  OP2    O  N N 111 
DC  "O5'"  O  N N 112 
DC  "C5'"  C  N N 113 
DC  "C4'"  C  N R 114 
DC  "O4'"  O  N N 115 
DC  "C3'"  C  N S 116 
DC  "O3'"  O  N N 117 
DC  "C2'"  C  N N 118 
DC  "C1'"  C  N R 119 
DC  N1     N  N N 120 
DC  C2     C  N N 121 
DC  O2     O  N N 122 
DC  N3     N  N N 123 
DC  C4     C  N N 124 
DC  N4     N  N N 125 
DC  C5     C  N N 126 
DC  C6     C  N N 127 
DC  HOP3   H  N N 128 
DC  HOP2   H  N N 129 
DC  "H5'"  H  N N 130 
DC  "H5''" H  N N 131 
DC  "H4'"  H  N N 132 
DC  "H3'"  H  N N 133 
DC  "HO3'" H  N N 134 
DC  "H2'"  H  N N 135 
DC  "H2''" H  N N 136 
DC  "H1'"  H  N N 137 
DC  H41    H  N N 138 
DC  H42    H  N N 139 
DC  H5     H  N N 140 
DC  H6     H  N N 141 
DG  OP3    O  N N 142 
DG  P      P  N N 143 
DG  OP1    O  N N 144 
DG  OP2    O  N N 145 
DG  "O5'"  O  N N 146 
DG  "C5'"  C  N N 147 
DG  "C4'"  C  N R 148 
DG  "O4'"  O  N N 149 
DG  "C3'"  C  N S 150 
DG  "O3'"  O  N N 151 
DG  "C2'"  C  N N 152 
DG  "C1'"  C  N R 153 
DG  N9     N  Y N 154 
DG  C8     C  Y N 155 
DG  N7     N  Y N 156 
DG  C5     C  Y N 157 
DG  C6     C  N N 158 
DG  O6     O  N N 159 
DG  N1     N  N N 160 
DG  C2     C  N N 161 
DG  N2     N  N N 162 
DG  N3     N  N N 163 
DG  C4     C  Y N 164 
DG  HOP3   H  N N 165 
DG  HOP2   H  N N 166 
DG  "H5'"  H  N N 167 
DG  "H5''" H  N N 168 
DG  "H4'"  H  N N 169 
DG  "H3'"  H  N N 170 
DG  "HO3'" H  N N 171 
DG  "H2'"  H  N N 172 
DG  "H2''" H  N N 173 
DG  "H1'"  H  N N 174 
DG  H8     H  N N 175 
DG  H1     H  N N 176 
DG  H21    H  N N 177 
DG  H22    H  N N 178 
DT  OP3    O  N N 179 
DT  P      P  N N 180 
DT  OP1    O  N N 181 
DT  OP2    O  N N 182 
DT  "O5'"  O  N N 183 
DT  "C5'"  C  N N 184 
DT  "C4'"  C  N R 185 
DT  "O4'"  O  N N 186 
DT  "C3'"  C  N S 187 
DT  "O3'"  O  N N 188 
DT  "C2'"  C  N N 189 
DT  "C1'"  C  N R 190 
DT  N1     N  N N 191 
DT  C2     C  N N 192 
DT  O2     O  N N 193 
DT  N3     N  N N 194 
DT  C4     C  N N 195 
DT  O4     O  N N 196 
DT  C5     C  N N 197 
DT  C7     C  N N 198 
DT  C6     C  N N 199 
DT  HOP3   H  N N 200 
DT  HOP2   H  N N 201 
DT  "H5'"  H  N N 202 
DT  "H5''" H  N N 203 
DT  "H4'"  H  N N 204 
DT  "H3'"  H  N N 205 
DT  "HO3'" H  N N 206 
DT  "H2'"  H  N N 207 
DT  "H2''" H  N N 208 
DT  "H1'"  H  N N 209 
DT  H3     H  N N 210 
DT  H71    H  N N 211 
DT  H72    H  N N 212 
DT  H73    H  N N 213 
DT  H6     H  N N 214 
GLN N      N  N N 215 
GLN CA     C  N S 216 
GLN C      C  N N 217 
GLN O      O  N N 218 
GLN CB     C  N N 219 
GLN CG     C  N N 220 
GLN CD     C  N N 221 
GLN OE1    O  N N 222 
GLN NE2    N  N N 223 
GLN OXT    O  N N 224 
GLN H      H  N N 225 
GLN H2     H  N N 226 
GLN HA     H  N N 227 
GLN HB2    H  N N 228 
GLN HB3    H  N N 229 
GLN HG2    H  N N 230 
GLN HG3    H  N N 231 
GLN HE21   H  N N 232 
GLN HE22   H  N N 233 
GLN HXT    H  N N 234 
GLU N      N  N N 235 
GLU CA     C  N S 236 
GLU C      C  N N 237 
GLU O      O  N N 238 
GLU CB     C  N N 239 
GLU CG     C  N N 240 
GLU CD     C  N N 241 
GLU OE1    O  N N 242 
GLU OE2    O  N N 243 
GLU OXT    O  N N 244 
GLU H      H  N N 245 
GLU H2     H  N N 246 
GLU HA     H  N N 247 
GLU HB2    H  N N 248 
GLU HB3    H  N N 249 
GLU HG2    H  N N 250 
GLU HG3    H  N N 251 
GLU HE2    H  N N 252 
GLU HXT    H  N N 253 
GLY N      N  N N 254 
GLY CA     C  N N 255 
GLY C      C  N N 256 
GLY O      O  N N 257 
GLY OXT    O  N N 258 
GLY H      H  N N 259 
GLY H2     H  N N 260 
GLY HA2    H  N N 261 
GLY HA3    H  N N 262 
GLY HXT    H  N N 263 
HIS N      N  N N 264 
HIS CA     C  N S 265 
HIS C      C  N N 266 
HIS O      O  N N 267 
HIS CB     C  N N 268 
HIS CG     C  Y N 269 
HIS ND1    N  Y N 270 
HIS CD2    C  Y N 271 
HIS CE1    C  Y N 272 
HIS NE2    N  Y N 273 
HIS OXT    O  N N 274 
HIS H      H  N N 275 
HIS H2     H  N N 276 
HIS HA     H  N N 277 
HIS HB2    H  N N 278 
HIS HB3    H  N N 279 
HIS HD1    H  N N 280 
HIS HD2    H  N N 281 
HIS HE1    H  N N 282 
HIS HE2    H  N N 283 
HIS HXT    H  N N 284 
ILE N      N  N N 285 
ILE CA     C  N S 286 
ILE C      C  N N 287 
ILE O      O  N N 288 
ILE CB     C  N S 289 
ILE CG1    C  N N 290 
ILE CG2    C  N N 291 
ILE CD1    C  N N 292 
ILE OXT    O  N N 293 
ILE H      H  N N 294 
ILE H2     H  N N 295 
ILE HA     H  N N 296 
ILE HB     H  N N 297 
ILE HG12   H  N N 298 
ILE HG13   H  N N 299 
ILE HG21   H  N N 300 
ILE HG22   H  N N 301 
ILE HG23   H  N N 302 
ILE HD11   H  N N 303 
ILE HD12   H  N N 304 
ILE HD13   H  N N 305 
ILE HXT    H  N N 306 
LEU N      N  N N 307 
LEU CA     C  N S 308 
LEU C      C  N N 309 
LEU O      O  N N 310 
LEU CB     C  N N 311 
LEU CG     C  N N 312 
LEU CD1    C  N N 313 
LEU CD2    C  N N 314 
LEU OXT    O  N N 315 
LEU H      H  N N 316 
LEU H2     H  N N 317 
LEU HA     H  N N 318 
LEU HB2    H  N N 319 
LEU HB3    H  N N 320 
LEU HG     H  N N 321 
LEU HD11   H  N N 322 
LEU HD12   H  N N 323 
LEU HD13   H  N N 324 
LEU HD21   H  N N 325 
LEU HD22   H  N N 326 
LEU HD23   H  N N 327 
LEU HXT    H  N N 328 
LYS N      N  N N 329 
LYS CA     C  N S 330 
LYS C      C  N N 331 
LYS O      O  N N 332 
LYS CB     C  N N 333 
LYS CG     C  N N 334 
LYS CD     C  N N 335 
LYS CE     C  N N 336 
LYS NZ     N  N N 337 
LYS OXT    O  N N 338 
LYS H      H  N N 339 
LYS H2     H  N N 340 
LYS HA     H  N N 341 
LYS HB2    H  N N 342 
LYS HB3    H  N N 343 
LYS HG2    H  N N 344 
LYS HG3    H  N N 345 
LYS HD2    H  N N 346 
LYS HD3    H  N N 347 
LYS HE2    H  N N 348 
LYS HE3    H  N N 349 
LYS HZ1    H  N N 350 
LYS HZ2    H  N N 351 
LYS HZ3    H  N N 352 
LYS HXT    H  N N 353 
PHE N      N  N N 354 
PHE CA     C  N S 355 
PHE C      C  N N 356 
PHE O      O  N N 357 
PHE CB     C  N N 358 
PHE CG     C  Y N 359 
PHE CD1    C  Y N 360 
PHE CD2    C  Y N 361 
PHE CE1    C  Y N 362 
PHE CE2    C  Y N 363 
PHE CZ     C  Y N 364 
PHE OXT    O  N N 365 
PHE H      H  N N 366 
PHE H2     H  N N 367 
PHE HA     H  N N 368 
PHE HB2    H  N N 369 
PHE HB3    H  N N 370 
PHE HD1    H  N N 371 
PHE HD2    H  N N 372 
PHE HE1    H  N N 373 
PHE HE2    H  N N 374 
PHE HZ     H  N N 375 
PHE HXT    H  N N 376 
PRO N      N  N N 377 
PRO CA     C  N S 378 
PRO C      C  N N 379 
PRO O      O  N N 380 
PRO CB     C  N N 381 
PRO CG     C  N N 382 
PRO CD     C  N N 383 
PRO OXT    O  N N 384 
PRO H      H  N N 385 
PRO HA     H  N N 386 
PRO HB2    H  N N 387 
PRO HB3    H  N N 388 
PRO HG2    H  N N 389 
PRO HG3    H  N N 390 
PRO HD2    H  N N 391 
PRO HD3    H  N N 392 
PRO HXT    H  N N 393 
SER N      N  N N 394 
SER CA     C  N S 395 
SER C      C  N N 396 
SER O      O  N N 397 
SER CB     C  N N 398 
SER OG     O  N N 399 
SER OXT    O  N N 400 
SER H      H  N N 401 
SER H2     H  N N 402 
SER HA     H  N N 403 
SER HB2    H  N N 404 
SER HB3    H  N N 405 
SER HG     H  N N 406 
SER HXT    H  N N 407 
THR N      N  N N 408 
THR CA     C  N S 409 
THR C      C  N N 410 
THR O      O  N N 411 
THR CB     C  N R 412 
THR OG1    O  N N 413 
THR CG2    C  N N 414 
THR OXT    O  N N 415 
THR H      H  N N 416 
THR H2     H  N N 417 
THR HA     H  N N 418 
THR HB     H  N N 419 
THR HG1    H  N N 420 
THR HG21   H  N N 421 
THR HG22   H  N N 422 
THR HG23   H  N N 423 
THR HXT    H  N N 424 
TYR N      N  N N 425 
TYR CA     C  N S 426 
TYR C      C  N N 427 
TYR O      O  N N 428 
TYR CB     C  N N 429 
TYR CG     C  Y N 430 
TYR CD1    C  Y N 431 
TYR CD2    C  Y N 432 
TYR CE1    C  Y N 433 
TYR CE2    C  Y N 434 
TYR CZ     C  Y N 435 
TYR OH     O  N N 436 
TYR OXT    O  N N 437 
TYR H      H  N N 438 
TYR H2     H  N N 439 
TYR HA     H  N N 440 
TYR HB2    H  N N 441 
TYR HB3    H  N N 442 
TYR HD1    H  N N 443 
TYR HD2    H  N N 444 
TYR HE1    H  N N 445 
TYR HE2    H  N N 446 
TYR HH     H  N N 447 
TYR HXT    H  N N 448 
VAL N      N  N N 449 
VAL CA     C  N S 450 
VAL C      C  N N 451 
VAL O      O  N N 452 
VAL CB     C  N N 453 
VAL CG1    C  N N 454 
VAL CG2    C  N N 455 
VAL OXT    O  N N 456 
VAL H      H  N N 457 
VAL H2     H  N N 458 
VAL HA     H  N N 459 
VAL HB     H  N N 460 
VAL HG11   H  N N 461 
VAL HG12   H  N N 462 
VAL HG13   H  N N 463 
VAL HG21   H  N N 464 
VAL HG22   H  N N 465 
VAL HG23   H  N N 466 
VAL HXT    H  N N 467 
ZN  ZN     ZN N N 468 
# 
loop_
_chem_comp_bond.comp_id 
_chem_comp_bond.atom_id_1 
_chem_comp_bond.atom_id_2 
_chem_comp_bond.value_order 
_chem_comp_bond.pdbx_aromatic_flag 
_chem_comp_bond.pdbx_stereo_config 
_chem_comp_bond.pdbx_ordinal 
ALA N     CA     sing N N 1   
ALA N     H      sing N N 2   
ALA N     H2     sing N N 3   
ALA CA    C      sing N N 4   
ALA CA    CB     sing N N 5   
ALA CA    HA     sing N N 6   
ALA C     O      doub N N 7   
ALA C     OXT    sing N N 8   
ALA CB    HB1    sing N N 9   
ALA CB    HB2    sing N N 10  
ALA CB    HB3    sing N N 11  
ALA OXT   HXT    sing N N 12  
ARG N     CA     sing N N 13  
ARG N     H      sing N N 14  
ARG N     H2     sing N N 15  
ARG CA    C      sing N N 16  
ARG CA    CB     sing N N 17  
ARG CA    HA     sing N N 18  
ARG C     O      doub N N 19  
ARG C     OXT    sing N N 20  
ARG CB    CG     sing N N 21  
ARG CB    HB2    sing N N 22  
ARG CB    HB3    sing N N 23  
ARG CG    CD     sing N N 24  
ARG CG    HG2    sing N N 25  
ARG CG    HG3    sing N N 26  
ARG CD    NE     sing N N 27  
ARG CD    HD2    sing N N 28  
ARG CD    HD3    sing N N 29  
ARG NE    CZ     sing N N 30  
ARG NE    HE     sing N N 31  
ARG CZ    NH1    sing N N 32  
ARG CZ    NH2    doub N N 33  
ARG NH1   HH11   sing N N 34  
ARG NH1   HH12   sing N N 35  
ARG NH2   HH21   sing N N 36  
ARG NH2   HH22   sing N N 37  
ARG OXT   HXT    sing N N 38  
ASN N     CA     sing N N 39  
ASN N     H      sing N N 40  
ASN N     H2     sing N N 41  
ASN CA    C      sing N N 42  
ASN CA    CB     sing N N 43  
ASN CA    HA     sing N N 44  
ASN C     O      doub N N 45  
ASN C     OXT    sing N N 46  
ASN CB    CG     sing N N 47  
ASN CB    HB2    sing N N 48  
ASN CB    HB3    sing N N 49  
ASN CG    OD1    doub N N 50  
ASN CG    ND2    sing N N 51  
ASN ND2   HD21   sing N N 52  
ASN ND2   HD22   sing N N 53  
ASN OXT   HXT    sing N N 54  
CYS N     CA     sing N N 55  
CYS N     H      sing N N 56  
CYS N     H2     sing N N 57  
CYS CA    C      sing N N 58  
CYS CA    CB     sing N N 59  
CYS CA    HA     sing N N 60  
CYS C     O      doub N N 61  
CYS C     OXT    sing N N 62  
CYS CB    SG     sing N N 63  
CYS CB    HB2    sing N N 64  
CYS CB    HB3    sing N N 65  
CYS SG    HG     sing N N 66  
CYS OXT   HXT    sing N N 67  
DA  OP3   P      sing N N 68  
DA  OP3   HOP3   sing N N 69  
DA  P     OP1    doub N N 70  
DA  P     OP2    sing N N 71  
DA  P     "O5'"  sing N N 72  
DA  OP2   HOP2   sing N N 73  
DA  "O5'" "C5'"  sing N N 74  
DA  "C5'" "C4'"  sing N N 75  
DA  "C5'" "H5'"  sing N N 76  
DA  "C5'" "H5''" sing N N 77  
DA  "C4'" "O4'"  sing N N 78  
DA  "C4'" "C3'"  sing N N 79  
DA  "C4'" "H4'"  sing N N 80  
DA  "O4'" "C1'"  sing N N 81  
DA  "C3'" "O3'"  sing N N 82  
DA  "C3'" "C2'"  sing N N 83  
DA  "C3'" "H3'"  sing N N 84  
DA  "O3'" "HO3'" sing N N 85  
DA  "C2'" "C1'"  sing N N 86  
DA  "C2'" "H2'"  sing N N 87  
DA  "C2'" "H2''" sing N N 88  
DA  "C1'" N9     sing N N 89  
DA  "C1'" "H1'"  sing N N 90  
DA  N9    C8     sing Y N 91  
DA  N9    C4     sing Y N 92  
DA  C8    N7     doub Y N 93  
DA  C8    H8     sing N N 94  
DA  N7    C5     sing Y N 95  
DA  C5    C6     sing Y N 96  
DA  C5    C4     doub Y N 97  
DA  C6    N6     sing N N 98  
DA  C6    N1     doub Y N 99  
DA  N6    H61    sing N N 100 
DA  N6    H62    sing N N 101 
DA  N1    C2     sing Y N 102 
DA  C2    N3     doub Y N 103 
DA  C2    H2     sing N N 104 
DA  N3    C4     sing Y N 105 
DC  OP3   P      sing N N 106 
DC  OP3   HOP3   sing N N 107 
DC  P     OP1    doub N N 108 
DC  P     OP2    sing N N 109 
DC  P     "O5'"  sing N N 110 
DC  OP2   HOP2   sing N N 111 
DC  "O5'" "C5'"  sing N N 112 
DC  "C5'" "C4'"  sing N N 113 
DC  "C5'" "H5'"  sing N N 114 
DC  "C5'" "H5''" sing N N 115 
DC  "C4'" "O4'"  sing N N 116 
DC  "C4'" "C3'"  sing N N 117 
DC  "C4'" "H4'"  sing N N 118 
DC  "O4'" "C1'"  sing N N 119 
DC  "C3'" "O3'"  sing N N 120 
DC  "C3'" "C2'"  sing N N 121 
DC  "C3'" "H3'"  sing N N 122 
DC  "O3'" "HO3'" sing N N 123 
DC  "C2'" "C1'"  sing N N 124 
DC  "C2'" "H2'"  sing N N 125 
DC  "C2'" "H2''" sing N N 126 
DC  "C1'" N1     sing N N 127 
DC  "C1'" "H1'"  sing N N 128 
DC  N1    C2     sing N N 129 
DC  N1    C6     sing N N 130 
DC  C2    O2     doub N N 131 
DC  C2    N3     sing N N 132 
DC  N3    C4     doub N N 133 
DC  C4    N4     sing N N 134 
DC  C4    C5     sing N N 135 
DC  N4    H41    sing N N 136 
DC  N4    H42    sing N N 137 
DC  C5    C6     doub N N 138 
DC  C5    H5     sing N N 139 
DC  C6    H6     sing N N 140 
DG  OP3   P      sing N N 141 
DG  OP3   HOP3   sing N N 142 
DG  P     OP1    doub N N 143 
DG  P     OP2    sing N N 144 
DG  P     "O5'"  sing N N 145 
DG  OP2   HOP2   sing N N 146 
DG  "O5'" "C5'"  sing N N 147 
DG  "C5'" "C4'"  sing N N 148 
DG  "C5'" "H5'"  sing N N 149 
DG  "C5'" "H5''" sing N N 150 
DG  "C4'" "O4'"  sing N N 151 
DG  "C4'" "C3'"  sing N N 152 
DG  "C4'" "H4'"  sing N N 153 
DG  "O4'" "C1'"  sing N N 154 
DG  "C3'" "O3'"  sing N N 155 
DG  "C3'" "C2'"  sing N N 156 
DG  "C3'" "H3'"  sing N N 157 
DG  "O3'" "HO3'" sing N N 158 
DG  "C2'" "C1'"  sing N N 159 
DG  "C2'" "H2'"  sing N N 160 
DG  "C2'" "H2''" sing N N 161 
DG  "C1'" N9     sing N N 162 
DG  "C1'" "H1'"  sing N N 163 
DG  N9    C8     sing Y N 164 
DG  N9    C4     sing Y N 165 
DG  C8    N7     doub Y N 166 
DG  C8    H8     sing N N 167 
DG  N7    C5     sing Y N 168 
DG  C5    C6     sing N N 169 
DG  C5    C4     doub Y N 170 
DG  C6    O6     doub N N 171 
DG  C6    N1     sing N N 172 
DG  N1    C2     sing N N 173 
DG  N1    H1     sing N N 174 
DG  C2    N2     sing N N 175 
DG  C2    N3     doub N N 176 
DG  N2    H21    sing N N 177 
DG  N2    H22    sing N N 178 
DG  N3    C4     sing N N 179 
DT  OP3   P      sing N N 180 
DT  OP3   HOP3   sing N N 181 
DT  P     OP1    doub N N 182 
DT  P     OP2    sing N N 183 
DT  P     "O5'"  sing N N 184 
DT  OP2   HOP2   sing N N 185 
DT  "O5'" "C5'"  sing N N 186 
DT  "C5'" "C4'"  sing N N 187 
DT  "C5'" "H5'"  sing N N 188 
DT  "C5'" "H5''" sing N N 189 
DT  "C4'" "O4'"  sing N N 190 
DT  "C4'" "C3'"  sing N N 191 
DT  "C4'" "H4'"  sing N N 192 
DT  "O4'" "C1'"  sing N N 193 
DT  "C3'" "O3'"  sing N N 194 
DT  "C3'" "C2'"  sing N N 195 
DT  "C3'" "H3'"  sing N N 196 
DT  "O3'" "HO3'" sing N N 197 
DT  "C2'" "C1'"  sing N N 198 
DT  "C2'" "H2'"  sing N N 199 
DT  "C2'" "H2''" sing N N 200 
DT  "C1'" N1     sing N N 201 
DT  "C1'" "H1'"  sing N N 202 
DT  N1    C2     sing N N 203 
DT  N1    C6     sing N N 204 
DT  C2    O2     doub N N 205 
DT  C2    N3     sing N N 206 
DT  N3    C4     sing N N 207 
DT  N3    H3     sing N N 208 
DT  C4    O4     doub N N 209 
DT  C4    C5     sing N N 210 
DT  C5    C7     sing N N 211 
DT  C5    C6     doub N N 212 
DT  C7    H71    sing N N 213 
DT  C7    H72    sing N N 214 
DT  C7    H73    sing N N 215 
DT  C6    H6     sing N N 216 
GLN N     CA     sing N N 217 
GLN N     H      sing N N 218 
GLN N     H2     sing N N 219 
GLN CA    C      sing N N 220 
GLN CA    CB     sing N N 221 
GLN CA    HA     sing N N 222 
GLN C     O      doub N N 223 
GLN C     OXT    sing N N 224 
GLN CB    CG     sing N N 225 
GLN CB    HB2    sing N N 226 
GLN CB    HB3    sing N N 227 
GLN CG    CD     sing N N 228 
GLN CG    HG2    sing N N 229 
GLN CG    HG3    sing N N 230 
GLN CD    OE1    doub N N 231 
GLN CD    NE2    sing N N 232 
GLN NE2   HE21   sing N N 233 
GLN NE2   HE22   sing N N 234 
GLN OXT   HXT    sing N N 235 
GLU N     CA     sing N N 236 
GLU N     H      sing N N 237 
GLU N     H2     sing N N 238 
GLU CA    C      sing N N 239 
GLU CA    CB     sing N N 240 
GLU CA    HA     sing N N 241 
GLU C     O      doub N N 242 
GLU C     OXT    sing N N 243 
GLU CB    CG     sing N N 244 
GLU CB    HB2    sing N N 245 
GLU CB    HB3    sing N N 246 
GLU CG    CD     sing N N 247 
GLU CG    HG2    sing N N 248 
GLU CG    HG3    sing N N 249 
GLU CD    OE1    doub N N 250 
GLU CD    OE2    sing N N 251 
GLU OE2   HE2    sing N N 252 
GLU OXT   HXT    sing N N 253 
GLY N     CA     sing N N 254 
GLY N     H      sing N N 255 
GLY N     H2     sing N N 256 
GLY CA    C      sing N N 257 
GLY CA    HA2    sing N N 258 
GLY CA    HA3    sing N N 259 
GLY C     O      doub N N 260 
GLY C     OXT    sing N N 261 
GLY OXT   HXT    sing N N 262 
HIS N     CA     sing N N 263 
HIS N     H      sing N N 264 
HIS N     H2     sing N N 265 
HIS CA    C      sing N N 266 
HIS CA    CB     sing N N 267 
HIS CA    HA     sing N N 268 
HIS C     O      doub N N 269 
HIS C     OXT    sing N N 270 
HIS CB    CG     sing N N 271 
HIS CB    HB2    sing N N 272 
HIS CB    HB3    sing N N 273 
HIS CG    ND1    sing Y N 274 
HIS CG    CD2    doub Y N 275 
HIS ND1   CE1    doub Y N 276 
HIS ND1   HD1    sing N N 277 
HIS CD2   NE2    sing Y N 278 
HIS CD2   HD2    sing N N 279 
HIS CE1   NE2    sing Y N 280 
HIS CE1   HE1    sing N N 281 
HIS NE2   HE2    sing N N 282 
HIS OXT   HXT    sing N N 283 
ILE N     CA     sing N N 284 
ILE N     H      sing N N 285 
ILE N     H2     sing N N 286 
ILE CA    C      sing N N 287 
ILE CA    CB     sing N N 288 
ILE CA    HA     sing N N 289 
ILE C     O      doub N N 290 
ILE C     OXT    sing N N 291 
ILE CB    CG1    sing N N 292 
ILE CB    CG2    sing N N 293 
ILE CB    HB     sing N N 294 
ILE CG1   CD1    sing N N 295 
ILE CG1   HG12   sing N N 296 
ILE CG1   HG13   sing N N 297 
ILE CG2   HG21   sing N N 298 
ILE CG2   HG22   sing N N 299 
ILE CG2   HG23   sing N N 300 
ILE CD1   HD11   sing N N 301 
ILE CD1   HD12   sing N N 302 
ILE CD1   HD13   sing N N 303 
ILE OXT   HXT    sing N N 304 
LEU N     CA     sing N N 305 
LEU N     H      sing N N 306 
LEU N     H2     sing N N 307 
LEU CA    C      sing N N 308 
LEU CA    CB     sing N N 309 
LEU CA    HA     sing N N 310 
LEU C     O      doub N N 311 
LEU C     OXT    sing N N 312 
LEU CB    CG     sing N N 313 
LEU CB    HB2    sing N N 314 
LEU CB    HB3    sing N N 315 
LEU CG    CD1    sing N N 316 
LEU CG    CD2    sing N N 317 
LEU CG    HG     sing N N 318 
LEU CD1   HD11   sing N N 319 
LEU CD1   HD12   sing N N 320 
LEU CD1   HD13   sing N N 321 
LEU CD2   HD21   sing N N 322 
LEU CD2   HD22   sing N N 323 
LEU CD2   HD23   sing N N 324 
LEU OXT   HXT    sing N N 325 
LYS N     CA     sing N N 326 
LYS N     H      sing N N 327 
LYS N     H2     sing N N 328 
LYS CA    C      sing N N 329 
LYS CA    CB     sing N N 330 
LYS CA    HA     sing N N 331 
LYS C     O      doub N N 332 
LYS C     OXT    sing N N 333 
LYS CB    CG     sing N N 334 
LYS CB    HB2    sing N N 335 
LYS CB    HB3    sing N N 336 
LYS CG    CD     sing N N 337 
LYS CG    HG2    sing N N 338 
LYS CG    HG3    sing N N 339 
LYS CD    CE     sing N N 340 
LYS CD    HD2    sing N N 341 
LYS CD    HD3    sing N N 342 
LYS CE    NZ     sing N N 343 
LYS CE    HE2    sing N N 344 
LYS CE    HE3    sing N N 345 
LYS NZ    HZ1    sing N N 346 
LYS NZ    HZ2    sing N N 347 
LYS NZ    HZ3    sing N N 348 
LYS OXT   HXT    sing N N 349 
PHE N     CA     sing N N 350 
PHE N     H      sing N N 351 
PHE N     H2     sing N N 352 
PHE CA    C      sing N N 353 
PHE CA    CB     sing N N 354 
PHE CA    HA     sing N N 355 
PHE C     O      doub N N 356 
PHE C     OXT    sing N N 357 
PHE CB    CG     sing N N 358 
PHE CB    HB2    sing N N 359 
PHE CB    HB3    sing N N 360 
PHE CG    CD1    doub Y N 361 
PHE CG    CD2    sing Y N 362 
PHE CD1   CE1    sing Y N 363 
PHE CD1   HD1    sing N N 364 
PHE CD2   CE2    doub Y N 365 
PHE CD2   HD2    sing N N 366 
PHE CE1   CZ     doub Y N 367 
PHE CE1   HE1    sing N N 368 
PHE CE2   CZ     sing Y N 369 
PHE CE2   HE2    sing N N 370 
PHE CZ    HZ     sing N N 371 
PHE OXT   HXT    sing N N 372 
PRO N     CA     sing N N 373 
PRO N     CD     sing N N 374 
PRO N     H      sing N N 375 
PRO CA    C      sing N N 376 
PRO CA    CB     sing N N 377 
PRO CA    HA     sing N N 378 
PRO C     O      doub N N 379 
PRO C     OXT    sing N N 380 
PRO CB    CG     sing N N 381 
PRO CB    HB2    sing N N 382 
PRO CB    HB3    sing N N 383 
PRO CG    CD     sing N N 384 
PRO CG    HG2    sing N N 385 
PRO CG    HG3    sing N N 386 
PRO CD    HD2    sing N N 387 
PRO CD    HD3    sing N N 388 
PRO OXT   HXT    sing N N 389 
SER N     CA     sing N N 390 
SER N     H      sing N N 391 
SER N     H2     sing N N 392 
SER CA    C      sing N N 393 
SER CA    CB     sing N N 394 
SER CA    HA     sing N N 395 
SER C     O      doub N N 396 
SER C     OXT    sing N N 397 
SER CB    OG     sing N N 398 
SER CB    HB2    sing N N 399 
SER CB    HB3    sing N N 400 
SER OG    HG     sing N N 401 
SER OXT   HXT    sing N N 402 
THR N     CA     sing N N 403 
THR N     H      sing N N 404 
THR N     H2     sing N N 405 
THR CA    C      sing N N 406 
THR CA    CB     sing N N 407 
THR CA    HA     sing N N 408 
THR C     O      doub N N 409 
THR C     OXT    sing N N 410 
THR CB    OG1    sing N N 411 
THR CB    CG2    sing N N 412 
THR CB    HB     sing N N 413 
THR OG1   HG1    sing N N 414 
THR CG2   HG21   sing N N 415 
THR CG2   HG22   sing N N 416 
THR CG2   HG23   sing N N 417 
THR OXT   HXT    sing N N 418 
TYR N     CA     sing N N 419 
TYR N     H      sing N N 420 
TYR N     H2     sing N N 421 
TYR CA    C      sing N N 422 
TYR CA    CB     sing N N 423 
TYR CA    HA     sing N N 424 
TYR C     O      doub N N 425 
TYR C     OXT    sing N N 426 
TYR CB    CG     sing N N 427 
TYR CB    HB2    sing N N 428 
TYR CB    HB3    sing N N 429 
TYR CG    CD1    doub Y N 430 
TYR CG    CD2    sing Y N 431 
TYR CD1   CE1    sing Y N 432 
TYR CD1   HD1    sing N N 433 
TYR CD2   CE2    doub Y N 434 
TYR CD2   HD2    sing N N 435 
TYR CE1   CZ     doub Y N 436 
TYR CE1   HE1    sing N N 437 
TYR CE2   CZ     sing Y N 438 
TYR CE2   HE2    sing N N 439 
TYR CZ    OH     sing N N 440 
TYR OH    HH     sing N N 441 
TYR OXT   HXT    sing N N 442 
VAL N     CA     sing N N 443 
VAL N     H      sing N N 444 
VAL N     H2     sing N N 445 
VAL CA    C      sing N N 446 
VAL CA    CB     sing N N 447 
VAL CA    HA     sing N N 448 
VAL C     O      doub N N 449 
VAL C     OXT    sing N N 450 
VAL CB    CG1    sing N N 451 
VAL CB    CG2    sing N N 452 
VAL CB    HB     sing N N 453 
VAL CG1   HG11   sing N N 454 
VAL CG1   HG12   sing N N 455 
VAL CG1   HG13   sing N N 456 
VAL CG2   HG21   sing N N 457 
VAL CG2   HG22   sing N N 458 
VAL CG2   HG23   sing N N 459 
VAL OXT   HXT    sing N N 460 
# 
loop_
_ndb_struct_conf_na.entry_id 
_ndb_struct_conf_na.feature 
1YUI 'double helix'        
1YUI 'b-form double helix' 
# 
loop_
_ndb_struct_na_base_pair.model_number 
_ndb_struct_na_base_pair.i_label_asym_id 
_ndb_struct_na_base_pair.i_label_comp_id 
_ndb_struct_na_base_pair.i_label_seq_id 
_ndb_struct_na_base_pair.i_symmetry 
_ndb_struct_na_base_pair.j_label_asym_id 
_ndb_struct_na_base_pair.j_label_comp_id 
_ndb_struct_na_base_pair.j_label_seq_id 
_ndb_struct_na_base_pair.j_symmetry 
_ndb_struct_na_base_pair.shear 
_ndb_struct_na_base_pair.stretch 
_ndb_struct_na_base_pair.stagger 
_ndb_struct_na_base_pair.buckle 
_ndb_struct_na_base_pair.propeller 
_ndb_struct_na_base_pair.opening 
_ndb_struct_na_base_pair.pair_number 
_ndb_struct_na_base_pair.pair_name 
_ndb_struct_na_base_pair.i_auth_asym_id 
_ndb_struct_na_base_pair.i_auth_seq_id 
_ndb_struct_na_base_pair.i_PDB_ins_code 
_ndb_struct_na_base_pair.j_auth_asym_id 
_ndb_struct_na_base_pair.j_auth_seq_id 
_ndb_struct_na_base_pair.j_PDB_ins_code 
_ndb_struct_na_base_pair.hbond_type_28 
_ndb_struct_na_base_pair.hbond_type_12 
1 A DG 1  1_555 B DC 11 1_555 -0.253 -0.087 0.008  0.251   -0.002  -1.538 1  B_DG101:DC122_C B 101 ? C 122 ? 19 1 
1 A DC 2  1_555 B DG 10 1_555 0.566  -0.254 -0.005 3.258   -3.367  -4.259 2  B_DC102:DG121_C B 102 ? C 121 ? 19 1 
1 A DC 3  1_555 B DG 9  1_555 -0.067 -0.015 -0.021 14.535  -13.276 3.061  3  B_DC103:DG120_C B 103 ? C 120 ? 19 1 
1 A DG 4  1_555 B DC 8  1_555 -0.053 -0.155 -0.730 1.234   -4.368  3.799  4  B_DG104:DC119_C B 104 ? C 119 ? 19 1 
1 A DA 5  1_555 B DT 7  1_555 0.264  -0.111 -0.534 15.663  -8.308  5.158  5  B_DA105:DT118_C B 105 ? C 118 ? 20 1 
1 A DG 6  1_555 B DC 6  1_555 -0.538 -0.146 0.276  11.249  -13.391 5.474  6  B_DG106:DC117_C B 106 ? C 117 ? 19 1 
1 A DA 7  1_555 B DT 5  1_555 -0.145 -0.084 -0.218 11.801  -16.773 7.032  7  B_DA107:DT116_C B 107 ? C 116 ? 20 1 
1 A DG 8  1_555 B DC 4  1_555 -0.065 -0.380 -1.356 -16.312 -15.461 0.475  8  B_DG108:DC115_C B 108 ? C 115 ? 19 1 
1 A DT 9  1_555 B DA 3  1_555 -0.525 0.029  -0.029 -10.863 -5.357  -1.873 9  B_DT109:DA114_C B 109 ? C 114 ? 20 1 
1 A DA 10 1_555 B DT 2  1_555 0.176  -0.038 0.270  7.332   -5.411  -2.150 10 B_DA110:DT113_C B 110 ? C 113 ? 20 1 
1 A DC 11 1_555 B DG 1  1_555 -0.174 -0.028 -0.055 0.297   0.906   2.143  11 B_DC111:DG112_C B 111 ? C 112 ? 19 1 
# 
loop_
_ndb_struct_na_base_pair_step.model_number 
_ndb_struct_na_base_pair_step.i_label_asym_id_1 
_ndb_struct_na_base_pair_step.i_label_comp_id_1 
_ndb_struct_na_base_pair_step.i_label_seq_id_1 
_ndb_struct_na_base_pair_step.i_symmetry_1 
_ndb_struct_na_base_pair_step.j_label_asym_id_1 
_ndb_struct_na_base_pair_step.j_label_comp_id_1 
_ndb_struct_na_base_pair_step.j_label_seq_id_1 
_ndb_struct_na_base_pair_step.j_symmetry_1 
_ndb_struct_na_base_pair_step.i_label_asym_id_2 
_ndb_struct_na_base_pair_step.i_label_comp_id_2 
_ndb_struct_na_base_pair_step.i_label_seq_id_2 
_ndb_struct_na_base_pair_step.i_symmetry_2 
_ndb_struct_na_base_pair_step.j_label_asym_id_2 
_ndb_struct_na_base_pair_step.j_label_comp_id_2 
_ndb_struct_na_base_pair_step.j_label_seq_id_2 
_ndb_struct_na_base_pair_step.j_symmetry_2 
_ndb_struct_na_base_pair_step.shift 
_ndb_struct_na_base_pair_step.slide 
_ndb_struct_na_base_pair_step.rise 
_ndb_struct_na_base_pair_step.tilt 
_ndb_struct_na_base_pair_step.roll 
_ndb_struct_na_base_pair_step.twist 
_ndb_struct_na_base_pair_step.x_displacement 
_ndb_struct_na_base_pair_step.y_displacement 
_ndb_struct_na_base_pair_step.helical_rise 
_ndb_struct_na_base_pair_step.inclination 
_ndb_struct_na_base_pair_step.tip 
_ndb_struct_na_base_pair_step.helical_twist 
_ndb_struct_na_base_pair_step.step_number 
_ndb_struct_na_base_pair_step.step_name 
_ndb_struct_na_base_pair_step.i_auth_asym_id_1 
_ndb_struct_na_base_pair_step.i_auth_seq_id_1 
_ndb_struct_na_base_pair_step.i_PDB_ins_code_1 
_ndb_struct_na_base_pair_step.j_auth_asym_id_1 
_ndb_struct_na_base_pair_step.j_auth_seq_id_1 
_ndb_struct_na_base_pair_step.j_PDB_ins_code_1 
_ndb_struct_na_base_pair_step.i_auth_asym_id_2 
_ndb_struct_na_base_pair_step.i_auth_seq_id_2 
_ndb_struct_na_base_pair_step.i_PDB_ins_code_2 
_ndb_struct_na_base_pair_step.j_auth_asym_id_2 
_ndb_struct_na_base_pair_step.j_auth_seq_id_2 
_ndb_struct_na_base_pair_step.j_PDB_ins_code_2 
1 A DG 1  1_555 B DC 11 1_555 A DC 2  1_555 B DG 10 1_555 -0.049 0.861  4.204 0.468  -8.634 36.288 2.785  0.155  3.904 -13.625 
-0.739 37.270 1  BB_DG101DC102:DG121DC122_CC B 101 ? C 122 ? B 102 ? C 121 ? 
1 A DC 2  1_555 B DG 10 1_555 A DC 3  1_555 B DG 9  1_555 0.701  -0.226 3.170 2.616  -6.321 32.504 0.648  -0.795 3.201 -11.139 
-4.611 33.197 2  BB_DC102DC103:DG120DG121_CC B 102 ? C 121 ? B 103 ? C 120 ? 
1 A DC 3  1_555 B DG 9  1_555 A DG 4  1_555 B DC 8  1_555 -0.136 0.342  4.237 1.638  8.707  35.479 -1.027 0.513  4.192 14.019  
-2.637 36.534 3  BB_DC103DG104:DC119DG120_CC B 103 ? C 120 ? B 104 ? C 119 ? 
1 A DG 4  1_555 B DC 8  1_555 A DA 5  1_555 B DT 7  1_555 0.148  0.194  3.058 -1.351 0.759  31.502 0.225  -0.508 3.053 1.398   
2.487  31.539 4  BB_DG104DA105:DT118DC119_CC B 104 ? C 119 ? B 105 ? C 118 ? 
1 A DA 5  1_555 B DT 7  1_555 A DG 6  1_555 B DC 6  1_555 -0.831 -0.254 3.999 -5.131 -0.418 36.058 -0.334 0.446  4.077 -0.671  
8.237  36.412 5  BB_DA105DG106:DC117DT118_CC B 105 ? C 118 ? B 106 ? C 117 ? 
1 A DG 6  1_555 B DC 6  1_555 A DA 7  1_555 B DT 5  1_555 0.074  0.532  3.751 3.680  -1.957 35.833 1.177  0.477  3.707 -3.168  
-5.956 36.067 6  BB_DG106DA107:DT116DC117_CC B 106 ? C 117 ? B 107 ? C 116 ? 
1 A DA 7  1_555 B DT 5  1_555 A DG 8  1_555 B DC 4  1_555 -0.663 0.703  4.823 2.495  20.520 34.461 -2.596 1.409  4.484 31.388  
-3.817 40.023 7  BB_DA107DG108:DC115DT116_CC B 107 ? C 116 ? B 108 ? C 115 ? 
1 A DG 8  1_555 B DC 4  1_555 A DT 9  1_555 B DA 3  1_555 -0.040 -0.124 3.488 -5.541 -8.765 34.989 1.108  -0.762 3.388 -14.197 
8.975  36.447 8  BB_DG108DT109:DA114DC115_CC B 108 ? C 115 ? B 109 ? C 114 ? 
1 A DT 9  1_555 B DA 3  1_555 A DA 10 1_555 B DT 2  1_555 -0.215 0.633  2.955 -1.765 1.389  36.517 0.834  0.122  2.983 2.214   
2.814  36.583 9  BB_DT109DA110:DT113DA114_CC B 109 ? C 114 ? B 110 ? C 113 ? 
1 A DA 10 1_555 B DT 2  1_555 A DC 11 1_555 B DG 1  1_555 0.630  0.241  4.534 -0.218 -7.593 30.023 2.474  -1.238 4.340 -14.370 
0.413  30.948 10 BB_DA110DC111:DG112DT113_CC B 110 ? C 113 ? B 111 ? C 112 ? 
# 
loop_
_pdbx_nmr_spectrometer.spectrometer_id 
_pdbx_nmr_spectrometer.model 
_pdbx_nmr_spectrometer.manufacturer 
_pdbx_nmr_spectrometer.field_strength 
1 AMX500 Bruker 500 
2 AMX600 Bruker 600 
# 
_atom_sites.entry_id                    1YUI 
_atom_sites.fract_transf_matrix[1][1]   1.000000 
_atom_sites.fract_transf_matrix[1][2]   0.000000 
_atom_sites.fract_transf_matrix[1][3]   0.000000 
_atom_sites.fract_transf_matrix[2][1]   0.000000 
_atom_sites.fract_transf_matrix[2][2]   1.000000 
_atom_sites.fract_transf_matrix[2][3]   0.000000 
_atom_sites.fract_transf_matrix[3][1]   0.000000 
_atom_sites.fract_transf_matrix[3][2]   0.000000 
_atom_sites.fract_transf_matrix[3][3]   1.000000 
_atom_sites.fract_transf_vector[1]      0.00000 
_atom_sites.fract_transf_vector[2]      0.00000 
_atom_sites.fract_transf_vector[3]      0.00000 
# 
loop_
_atom_type.symbol 
C  
H  
N  
O  
P  
S  
ZN 
# 
loop_
_atom_site.group_PDB 
_atom_site.id 
_atom_site.type_symbol 
_atom_site.label_atom_id 
_atom_site.label_alt_id 
_atom_site.label_comp_id 
_atom_site.label_asym_id 
_atom_site.label_entity_id 
_atom_site.label_seq_id 
_atom_site.pdbx_PDB_ins_code 
_atom_site.Cartn_x 
_atom_site.Cartn_y 
_atom_site.Cartn_z 
_atom_site.occupancy 
_atom_site.B_iso_or_equiv 
_atom_site.pdbx_formal_charge 
_atom_site.auth_seq_id 
_atom_site.auth_comp_id 
_atom_site.auth_asym_id 
_atom_site.auth_atom_id 
_atom_site.pdbx_PDB_model_num 
ATOM   1    O  "O5'"  . DG  A 1 1  ? -13.119 1.604   -11.934 1.00 1.05 ? 101 DG  B "O5'"  1 
ATOM   2    C  "C5'"  . DG  A 1 1  ? -13.166 0.238   -12.353 1.00 1.01 ? 101 DG  B "C5'"  1 
ATOM   3    C  "C4'"  . DG  A 1 1  ? -11.815 -0.457  -12.162 1.00 0.85 ? 101 DG  B "C4'"  1 
ATOM   4    O  "O4'"  . DG  A 1 1  ? -10.845 0.072   -13.093 1.00 0.84 ? 101 DG  B "O4'"  1 
ATOM   5    C  "C3'"  . DG  A 1 1  ? -11.267 -0.276  -10.740 1.00 0.72 ? 101 DG  B "C3'"  1 
ATOM   6    O  "O3'"  . DG  A 1 1  ? -11.164 -1.536  -10.072 1.00 0.70 ? 101 DG  B "O3'"  1 
ATOM   7    C  "C2'"  . DG  A 1 1  ? -9.900  0.356   -10.903 1.00 0.63 ? 101 DG  B "C2'"  1 
ATOM   8    C  "C1'"  . DG  A 1 1  ? -9.689  0.583   -12.397 1.00 0.70 ? 101 DG  B "C1'"  1 
ATOM   9    N  N9     . DG  A 1 1  ? -9.507  2.020   -12.687 1.00 0.69 ? 101 DG  B N9     1 
ATOM   10   C  C8     . DG  A 1 1  ? -10.396 3.046   -12.535 1.00 0.73 ? 101 DG  B C8     1 
ATOM   11   N  N7     . DG  A 1 1  ? -9.951  4.217   -12.878 1.00 0.73 ? 101 DG  B N7     1 
ATOM   12   C  C5     . DG  A 1 1  ? -8.648  3.953   -13.297 1.00 0.68 ? 101 DG  B C5     1 
ATOM   13   C  C6     . DG  A 1 1  ? -7.653  4.841   -13.790 1.00 0.67 ? 101 DG  B C6     1 
ATOM   14   O  O6     . DG  A 1 1  ? -7.731  6.056   -13.956 1.00 0.70 ? 101 DG  B O6     1 
ATOM   15   N  N1     . DG  A 1 1  ? -6.478  4.168   -14.098 1.00 0.65 ? 101 DG  B N1     1 
ATOM   16   C  C2     . DG  A 1 1  ? -6.281  2.810   -13.952 1.00 0.64 ? 101 DG  B C2     1 
ATOM   17   N  N2     . DG  A 1 1  ? -5.081  2.347   -14.302 1.00 0.66 ? 101 DG  B N2     1 
ATOM   18   N  N3     . DG  A 1 1  ? -7.214  1.973   -13.489 1.00 0.65 ? 101 DG  B N3     1 
ATOM   19   C  C4     . DG  A 1 1  ? -8.369  2.610   -13.183 1.00 0.66 ? 101 DG  B C4     1 
ATOM   20   H  "H5'"  . DG  A 1 1  ? -13.440 0.199   -13.408 1.00 1.13 ? 101 DG  B "H5'"  1 
ATOM   21   H  "H5''" . DG  A 1 1  ? -13.922 -0.287  -11.769 1.00 1.09 ? 101 DG  B "H5''" 1 
ATOM   22   H  "H4'"  . DG  A 1 1  ? -11.940 -1.522  -12.355 1.00 0.89 ? 101 DG  B "H4'"  1 
ATOM   23   H  "H3'"  . DG  A 1 1  ? -11.916 0.387   -10.157 1.00 0.78 ? 101 DG  B "H3'"  1 
ATOM   24   H  "H2'"  . DG  A 1 1  ? -9.855  1.311   -10.373 1.00 0.62 ? 101 DG  B "H2'"  1 
ATOM   25   H  "H2''" . DG  A 1 1  ? -9.137  -0.318  -10.511 1.00 0.58 ? 101 DG  B "H2''" 1 
ATOM   26   H  "H1'"  . DG  A 1 1  ? -8.803  0.038   -12.731 1.00 0.70 ? 101 DG  B "H1'"  1 
ATOM   27   H  H8     . DG  A 1 1  ? -11.405 2.893   -12.154 1.00 0.77 ? 101 DG  B H8     1 
ATOM   28   H  H1     . DG  A 1 1  ? -5.723  4.735   -14.455 1.00 0.65 ? 101 DG  B H1     1 
ATOM   29   H  H21    . DG  A 1 1  ? -4.378  2.981   -14.652 1.00 0.67 ? 101 DG  B H21    1 
ATOM   30   H  H22    . DG  A 1 1  ? -4.876  1.361   -14.218 1.00 0.68 ? 101 DG  B H22    1 
ATOM   31   P  P      . DC  A 1 2  ? -10.813 -1.602  -8.502  1.00 0.64 ? 102 DC  B P      1 
ATOM   32   O  OP1    . DC  A 1 2  ? -11.408 -2.840  -7.947  1.00 0.68 ? 102 DC  B OP1    1 
ATOM   33   O  OP2    . DC  A 1 2  ? -11.142 -0.291  -7.898  1.00 0.69 ? 102 DC  B OP2    1 
ATOM   34   O  "O5'"  . DC  A 1 2  ? -9.213  -1.770  -8.505  1.00 0.57 ? 102 DC  B "O5'"  1 
ATOM   35   C  "C5'"  . DC  A 1 2  ? -8.611  -2.971  -8.992  1.00 0.57 ? 102 DC  B "C5'"  1 
ATOM   36   C  "C4'"  . DC  A 1 2  ? -7.122  -2.776  -9.292  1.00 0.51 ? 102 DC  B "C4'"  1 
ATOM   37   O  "O4'"  . DC  A 1 2  ? -6.923  -1.582  -10.080 1.00 0.50 ? 102 DC  B "O4'"  1 
ATOM   38   C  "C3'"  . DC  A 1 2  ? -6.283  -2.652  -8.013  1.00 0.47 ? 102 DC  B "C3'"  1 
ATOM   39   O  "O3'"  . DC  A 1 2  ? -5.387  -3.760  -7.887  1.00 0.50 ? 102 DC  B "O3'"  1 
ATOM   40   C  "C2'"  . DC  A 1 2  ? -5.511  -1.356  -8.153  1.00 0.43 ? 102 DC  B "C2'"  1 
ATOM   41   C  "C1'"  . DC  A 1 2  ? -5.914  -0.738  -9.487  1.00 0.43 ? 102 DC  B "C1'"  1 
ATOM   42   N  N1     . DC  A 1 2  ? -6.443  0.638   -9.284  1.00 0.41 ? 102 DC  B N1     1 
ATOM   43   C  C2     . DC  A 1 2  ? -5.686  1.710   -9.748  1.00 0.41 ? 102 DC  B C2     1 
ATOM   44   O  O2     . DC  A 1 2  ? -4.610  1.506   -10.305 1.00 0.43 ? 102 DC  B O2     1 
ATOM   45   N  N3     . DC  A 1 2  ? -6.169  2.969   -9.569  1.00 0.41 ? 102 DC  B N3     1 
ATOM   46   C  C4     . DC  A 1 2  ? -7.343  3.175   -8.961  1.00 0.42 ? 102 DC  B C4     1 
ATOM   47   N  N4     . DC  A 1 2  ? -7.788  4.423   -8.803  1.00 0.46 ? 102 DC  B N4     1 
ATOM   48   C  C5     . DC  A 1 2  ? -8.127  2.079   -8.480  1.00 0.44 ? 102 DC  B C5     1 
ATOM   49   C  C6     . DC  A 1 2  ? -7.641  0.835   -8.661  1.00 0.43 ? 102 DC  B C6     1 
ATOM   50   H  "H5'"  . DC  A 1 2  ? -9.119  -3.278  -9.906  1.00 0.64 ? 102 DC  B "H5'"  1 
ATOM   51   H  "H5''" . DC  A 1 2  ? -8.722  -3.755  -8.243  1.00 0.63 ? 102 DC  B "H5''" 1 
ATOM   52   H  "H4'"  . DC  A 1 2  ? -6.765  -3.635  -9.862  1.00 0.54 ? 102 DC  B "H4'"  1 
ATOM   53   H  "H3'"  . DC  A 1 2  ? -6.928  -2.608  -7.130  1.00 0.50 ? 102 DC  B "H3'"  1 
ATOM   54   H  "H2'"  . DC  A 1 2  ? -5.762  -0.674  -7.337  1.00 0.43 ? 102 DC  B "H2'"  1 
ATOM   55   H  "H2''" . DC  A 1 2  ? -4.440  -1.563  -8.142  1.00 0.44 ? 102 DC  B "H2''" 1 
ATOM   56   H  "H1'"  . DC  A 1 2  ? -5.045  -0.711  -10.154 1.00 0.44 ? 102 DC  B "H1'"  1 
ATOM   57   H  H41    . DC  A 1 2  ? -7.239  5.200   -9.141  1.00 0.47 ? 102 DC  B H41    1 
ATOM   58   H  H42    . DC  A 1 2  ? -8.671  4.590   -8.345  1.00 0.49 ? 102 DC  B H42    1 
ATOM   59   H  H5     . DC  A 1 2  ? -9.081  2.245   -7.982  1.00 0.47 ? 102 DC  B H5     1 
ATOM   60   H  H6     . DC  A 1 2  ? -8.211  -0.023  -8.305  1.00 0.46 ? 102 DC  B H6     1 
ATOM   61   P  P      . DC  A 1 3  ? -4.313  -3.810  -6.687  1.00 0.52 ? 103 DC  B P      1 
ATOM   62   O  OP1    . DC  A 1 3  ? -3.713  -5.161  -6.660  1.00 0.63 ? 103 DC  B OP1    1 
ATOM   63   O  OP2    . DC  A 1 3  ? -4.949  -3.257  -5.470  1.00 0.56 ? 103 DC  B OP2    1 
ATOM   64   O  "O5'"  . DC  A 1 3  ? -3.187  -2.771  -7.185  1.00 0.46 ? 103 DC  B "O5'"  1 
ATOM   65   C  "C5'"  . DC  A 1 3  ? -2.296  -3.130  -8.243  1.00 0.44 ? 103 DC  B "C5'"  1 
ATOM   66   C  "C4'"  . DC  A 1 3  ? -1.310  -2.002  -8.565  1.00 0.37 ? 103 DC  B "C4'"  1 
ATOM   67   O  "O4'"  . DC  A 1 3  ? -2.019  -0.777  -8.853  1.00 0.37 ? 103 DC  B "O4'"  1 
ATOM   68   C  "C3'"  . DC  A 1 3  ? -0.338  -1.731  -7.410  1.00 0.35 ? 103 DC  B "C3'"  1 
ATOM   69   O  "O3'"  . DC  A 1 3  ? 1.001   -2.057  -7.792  1.00 0.37 ? 103 DC  B "O3'"  1 
ATOM   70   C  "C2'"  . DC  A 1 3  ? -0.461  -0.251  -7.110  1.00 0.32 ? 103 DC  B "C2'"  1 
ATOM   71   C  "C1'"  . DC  A 1 3  ? -1.441  0.327   -8.126  1.00 0.32 ? 103 DC  B "C1'"  1 
ATOM   72   N  N1     . DC  A 1 3  ? -2.503  1.119   -7.444  1.00 0.31 ? 103 DC  B N1     1 
ATOM   73   C  C2     . DC  A 1 3  ? -2.587  2.482   -7.719  1.00 0.31 ? 103 DC  B C2     1 
ATOM   74   O  O2     . DC  A 1 3  ? -1.786  3.003   -8.491  1.00 0.33 ? 103 DC  B O2     1 
ATOM   75   N  N3     . DC  A 1 3  ? -3.568  3.206   -7.115  1.00 0.31 ? 103 DC  B N3     1 
ATOM   76   C  C4     . DC  A 1 3  ? -4.435  2.626   -6.277  1.00 0.34 ? 103 DC  B C4     1 
ATOM   77   N  N4     . DC  A 1 3  ? -5.388  3.365   -5.708  1.00 0.37 ? 103 DC  B N4     1 
ATOM   78   C  C5     . DC  A 1 3  ? -4.354  1.227   -5.986  1.00 0.37 ? 103 DC  B C5     1 
ATOM   79   C  C6     . DC  A 1 3  ? -3.379  0.516   -6.587  1.00 0.35 ? 103 DC  B C6     1 
ATOM   80   H  "H5'"  . DC  A 1 3  ? -2.879  -3.356  -9.136  1.00 0.52 ? 103 DC  B "H5'"  1 
ATOM   81   H  "H5''" . DC  A 1 3  ? -1.735  -4.018  -7.950  1.00 0.50 ? 103 DC  B "H5''" 1 
ATOM   82   H  "H4'"  . DC  A 1 3  ? -0.733  -2.286  -9.446  1.00 0.40 ? 103 DC  B "H4'"  1 
ATOM   83   H  "H3'"  . DC  A 1 3  ? -0.615  -2.316  -6.525  1.00 0.38 ? 103 DC  B "H3'"  1 
ATOM   84   H  "H2'"  . DC  A 1 3  ? -0.843  -0.096  -6.100  1.00 0.33 ? 103 DC  B "H2'"  1 
ATOM   85   H  "H2''" . DC  A 1 3  ? 0.516   0.226   -7.211  1.00 0.33 ? 103 DC  B "H2''" 1 
ATOM   86   H  "H1'"  . DC  A 1 3  ? -0.896  0.961   -8.834  1.00 0.34 ? 103 DC  B "H1'"  1 
ATOM   87   H  H41    . DC  A 1 3  ? -5.446  4.354   -5.904  1.00 0.37 ? 103 DC  B H41    1 
ATOM   88   H  H42    . DC  A 1 3  ? -6.049  2.937   -5.076  1.00 0.42 ? 103 DC  B H42    1 
ATOM   89   H  H5     . DC  A 1 3  ? -5.056  0.752   -5.301  1.00 0.43 ? 103 DC  B H5     1 
ATOM   90   H  H6     . DC  A 1 3  ? -3.284  -0.550  -6.382  1.00 0.40 ? 103 DC  B H6     1 
ATOM   91   P  P      . DG  A 1 4  ? 2.171   -2.141  -6.689  1.00 0.36 ? 104 DG  B P      1 
ATOM   92   O  OP1    . DG  A 1 4  ? 3.287   -2.929  -7.258  1.00 0.46 ? 104 DG  B OP1    1 
ATOM   93   O  OP2    . DG  A 1 4  ? 1.565   -2.544  -5.401  1.00 0.41 ? 104 DG  B OP2    1 
ATOM   94   O  "O5'"  . DG  A 1 4  ? 2.649   -0.608  -6.566  1.00 0.42 ? 104 DG  B "O5'"  1 
ATOM   95   C  "C5'"  . DG  A 1 4  ? 3.374   0.014   -7.630  1.00 0.37 ? 104 DG  B "C5'"  1 
ATOM   96   C  "C4'"  . DG  A 1 4  ? 3.890   1.398   -7.224  1.00 0.33 ? 104 DG  B "C4'"  1 
ATOM   97   O  "O4'"  . DG  A 1 4  ? 2.800   2.346   -7.194  1.00 0.35 ? 104 DG  B "O4'"  1 
ATOM   98   C  "C3'"  . DG  A 1 4  ? 4.556   1.385   -5.841  1.00 0.31 ? 104 DG  B "C3'"  1 
ATOM   99   O  "O3'"  . DG  A 1 4  ? 5.945   1.712   -5.937  1.00 0.35 ? 104 DG  B "O3'"  1 
ATOM   100  C  "C2'"  . DG  A 1 4  ? 3.824   2.427   -5.024  1.00 0.30 ? 104 DG  B "C2'"  1 
ATOM   101  C  "C1'"  . DG  A 1 4  ? 2.744   3.023   -5.922  1.00 0.32 ? 104 DG  B "C1'"  1 
ATOM   102  N  N9     . DG  A 1 4  ? 1.411   2.869   -5.305  1.00 0.31 ? 104 DG  B N9     1 
ATOM   103  C  C8     . DG  A 1 4  ? 0.768   1.726   -4.921  1.00 0.32 ? 104 DG  B C8     1 
ATOM   104  N  N7     . DG  A 1 4  ? -0.405  1.905   -4.391  1.00 0.33 ? 104 DG  B N7     1 
ATOM   105  C  C5     . DG  A 1 4  ? -0.561  3.290   -4.420  1.00 0.31 ? 104 DG  B C5     1 
ATOM   106  C  C6     . DG  A 1 4  ? -1.644  4.093   -3.974  1.00 0.33 ? 104 DG  B C6     1 
ATOM   107  O  O6     . DG  A 1 4  ? -2.690  3.734   -3.441  1.00 0.35 ? 104 DG  B O6     1 
ATOM   108  N  N1     . DG  A 1 4  ? -1.400  5.442   -4.188  1.00 0.33 ? 104 DG  B N1     1 
ATOM   109  C  C2     . DG  A 1 4  ? -0.256  5.960   -4.759  1.00 0.33 ? 104 DG  B C2     1 
ATOM   110  N  N2     . DG  A 1 4  ? -0.206  7.285   -4.882  1.00 0.36 ? 104 DG  B N2     1 
ATOM   111  N  N3     . DG  A 1 4  ? 0.765   5.208   -5.179  1.00 0.32 ? 104 DG  B N3     1 
ATOM   112  C  C4     . DG  A 1 4  ? 0.546   3.888   -4.979  1.00 0.31 ? 104 DG  B C4     1 
ATOM   113  H  "H5'"  . DG  A 1 4  ? 2.718   0.118   -8.493  1.00 0.51 ? 104 DG  B "H5'"  1 
ATOM   114  H  "H5''" . DG  A 1 4  ? 4.220   -0.617  -7.899  1.00 0.46 ? 104 DG  B "H5''" 1 
ATOM   115  H  "H4'"  . DG  A 1 4  ? 4.622   1.728   -7.961  1.00 0.35 ? 104 DG  B "H4'"  1 
ATOM   116  H  "H3'"  . DG  A 1 4  ? 4.450   0.401   -5.370  1.00 0.33 ? 104 DG  B "H3'"  1 
ATOM   117  H  "H2'"  . DG  A 1 4  ? 3.363   1.967   -4.147  1.00 0.31 ? 104 DG  B "H2'"  1 
ATOM   118  H  "H2''" . DG  A 1 4  ? 4.525   3.202   -4.711  1.00 0.34 ? 104 DG  B "H2''" 1 
ATOM   119  H  "H1'"  . DG  A 1 4  ? 2.943   4.087   -6.079  1.00 0.36 ? 104 DG  B "H1'"  1 
ATOM   120  H  H8     . DG  A 1 4  ? 1.211   0.738   -5.042  1.00 0.34 ? 104 DG  B H8     1 
ATOM   121  H  H1     . DG  A 1 4  ? -2.133  6.076   -3.900  1.00 0.34 ? 104 DG  B H1     1 
ATOM   122  H  H21    . DG  A 1 4  ? -0.979  7.852   -4.564  1.00 0.38 ? 104 DG  B H21    1 
ATOM   123  H  H22    . DG  A 1 4  ? 0.606   7.724   -5.292  1.00 0.39 ? 104 DG  B H22    1 
ATOM   124  P  P      . DA  A 1 5  ? 6.864   1.761   -4.614  1.00 0.39 ? 105 DA  B P      1 
ATOM   125  O  OP1    . DA  A 1 5  ? 8.283   1.767   -5.037  1.00 0.49 ? 105 DA  B OP1    1 
ATOM   126  O  OP2    . DA  A 1 5  ? 6.380   0.725   -3.676  1.00 0.44 ? 105 DA  B OP2    1 
ATOM   127  O  "O5'"  . DA  A 1 5  ? 6.519   3.207   -3.990  1.00 0.37 ? 105 DA  B "O5'"  1 
ATOM   128  C  "C5'"  . DA  A 1 5  ? 7.257   4.364   -4.392  1.00 0.36 ? 105 DA  B "C5'"  1 
ATOM   129  C  "C4'"  . DA  A 1 5  ? 6.589   5.663   -3.915  1.00 0.33 ? 105 DA  B "C4'"  1 
ATOM   130  O  "O4'"  . DA  A 1 5  ? 5.151   5.552   -4.026  1.00 0.35 ? 105 DA  B "O4'"  1 
ATOM   131  C  "C3'"  . DA  A 1 5  ? 6.927   6.003   -2.452  1.00 0.31 ? 105 DA  B "C3'"  1 
ATOM   132  O  "O3'"  . DA  A 1 5  ? 7.710   7.201   -2.375  1.00 0.38 ? 105 DA  B "O3'"  1 
ATOM   133  C  "C2'"  . DA  A 1 5  ? 5.589   6.195   -1.761  1.00 0.33 ? 105 DA  B "C2'"  1 
ATOM   134  C  "C1'"  . DA  A 1 5  ? 4.514   6.028   -2.824  1.00 0.32 ? 105 DA  B "C1'"  1 
ATOM   135  N  N9     . DA  A 1 5  ? 3.470   5.095   -2.363  1.00 0.29 ? 105 DA  B N9     1 
ATOM   136  C  C8     . DA  A 1 5  ? 3.526   3.740   -2.200  1.00 0.31 ? 105 DA  B C8     1 
ATOM   137  N  N7     . DA  A 1 5  ? 2.429   3.191   -1.768  1.00 0.32 ? 105 DA  B N7     1 
ATOM   138  C  C5     . DA  A 1 5  ? 1.569   4.280   -1.629  1.00 0.30 ? 105 DA  B C5     1 
ATOM   139  C  C6     . DA  A 1 5  ? 0.240   4.391   -1.203  1.00 0.32 ? 105 DA  B C6     1 
ATOM   140  N  N6     . DA  A 1 5  ? -0.498  3.344   -0.837  1.00 0.37 ? 105 DA  B N6     1 
ATOM   141  N  N1     . DA  A 1 5  ? -0.301  5.621   -1.184  1.00 0.32 ? 105 DA  B N1     1 
ATOM   142  C  C2     . DA  A 1 5  ? 0.420   6.680   -1.561  1.00 0.30 ? 105 DA  B C2     1 
ATOM   143  N  N3     . DA  A 1 5  ? 1.679   6.683   -1.980  1.00 0.29 ? 105 DA  B N3     1 
ATOM   144  C  C4     . DA  A 1 5  ? 2.195   5.438   -1.987  1.00 0.28 ? 105 DA  B C4     1 
ATOM   145  H  "H5'"  . DA  A 1 5  ? 7.323   4.379   -5.480  1.00 0.43 ? 105 DA  B "H5'"  1 
ATOM   146  H  "H5''" . DA  A 1 5  ? 8.264   4.305   -3.979  1.00 0.40 ? 105 DA  B "H5''" 1 
ATOM   147  H  "H4'"  . DA  A 1 5  ? 6.925   6.484   -4.550  1.00 0.39 ? 105 DA  B "H4'"  1 
ATOM   148  H  "H3'"  . DA  A 1 5  ? 7.475   5.182   -1.980  1.00 0.33 ? 105 DA  B "H3'"  1 
ATOM   149  H  "H2'"  . DA  A 1 5  ? 5.454   5.444   -0.978  1.00 0.38 ? 105 DA  B "H2'"  1 
ATOM   150  H  "H2''" . DA  A 1 5  ? 5.532   7.193   -1.323  1.00 0.43 ? 105 DA  B "H2''" 1 
ATOM   151  H  "H1'"  . DA  A 1 5  ? 4.054   6.997   -3.034  1.00 0.37 ? 105 DA  B "H1'"  1 
ATOM   152  H  H8     . DA  A 1 5  ? 4.429   3.163   -2.396  1.00 0.34 ? 105 DA  B H8     1 
ATOM   153  H  H61    . DA  A 1 5  ? -1.454  3.481   -0.536  1.00 0.39 ? 105 DA  B H61    1 
ATOM   154  H  H62    . DA  A 1 5  ? -0.103  2.415   -0.857  1.00 0.39 ? 105 DA  B H62    1 
ATOM   155  H  H2     . DA  A 1 5  ? -0.082  7.647   -1.523  1.00 0.32 ? 105 DA  B H2     1 
ATOM   156  P  P      . DG  A 1 6  ? 8.064   7.859   -0.945  1.00 0.43 ? 106 DG  B P      1 
ATOM   157  O  OP1    . DG  A 1 6  ? 9.349   8.582   -1.066  1.00 0.55 ? 106 DG  B OP1    1 
ATOM   158  O  OP2    . DG  A 1 6  ? 7.898   6.819   0.094   1.00 0.45 ? 106 DG  B OP2    1 
ATOM   159  O  "O5'"  . DG  A 1 6  ? 6.887   8.943   -0.763  1.00 0.42 ? 106 DG  B "O5'"  1 
ATOM   160  C  "C5'"  . DG  A 1 6  ? 7.090   10.310  -1.138  1.00 0.45 ? 106 DG  B "C5'"  1 
ATOM   161  C  "C4'"  . DG  A 1 6  ? 6.263   11.256  -0.265  1.00 0.42 ? 106 DG  B "C4'"  1 
ATOM   162  O  "O4'"  . DG  A 1 6  ? 4.908   10.767  -0.152  1.00 0.44 ? 106 DG  B "O4'"  1 
ATOM   163  C  "C3'"  . DG  A 1 6  ? 6.846   11.395  1.148   1.00 0.41 ? 106 DG  B "C3'"  1 
ATOM   164  O  "O3'"  . DG  A 1 6  ? 7.216   12.748  1.418   1.00 0.46 ? 106 DG  B "O3'"  1 
ATOM   165  C  "C2'"  . DG  A 1 6  ? 5.751   10.946  2.090   1.00 0.43 ? 106 DG  B "C2'"  1 
ATOM   166  C  "C1'"  . DG  A 1 6  ? 4.562   10.533  1.228   1.00 0.43 ? 106 DG  B "C1'"  1 
ATOM   167  N  N9     . DG  A 1 6  ? 4.241   9.109   1.448   1.00 0.44 ? 106 DG  B N9     1 
ATOM   168  C  C8     . DG  A 1 6  ? 5.023   8.009   1.242   1.00 0.58 ? 106 DG  B C8     1 
ATOM   169  N  N7     . DG  A 1 6  ? 4.482   6.875   1.584   1.00 0.58 ? 106 DG  B N7     1 
ATOM   170  C  C5     . DG  A 1 6  ? 3.225   7.253   2.058   1.00 0.43 ? 106 DG  B C5     1 
ATOM   171  C  C6     . DG  A 1 6  ? 2.165   6.458   2.576   1.00 0.40 ? 106 DG  B C6     1 
ATOM   172  O  O6     . DG  A 1 6  ? 2.136   5.244   2.761   1.00 0.46 ? 106 DG  B O6     1 
ATOM   173  N  N1     . DG  A 1 6  ? 1.075   7.237   2.932   1.00 0.40 ? 106 DG  B N1     1 
ATOM   174  C  C2     . DG  A 1 6  ? 1.005   8.608   2.813   1.00 0.44 ? 106 DG  B C2     1 
ATOM   175  N  N2     . DG  A 1 6  ? -0.136  9.176   3.204   1.00 0.59 ? 106 DG  B N2     1 
ATOM   176  N  N3     . DG  A 1 6  ? 1.996   9.359   2.330   1.00 0.40 ? 106 DG  B N3     1 
ATOM   177  C  C4     . DG  A 1 6  ? 3.071   8.619   1.973   1.00 0.38 ? 106 DG  B C4     1 
ATOM   178  H  "H5'"  . DG  A 1 6  ? 6.799   10.440  -2.180  1.00 0.54 ? 106 DG  B "H5'"  1 
ATOM   179  H  "H5''" . DG  A 1 6  ? 8.144   10.555  -1.027  1.00 0.50 ? 106 DG  B "H5''" 1 
ATOM   180  H  "H4'"  . DG  A 1 6  ? 6.243   12.240  -0.735  1.00 0.47 ? 106 DG  B "H4'"  1 
ATOM   181  H  "H3'"  . DG  A 1 6  ? 7.725   10.753  1.269   1.00 0.45 ? 106 DG  B "H3'"  1 
ATOM   182  H  "H2'"  . DG  A 1 6  ? 6.089   10.095  2.686   1.00 0.45 ? 106 DG  B "H2'"  1 
ATOM   183  H  "H2''" . DG  A 1 6  ? 5.474   11.770  2.752   1.00 0.47 ? 106 DG  B "H2''" 1 
ATOM   184  H  "H1'"  . DG  A 1 6  ? 3.691   11.139  1.484   1.00 0.48 ? 106 DG  B "H1'"  1 
ATOM   185  H  H8     . DG  A 1 6  ? 6.027   8.075   0.811   1.00 0.71 ? 106 DG  B H8     1 
ATOM   186  H  H1     . DG  A 1 6  ? 0.282   6.740   3.304   1.00 0.44 ? 106 DG  B H1     1 
ATOM   187  H  H21    . DG  A 1 6  ? -0.884  8.604   3.569   1.00 0.65 ? 106 DG  B H21    1 
ATOM   188  H  H22    . DG  A 1 6  ? -0.250  10.176  3.136   1.00 0.68 ? 106 DG  B H22    1 
ATOM   189  P  P      . DA  A 1 7  ? 7.907   13.137  2.820   1.00 0.53 ? 107 DA  B P      1 
ATOM   190  O  OP1    . DA  A 1 7  ? 8.522   14.475  2.679   1.00 0.64 ? 107 DA  B OP1    1 
ATOM   191  O  OP2    . DA  A 1 7  ? 8.728   11.989  3.266   1.00 0.55 ? 107 DA  B OP2    1 
ATOM   192  O  "O5'"  . DA  A 1 7  ? 6.643   13.265  3.811   1.00 0.52 ? 107 DA  B "O5'"  1 
ATOM   193  C  "C5'"  . DA  A 1 7  ? 5.702   14.330  3.652   1.00 0.53 ? 107 DA  B "C5'"  1 
ATOM   194  C  "C4'"  . DA  A 1 7  ? 4.535   14.206  4.635   1.00 0.48 ? 107 DA  B "C4'"  1 
ATOM   195  O  "O4'"  . DA  A 1 7  ? 3.842   12.954  4.440   1.00 0.49 ? 107 DA  B "O4'"  1 
ATOM   196  C  "C3'"  . DA  A 1 7  ? 4.998   14.277  6.097   1.00 0.46 ? 107 DA  B "C3'"  1 
ATOM   197  O  "O3'"  . DA  A 1 7  ? 4.473   15.443  6.737   1.00 0.51 ? 107 DA  B "O3'"  1 
ATOM   198  C  "C2'"  . DA  A 1 7  ? 4.467   13.021  6.758   1.00 0.44 ? 107 DA  B "C2'"  1 
ATOM   199  C  "C1'"  . DA  A 1 7  ? 3.706   12.244  5.689   1.00 0.44 ? 107 DA  B "C1'"  1 
ATOM   200  N  N9     . DA  A 1 7  ? 4.235   10.871  5.567   1.00 0.41 ? 107 DA  B N9     1 
ATOM   201  C  C8     . DA  A 1 7  ? 5.493   10.459  5.236   1.00 0.43 ? 107 DA  B C8     1 
ATOM   202  N  N7     . DA  A 1 7  ? 5.662   9.171   5.210   1.00 0.42 ? 107 DA  B N7     1 
ATOM   203  C  C5     . DA  A 1 7  ? 4.404   8.681   5.555   1.00 0.40 ? 107 DA  B C5     1 
ATOM   204  C  C6     . DA  A 1 7  ? 3.902   7.384   5.711   1.00 0.43 ? 107 DA  B C6     1 
ATOM   205  N  N6     . DA  A 1 7  ? 4.642   6.290   5.535   1.00 0.45 ? 107 DA  B N6     1 
ATOM   206  N  N1     . DA  A 1 7  ? 2.610   7.259   6.061   1.00 0.52 ? 107 DA  B N1     1 
ATOM   207  C  C2     . DA  A 1 7  ? 1.856   8.343   6.246   1.00 0.56 ? 107 DA  B C2     1 
ATOM   208  N  N3     . DA  A 1 7  ? 2.232   9.612   6.126   1.00 0.51 ? 107 DA  B N3     1 
ATOM   209  C  C4     . DA  A 1 7  ? 3.530   9.707   5.774   1.00 0.42 ? 107 DA  B C4     1 
ATOM   210  H  "H5'"  . DA  A 1 7  ? 5.313   14.311  2.634   1.00 0.63 ? 107 DA  B "H5'"  1 
ATOM   211  H  "H5''" . DA  A 1 7  ? 6.210   15.280  3.820   1.00 0.60 ? 107 DA  B "H5''" 1 
ATOM   212  H  "H4'"  . DA  A 1 7  ? 3.837   15.023  4.452   1.00 0.52 ? 107 DA  B "H4'"  1 
ATOM   213  H  "H3'"  . DA  A 1 7  ? 6.091   14.296  6.156   1.00 0.48 ? 107 DA  B "H3'"  1 
ATOM   214  H  "H2'"  . DA  A 1 7  ? 5.292   12.414  7.139   1.00 0.43 ? 107 DA  B "H2'"  1 
ATOM   215  H  "H2''" . DA  A 1 7  ? 3.800   13.292  7.579   1.00 0.48 ? 107 DA  B "H2''" 1 
ATOM   216  H  "H1'"  . DA  A 1 7  ? 2.647   12.195  5.955   1.00 0.48 ? 107 DA  B "H1'"  1 
ATOM   217  H  H8     . DA  A 1 7  ? 6.297   11.159  5.009   1.00 0.49 ? 107 DA  B H8     1 
ATOM   218  H  H61    . DA  A 1 7  ? 4.230   5.376   5.660   1.00 0.49 ? 107 DA  B H61    1 
ATOM   219  H  H62    . DA  A 1 7  ? 5.614   6.374   5.277   1.00 0.46 ? 107 DA  B H62    1 
ATOM   220  H  H2     . DA  A 1 7  ? 0.817   8.168   6.525   1.00 0.68 ? 107 DA  B H2     1 
ATOM   221  P  P      . DG  A 1 8  ? 5.032   15.912  8.172   1.00 0.57 ? 108 DG  B P      1 
ATOM   222  O  OP1    . DG  A 1 8  ? 4.653   17.327  8.378   1.00 0.71 ? 108 DG  B OP1    1 
ATOM   223  O  OP2    . DG  A 1 8  ? 6.453   15.505  8.270   1.00 0.63 ? 108 DG  B OP2    1 
ATOM   224  O  "O5'"  . DG  A 1 8  ? 4.179   15.007  9.194   1.00 0.59 ? 108 DG  B "O5'"  1 
ATOM   225  C  "C5'"  . DG  A 1 8  ? 2.935   15.479  9.719   1.00 0.54 ? 108 DG  B "C5'"  1 
ATOM   226  C  "C4'"  . DG  A 1 8  ? 2.412   14.567  10.833  1.00 0.49 ? 108 DG  B "C4'"  1 
ATOM   227  O  "O4'"  . DG  A 1 8  ? 2.370   13.195  10.372  1.00 0.49 ? 108 DG  B "O4'"  1 
ATOM   228  C  "C3'"  . DG  A 1 8  ? 3.295   14.623  12.089  1.00 0.47 ? 108 DG  B "C3'"  1 
ATOM   229  O  "O3'"  . DG  A 1 8  ? 2.513   14.972  13.240  1.00 0.52 ? 108 DG  B "O3'"  1 
ATOM   230  C  "C2'"  . DG  A 1 8  ? 3.875   13.232  12.232  1.00 0.43 ? 108 DG  B "C2'"  1 
ATOM   231  C  "C1'"  . DG  A 1 8  ? 3.113   12.341  11.265  1.00 0.43 ? 108 DG  B "C1'"  1 
ATOM   232  N  N9     . DG  A 1 8  ? 4.039   11.462  10.524  1.00 0.44 ? 108 DG  B N9     1 
ATOM   233  C  C8     . DG  A 1 8  ? 5.105   11.795  9.739   1.00 0.49 ? 108 DG  B C8     1 
ATOM   234  N  N7     . DG  A 1 8  ? 5.761   10.786  9.244   1.00 0.57 ? 108 DG  B N7     1 
ATOM   235  C  C5     . DG  A 1 8  ? 5.070   9.682   9.742   1.00 0.55 ? 108 DG  B C5     1 
ATOM   236  C  C6     . DG  A 1 8  ? 5.309   8.293   9.554   1.00 0.64 ? 108 DG  B C6     1 
ATOM   237  O  O6     . DG  A 1 8  ? 6.209   7.753   8.925   1.00 0.75 ? 108 DG  B O6     1 
ATOM   238  N  N1     . DG  A 1 8  ? 4.377   7.519   10.227  1.00 0.63 ? 108 DG  B N1     1 
ATOM   239  C  C2     . DG  A 1 8  ? 3.345   8.011   10.993  1.00 0.56 ? 108 DG  B C2     1 
ATOM   240  N  N2     . DG  A 1 8  ? 2.554   7.104   11.566  1.00 0.61 ? 108 DG  B N2     1 
ATOM   241  N  N3     . DG  A 1 8  ? 3.117   9.314   11.177  1.00 0.49 ? 108 DG  B N3     1 
ATOM   242  C  C4     . DG  A 1 8  ? 4.014   10.088  10.524  1.00 0.48 ? 108 DG  B C4     1 
ATOM   243  H  "H5'"  . DG  A 1 8  ? 2.200   15.514  8.913   1.00 0.64 ? 108 DG  B "H5'"  1 
ATOM   244  H  "H5''" . DG  A 1 8  ? 3.074   16.484  10.117  1.00 0.54 ? 108 DG  B "H5''" 1 
ATOM   245  H  "H4'"  . DG  A 1 8  ? 1.402   14.880  11.098  1.00 0.55 ? 108 DG  B "H4'"  1 
ATOM   246  H  "H3'"  . DG  A 1 8  ? 4.101   15.354  11.966  1.00 0.50 ? 108 DG  B "H3'"  1 
ATOM   247  H  "H2'"  . DG  A 1 8  ? 4.934   13.233  11.972  1.00 0.46 ? 108 DG  B "H2'"  1 
ATOM   248  H  "H2''" . DG  A 1 8  ? 3.746   12.875  13.251  1.00 0.46 ? 108 DG  B "H2''" 1 
ATOM   249  H  "H1'"  . DG  A 1 8  ? 2.411   11.721  11.826  1.00 0.45 ? 108 DG  B "H1'"  1 
ATOM   250  H  H8     . DG  A 1 8  ? 5.385   12.830  9.540   1.00 0.51 ? 108 DG  B H8     1 
ATOM   251  H  H1     . DG  A 1 8  ? 4.482   6.520   10.134  1.00 0.71 ? 108 DG  B H1     1 
ATOM   252  H  H21    . DG  A 1 8  ? 2.731   6.120   11.424  1.00 0.68 ? 108 DG  B H21    1 
ATOM   253  H  H22    . DG  A 1 8  ? 1.780   7.402   12.142  1.00 0.61 ? 108 DG  B H22    1 
ATOM   254  P  P      . DT  A 1 9  ? 3.167   14.993  14.715  1.00 0.57 ? 109 DT  B P      1 
ATOM   255  O  OP1    . DT  A 1 9  ? 2.359   15.894  15.567  1.00 0.71 ? 109 DT  B OP1    1 
ATOM   256  O  OP2    . DT  A 1 9  ? 4.622   15.218  14.574  1.00 0.62 ? 109 DT  B OP2    1 
ATOM   257  O  "O5'"  . DT  A 1 9  ? 2.937   13.478  15.224  1.00 0.48 ? 109 DT  B "O5'"  1 
ATOM   258  C  "C5'"  . DT  A 1 9  ? 1.679   12.827  15.013  1.00 0.47 ? 109 DT  B "C5'"  1 
ATOM   259  C  "C4'"  . DT  A 1 9  ? 1.637   11.428  15.646  1.00 0.43 ? 109 DT  B "C4'"  1 
ATOM   260  O  "O4'"  . DT  A 1 9  ? 2.264   10.455  14.782  1.00 0.40 ? 109 DT  B "O4'"  1 
ATOM   261  C  "C3'"  . DT  A 1 9  ? 2.339   11.377  17.009  1.00 0.45 ? 109 DT  B "C3'"  1 
ATOM   262  O  "O3'"  . DT  A 1 9  ? 1.384   11.171  18.057  1.00 0.51 ? 109 DT  B "O3'"  1 
ATOM   263  C  "C2'"  . DT  A 1 9  ? 3.309   10.213  16.924  1.00 0.43 ? 109 DT  B "C2'"  1 
ATOM   264  C  "C1'"  . DT  A 1 9  ? 3.142   9.595   15.540  1.00 0.40 ? 109 DT  B "C1'"  1 
ATOM   265  N  N1     . DT  A 1 9  ? 4.457   9.467   14.859  1.00 0.38 ? 109 DT  B N1     1 
ATOM   266  C  C2     . DT  A 1 9  ? 4.919   8.197   14.542  1.00 0.40 ? 109 DT  B C2     1 
ATOM   267  O  O2     . DT  A 1 9  ? 4.290   7.181   14.834  1.00 0.45 ? 109 DT  B O2     1 
ATOM   268  N  N3     . DT  A 1 9  ? 6.130   8.138   13.877  1.00 0.40 ? 109 DT  B N3     1 
ATOM   269  C  C4     . DT  A 1 9  ? 6.910   9.218   13.506  1.00 0.40 ? 109 DT  B C4     1 
ATOM   270  O  O4     . DT  A 1 9  ? 7.974   9.049   12.915  1.00 0.44 ? 109 DT  B O4     1 
ATOM   271  C  C5     . DT  A 1 9  ? 6.354   10.500  13.877  1.00 0.40 ? 109 DT  B C5     1 
ATOM   272  C  C7     . DT  A 1 9  ? 7.111   11.776  13.499  1.00 0.46 ? 109 DT  B C7     1 
ATOM   273  C  C6     . DT  A 1 9  ? 5.173   10.583  14.531  1.00 0.38 ? 109 DT  B C6     1 
ATOM   274  H  "H5'"  . DT  A 1 9  ? 1.504   12.736  13.942  1.00 0.51 ? 109 DT  B "H5'"  1 
ATOM   275  H  "H5''" . DT  A 1 9  ? 0.889   13.438  15.450  1.00 0.54 ? 109 DT  B "H5''" 1 
ATOM   276  H  "H4'"  . DT  A 1 9  ? 0.594   11.143  15.785  1.00 0.47 ? 109 DT  B "H4'"  1 
ATOM   277  H  "H3'"  . DT  A 1 9  ? 2.886   12.306  17.195  1.00 0.47 ? 109 DT  B "H3'"  1 
ATOM   278  H  "H2'"  . DT  A 1 9  ? 4.336   10.563  17.049  1.00 0.45 ? 109 DT  B "H2'"  1 
ATOM   279  H  "H2''" . DT  A 1 9  ? 3.076   9.478   17.695  1.00 0.47 ? 109 DT  B "H2''" 1 
ATOM   280  H  "H1'"  . DT  A 1 9  ? 2.669   8.611   15.635  1.00 0.44 ? 109 DT  B "H1'"  1 
ATOM   281  H  H3     . DT  A 1 9  ? 6.478   7.219   13.642  1.00 0.44 ? 109 DT  B H3     1 
ATOM   282  H  H71    . DT  A 1 9  ? 6.476   12.651  13.655  1.00 1.21 ? 109 DT  B H71    1 
ATOM   283  H  H72    . DT  A 1 9  ? 7.398   11.726  12.448  1.00 1.01 ? 109 DT  B H72    1 
ATOM   284  H  H73    . DT  A 1 9  ? 8.006   11.863  14.114  1.00 1.17 ? 109 DT  B H73    1 
ATOM   285  H  H6     . DT  A 1 9  ? 4.792   11.559  14.824  1.00 0.40 ? 109 DT  B H6     1 
ATOM   286  P  P      . DA  A 1 10 ? 1.863   10.943  19.577  1.00 0.59 ? 110 DA  B P      1 
ATOM   287  O  OP1    . DA  A 1 10 ? 0.690   11.118  20.462  1.00 0.74 ? 110 DA  B OP1    1 
ATOM   288  O  OP2    . DA  A 1 10 ? 3.085   11.746  19.804  1.00 0.62 ? 110 DA  B OP2    1 
ATOM   289  O  "O5'"  . DA  A 1 10 ? 2.274   9.386   19.587  1.00 0.54 ? 110 DA  B "O5'"  1 
ATOM   290  C  "C5'"  . DA  A 1 10 ? 1.299   8.373   19.316  1.00 0.53 ? 110 DA  B "C5'"  1 
ATOM   291  C  "C4'"  . DA  A 1 10 ? 1.814   6.981   19.697  1.00 0.48 ? 110 DA  B "C4'"  1 
ATOM   292  O  "O4'"  . DA  A 1 10 ? 2.730   6.490   18.691  1.00 0.46 ? 110 DA  B "O4'"  1 
ATOM   293  C  "C3'"  . DA  A 1 10 ? 2.542   6.985   21.048  1.00 0.47 ? 110 DA  B "C3'"  1 
ATOM   294  O  "O3'"  . DA  A 1 10 ? 1.843   6.180   22.002  1.00 0.50 ? 110 DA  B "O3'"  1 
ATOM   295  C  "C2'"  . DA  A 1 10 ? 3.917   6.415   20.775  1.00 0.44 ? 110 DA  B "C2'"  1 
ATOM   296  C  "C1'"  . DA  A 1 10 ? 4.002   6.144   19.278  1.00 0.43 ? 110 DA  B "C1'"  1 
ATOM   297  N  N9     . DA  A 1 10 ? 5.086   6.936   18.666  1.00 0.42 ? 110 DA  B N9     1 
ATOM   298  C  C8     . DA  A 1 10 ? 5.307   8.281   18.731  1.00 0.45 ? 110 DA  B C8     1 
ATOM   299  N  N7     . DA  A 1 10 ? 6.335   8.703   18.057  1.00 0.47 ? 110 DA  B N7     1 
ATOM   300  C  C5     . DA  A 1 10 ? 6.845   7.533   17.496  1.00 0.45 ? 110 DA  B C5     1 
ATOM   301  C  C6     . DA  A 1 10 ? 7.942   7.281   16.664  1.00 0.48 ? 110 DA  B C6     1 
ATOM   302  N  N6     . DA  A 1 10 ? 8.762   8.237   16.229  1.00 0.53 ? 110 DA  B N6     1 
ATOM   303  N  N1     . DA  A 1 10 ? 8.162   6.006   16.300  1.00 0.47 ? 110 DA  B N1     1 
ATOM   304  C  C2     . DA  A 1 10 ? 7.353   5.035   16.727  1.00 0.44 ? 110 DA  B C2     1 
ATOM   305  N  N3     . DA  A 1 10 ? 6.289   5.167   17.513  1.00 0.41 ? 110 DA  B N3     1 
ATOM   306  C  C4     . DA  A 1 10 ? 6.092   6.454   17.863  1.00 0.42 ? 110 DA  B C4     1 
ATOM   307  H  "H5'"  . DA  A 1 10 ? 1.059   8.385   18.253  1.00 0.56 ? 110 DA  B "H5'"  1 
ATOM   308  H  "H5''" . DA  A 1 10 ? 0.396   8.587   19.888  1.00 0.58 ? 110 DA  B "H5''" 1 
ATOM   309  H  "H4'"  . DA  A 1 10 ? 0.966   6.300   19.759  1.00 0.51 ? 110 DA  B "H4'"  1 
ATOM   310  H  "H3'"  . DA  A 1 10 ? 2.632   8.004   21.436  1.00 0.50 ? 110 DA  B "H3'"  1 
ATOM   311  H  "H2'"  . DA  A 1 10 ? 4.692   7.128   21.068  1.00 0.45 ? 110 DA  B "H2'"  1 
ATOM   312  H  "H2''" . DA  A 1 10 ? 4.043   5.487   21.332  1.00 0.44 ? 110 DA  B "H2''" 1 
ATOM   313  H  "H1'"  . DA  A 1 10 ? 4.198   5.083   19.108  1.00 0.42 ? 110 DA  B "H1'"  1 
ATOM   314  H  H8     . DA  A 1 10 ? 4.678   8.947   19.321  1.00 0.47 ? 110 DA  B H8     1 
ATOM   315  H  H61    . DA  A 1 10 ? 9.540   8.001   15.628  1.00 0.56 ? 110 DA  B H61    1 
ATOM   316  H  H62    . DA  A 1 10 ? 8.606   9.198   16.499  1.00 0.55 ? 110 DA  B H62    1 
ATOM   317  H  H2     . DA  A 1 10 ? 7.588   4.025   16.394  1.00 0.45 ? 110 DA  B H2     1 
ATOM   318  P  P      . DC  A 1 11 ? 2.464   5.924   23.466  1.00 0.53 ? 111 DC  B P      1 
ATOM   319  O  OP1    . DC  A 1 11 ? 1.396   5.382   24.334  1.00 0.62 ? 111 DC  B OP1    1 
ATOM   320  O  OP2    . DC  A 1 11 ? 3.203   7.140   23.874  1.00 0.57 ? 111 DC  B OP2    1 
ATOM   321  O  "O5'"  . DC  A 1 11 ? 3.536   4.752   23.193  1.00 0.50 ? 111 DC  B "O5'"  1 
ATOM   322  C  "C5'"  . DC  A 1 11 ? 3.103   3.465   22.744  1.00 0.49 ? 111 DC  B "C5'"  1 
ATOM   323  C  "C4'"  . DC  A 1 11 ? 4.289   2.551   22.420  1.00 0.48 ? 111 DC  B "C4'"  1 
ATOM   324  O  "O4'"  . DC  A 1 11 ? 5.148   3.165   21.432  1.00 0.45 ? 111 DC  B "O4'"  1 
ATOM   325  C  "C3'"  . DC  A 1 11 ? 5.138   2.241   23.660  1.00 0.52 ? 111 DC  B "C3'"  1 
ATOM   326  O  "O3'"  . DC  A 1 11 ? 5.063   0.851   23.988  1.00 0.58 ? 111 DC  B "O3'"  1 
ATOM   327  C  "C2'"  . DC  A 1 11 ? 6.557   2.623   23.290  1.00 0.51 ? 111 DC  B "C2'"  1 
ATOM   328  C  "C1'"  . DC  A 1 11 ? 6.531   3.062   21.830  1.00 0.47 ? 111 DC  B "C1'"  1 
ATOM   329  N  N1     . DC  A 1 11 ? 7.230   4.366   21.664  1.00 0.47 ? 111 DC  B N1     1 
ATOM   330  C  C2     . DC  A 1 11 ? 8.410   4.393   20.924  1.00 0.47 ? 111 DC  B C2     1 
ATOM   331  O  O2     . DC  A 1 11 ? 8.842   3.360   20.420  1.00 0.48 ? 111 DC  B O2     1 
ATOM   332  N  N3     . DC  A 1 11 ? 9.057   5.581   20.782  1.00 0.50 ? 111 DC  B N3     1 
ATOM   333  C  C4     . DC  A 1 11 ? 8.575   6.699   21.336  1.00 0.53 ? 111 DC  B C4     1 
ATOM   334  N  N4     . DC  A 1 11 ? 9.234   7.847   21.174  1.00 0.59 ? 111 DC  B N4     1 
ATOM   335  C  C5     . DC  A 1 11 ? 7.364   6.679   22.098  1.00 0.53 ? 111 DC  B C5     1 
ATOM   336  C  C6     . DC  A 1 11 ? 6.729   5.500   22.236  1.00 0.49 ? 111 DC  B C6     1 
ATOM   337  H  "H5'"  . DC  A 1 11 ? 2.495   3.588   21.848  1.00 0.53 ? 111 DC  B "H5'"  1 
ATOM   338  H  "H5''" . DC  A 1 11 ? 2.499   3.001   23.523  1.00 0.54 ? 111 DC  B "H5''" 1 
ATOM   339  H  "H4'"  . DC  A 1 11 ? 3.906   1.613   22.016  1.00 0.50 ? 111 DC  B "H4'"  1 
ATOM   340  H  "H3'"  . DC  A 1 11 ? 4.803   2.833   24.518  1.00 0.54 ? 111 DC  B "H3'"  1 
ATOM   341  H  "H2'"  . DC  A 1 11 ? 6.903   3.449   23.916  1.00 0.54 ? 111 DC  B "H2'"  1 
ATOM   342  H  "H2''" . DC  A 1 11 ? 7.216   1.762   23.419  1.00 0.56 ? 111 DC  B "H2''" 1 
ATOM   343  H  "H1'"  . DC  A 1 11 ? 7.014   2.296   21.214  1.00 0.48 ? 111 DC  B "H1'"  1 
ATOM   344  H  H41    . DC  A 1 11 ? 10.088  7.867   20.637  1.00 0.61 ? 111 DC  B H41    1 
ATOM   345  H  H42    . DC  A 1 11 ? 8.877   8.696   21.588  1.00 0.64 ? 111 DC  B H42    1 
ATOM   346  H  H5     . DC  A 1 11 ? 6.969   7.589   22.551  1.00 0.57 ? 111 DC  B H5     1 
ATOM   347  H  H6     . DC  A 1 11 ? 5.808   5.450   22.813  1.00 0.49 ? 111 DC  B H6     1 
ATOM   348  O  "O5'"  . DG  B 2 1  ? 18.521  6.820   16.571  1.00 0.91 ? 112 DG  C "O5'"  1 
ATOM   349  C  "C5'"  . DG  B 2 1  ? 19.044  5.488   16.544  1.00 0.85 ? 112 DG  C "C5'"  1 
ATOM   350  C  "C4'"  . DG  B 2 1  ? 17.981  4.475   16.107  1.00 0.72 ? 112 DG  C "C4'"  1 
ATOM   351  O  "O4'"  . DG  B 2 1  ? 16.911  4.421   17.078  1.00 0.67 ? 112 DG  C "O4'"  1 
ATOM   352  C  "C3'"  . DG  B 2 1  ? 17.372  4.829   14.743  1.00 0.65 ? 112 DG  C "C3'"  1 
ATOM   353  O  "O3'"  . DG  B 2 1  ? 17.530  3.743   13.825  1.00 0.64 ? 112 DG  C "O3'"  1 
ATOM   354  C  "C2'"  . DG  B 2 1  ? 15.905  5.096   15.010  1.00 0.58 ? 112 DG  C "C2'"  1 
ATOM   355  C  "C1'"  . DG  B 2 1  ? 15.641  4.704   16.457  1.00 0.59 ? 112 DG  C "C1'"  1 
ATOM   356  N  N9     . DG  B 2 1  ? 14.932  5.784   17.177  1.00 0.57 ? 112 DG  C N9     1 
ATOM   357  C  C8     . DG  B 2 1  ? 15.259  7.105   17.295  1.00 0.62 ? 112 DG  C C8     1 
ATOM   358  N  N7     . DG  B 2 1  ? 14.428  7.820   17.993  1.00 0.62 ? 112 DG  C N7     1 
ATOM   359  C  C5     . DG  B 2 1  ? 13.458  6.897   18.377  1.00 0.57 ? 112 DG  C C5     1 
ATOM   360  C  C6     . DG  B 2 1  ? 12.285  7.080   19.158  1.00 0.56 ? 112 DG  C C6     1 
ATOM   361  O  O6     . DG  B 2 1  ? 11.866  8.114   19.674  1.00 0.61 ? 112 DG  C O6     1 
ATOM   362  N  N1     . DG  B 2 1  ? 11.583  5.890   19.311  1.00 0.52 ? 112 DG  C N1     1 
ATOM   363  C  C2     . DG  B 2 1  ? 11.959  4.675   18.777  1.00 0.51 ? 112 DG  C C2     1 
ATOM   364  N  N2     . DG  B 2 1  ? 11.154  3.643   19.034  1.00 0.51 ? 112 DG  C N2     1 
ATOM   365  N  N3     . DG  B 2 1  ? 13.061  4.499   18.043  1.00 0.52 ? 112 DG  C N3     1 
ATOM   366  C  C4     . DG  B 2 1  ? 13.759  5.647   17.883  1.00 0.54 ? 112 DG  C C4     1 
ATOM   367  H  "H5'"  . DG  B 2 1  ? 19.398  5.226   17.540  1.00 0.94 ? 112 DG  C "H5'"  1 
ATOM   368  H  "H5''" . DG  B 2 1  ? 19.880  5.449   15.846  1.00 0.92 ? 112 DG  C "H5''" 1 
ATOM   369  H  "H4'"  . DG  B 2 1  ? 18.443  3.490   16.039  1.00 0.76 ? 112 DG  C "H4'"  1 
ATOM   370  H  "H3'"  . DG  B 2 1  ? 17.845  5.724   14.325  1.00 0.70 ? 112 DG  C "H3'"  1 
ATOM   371  H  "H2'"  . DG  B 2 1  ? 15.683  6.154   14.871  1.00 0.60 ? 112 DG  C "H2'"  1 
ATOM   372  H  "H2''" . DG  B 2 1  ? 15.288  4.500   14.334  1.00 0.55 ? 112 DG  C "H2''" 1 
ATOM   373  H  "H1'"  . DG  B 2 1  ? 15.026  3.804   16.478  1.00 0.57 ? 112 DG  C "H1'"  1 
ATOM   374  H  H8     . DG  B 2 1  ? 16.155  7.529   16.839  1.00 0.66 ? 112 DG  C H8     1 
ATOM   375  H  H1     . DG  B 2 1  ? 10.734  5.943   19.855  1.00 0.52 ? 112 DG  C H1     1 
ATOM   376  H  H21    . DG  B 2 1  ? 10.322  3.777   19.589  1.00 0.51 ? 112 DG  C H21    1 
ATOM   377  H  H22    . DG  B 2 1  ? 11.378  2.727   18.672  1.00 0.52 ? 112 DG  C H22    1 
ATOM   378  P  P      . DT  B 2 2  ? 16.930  3.831   12.332  1.00 0.62 ? 113 DT  C P      1 
ATOM   379  O  OP1    . DT  B 2 2  ? 17.868  3.147   11.414  1.00 0.72 ? 113 DT  C OP1    1 
ATOM   380  O  OP2    . DT  B 2 2  ? 16.533  5.232   12.074  1.00 0.66 ? 113 DT  C OP2    1 
ATOM   381  O  "O5'"  . DT  B 2 2  ? 15.591  2.940   12.440  1.00 0.54 ? 113 DT  C "O5'"  1 
ATOM   382  C  "C5'"  . DT  B 2 2  ? 15.637  1.631   13.017  1.00 0.54 ? 113 DT  C "C5'"  1 
ATOM   383  C  "C4'"  . DT  B 2 2  ? 14.239  1.019   13.152  1.00 0.44 ? 113 DT  C "C4'"  1 
ATOM   384  O  "O4'"  . DT  B 2 2  ? 13.456  1.751   14.121  1.00 0.46 ? 113 DT  C "O4'"  1 
ATOM   385  C  "C3'"  . DT  B 2 2  ? 13.474  1.018   11.822  1.00 0.38 ? 113 DT  C "C3'"  1 
ATOM   386  O  "O3'"  . DT  B 2 2  ? 13.276  -0.319  11.354  1.00 0.39 ? 113 DT  C "O3'"  1 
ATOM   387  C  "C2'"  . DT  B 2 2  ? 12.144  1.684   12.114  1.00 0.35 ? 113 DT  C "C2'"  1 
ATOM   388  C  "C1'"  . DT  B 2 2  ? 12.145  2.047   13.596  1.00 0.39 ? 113 DT  C "C1'"  1 
ATOM   389  N  N1     . DT  B 2 2  ? 11.823  3.489   13.783  1.00 0.39 ? 113 DT  C N1     1 
ATOM   390  C  C2     . DT  B 2 2  ? 10.663  3.820   14.475  1.00 0.42 ? 113 DT  C C2     1 
ATOM   391  O  O2     . DT  B 2 2  ? 9.906   2.965   14.929  1.00 0.44 ? 113 DT  C O2     1 
ATOM   392  N  N3     . DT  B 2 2  ? 10.410  5.171   14.624  1.00 0.45 ? 113 DT  C N3     1 
ATOM   393  C  C4     . DT  B 2 2  ? 11.195  6.205   14.150  1.00 0.47 ? 113 DT  C C4     1 
ATOM   394  O  O4     . DT  B 2 2  ? 10.873  7.376   14.342  1.00 0.53 ? 113 DT  C O4     1 
ATOM   395  C  C5     . DT  B 2 2  ? 12.376  5.768   13.439  1.00 0.44 ? 113 DT  C C5     1 
ATOM   396  C  C7     . DT  B 2 2  ? 13.314  6.803   12.828  1.00 0.49 ? 113 DT  C C7     1 
ATOM   397  C  C6     . DT  B 2 2  ? 12.652  4.458   13.284  1.00 0.40 ? 113 DT  C C6     1 
ATOM   398  H  "H5'"  . DT  B 2 2  ? 16.093  1.695   14.005  1.00 0.65 ? 113 DT  C "H5'"  1 
ATOM   399  H  "H5''" . DT  B 2 2  ? 16.248  0.986   12.385  1.00 0.67 ? 113 DT  C "H5''" 1 
ATOM   400  H  "H4'"  . DT  B 2 2  ? 14.342  -0.010  13.494  1.00 0.47 ? 113 DT  C "H4'"  1 
ATOM   401  H  "H3'"  . DT  B 2 2  ? 14.017  1.589   11.063  1.00 0.41 ? 113 DT  C "H3'"  1 
ATOM   402  H  "H2'"  . DT  B 2 2  ? 12.030  2.589   11.512  1.00 0.35 ? 113 DT  C "H2'"  1 
ATOM   403  H  "H2''" . DT  B 2 2  ? 11.330  0.991   11.892  1.00 0.36 ? 113 DT  C "H2''" 1 
ATOM   404  H  "H1'"  . DT  B 2 2  ? 11.412  1.426   14.123  1.00 0.43 ? 113 DT  C "H1'"  1 
ATOM   405  H  H3     . DT  B 2 2  ? 9.573   5.426   15.129  1.00 0.49 ? 113 DT  C H3     1 
ATOM   406  H  H71    . DT  B 2 2  ? 14.344  6.538   13.059  1.00 1.11 ? 113 DT  C H71    1 
ATOM   407  H  H72    . DT  B 2 2  ? 13.093  7.789   13.237  1.00 1.12 ? 113 DT  C H72    1 
ATOM   408  H  H73    . DT  B 2 2  ? 13.180  6.821   11.747  1.00 1.20 ? 113 DT  C H73    1 
ATOM   409  H  H6     . DT  B 2 2  ? 13.561  4.165   12.759  1.00 0.42 ? 113 DT  C H6     1 
ATOM   410  P  P      . DA  B 2 3  ? 12.486  -0.594  9.979   1.00 0.40 ? 114 DA  C P      1 
ATOM   411  O  OP1    . DA  B 2 3  ? 12.819  -1.961  9.519   1.00 0.50 ? 114 DA  C OP1    1 
ATOM   412  O  OP2    . DA  B 2 3  ? 12.710  0.560   9.080   1.00 0.46 ? 114 DA  C OP2    1 
ATOM   413  O  "O5'"  . DA  B 2 3  ? 10.945  -0.580  10.447  1.00 0.40 ? 114 DA  C "O5'"  1 
ATOM   414  C  "C5'"  . DA  B 2 3  ? 10.432  -1.623  11.280  1.00 0.39 ? 114 DA  C "C5'"  1 
ATOM   415  C  "C4'"  . DA  B 2 3  ? 8.962   -1.388  11.645  1.00 0.34 ? 114 DA  C "C4'"  1 
ATOM   416  O  "O4'"  . DA  B 2 3  ? 8.814   -0.129  12.344  1.00 0.35 ? 114 DA  C "O4'"  1 
ATOM   417  C  "C3'"  . DA  B 2 3  ? 8.054   -1.356  10.407  1.00 0.32 ? 114 DA  C "C3'"  1 
ATOM   418  O  "O3'"  . DA  B 2 3  ? 6.985   -2.303  10.556  1.00 0.34 ? 114 DA  C "O3'"  1 
ATOM   419  C  "C2'"  . DA  B 2 3  ? 7.526   0.062   10.336  1.00 0.33 ? 114 DA  C "C2'"  1 
ATOM   420  C  "C1'"  . DA  B 2 3  ? 7.870   0.723   11.663  1.00 0.30 ? 114 DA  C "C1'"  1 
ATOM   421  N  N9     . DA  B 2 3  ? 8.430   2.073   11.459  1.00 0.30 ? 114 DA  C N9     1 
ATOM   422  C  C8     . DA  B 2 3  ? 9.484   2.465   10.684  1.00 0.33 ? 114 DA  C C8     1 
ATOM   423  N  N7     . DA  B 2 3  ? 9.754   3.737   10.726  1.00 0.36 ? 114 DA  C N7     1 
ATOM   424  C  C5     . DA  B 2 3  ? 8.794   4.234   11.607  1.00 0.34 ? 114 DA  C C5     1 
ATOM   425  C  C6     . DA  B 2 3  ? 8.524   5.520   12.089  1.00 0.38 ? 114 DA  C C6     1 
ATOM   426  N  N6     . DA  B 2 3  ? 9.234   6.594   11.741  1.00 0.44 ? 114 DA  C N6     1 
ATOM   427  N  N1     . DA  B 2 3  ? 7.499   5.657   12.947  1.00 0.38 ? 114 DA  C N1     1 
ATOM   428  C  C2     . DA  B 2 3  ? 6.781   4.594   13.311  1.00 0.36 ? 114 DA  C C2     1 
ATOM   429  N  N3     . DA  B 2 3  ? 6.952   3.338   12.915  1.00 0.32 ? 114 DA  C N3     1 
ATOM   430  C  C4     . DA  B 2 3  ? 7.986   3.230   12.055  1.00 0.31 ? 114 DA  C C4     1 
ATOM   431  H  "H5'"  . DA  B 2 3  ? 11.022  -1.669  12.196  1.00 0.49 ? 114 DA  C "H5'"  1 
ATOM   432  H  "H5''" . DA  B 2 3  ? 10.519  -2.574  10.753  1.00 0.45 ? 114 DA  C "H5''" 1 
ATOM   433  H  "H4'"  . DA  B 2 3  ? 8.632   -2.193  12.301  1.00 0.36 ? 114 DA  C "H4'"  1 
ATOM   434  H  "H3'"  . DA  B 2 3  ? 8.622   -1.592  9.501   1.00 0.34 ? 114 DA  C "H3'"  1 
ATOM   435  H  "H2'"  . DA  B 2 3  ? 8.004   0.606   9.519   1.00 0.37 ? 114 DA  C "H2'"  1 
ATOM   436  H  "H2''" . DA  B 2 3  ? 6.450   0.053   10.190  1.00 0.38 ? 114 DA  C "H2''" 1 
ATOM   437  H  "H1'"  . DA  B 2 3  ? 6.963   0.804   12.269  1.00 0.31 ? 114 DA  C "H1'"  1 
ATOM   438  H  H8     . DA  B 2 3  ? 10.055  1.766   10.073  1.00 0.36 ? 114 DA  C H8     1 
ATOM   439  H  H61    . DA  B 2 3  ? 8.997   7.500   12.119  1.00 0.47 ? 114 DA  C H61    1 
ATOM   440  H  H62    . DA  B 2 3  ? 10.007  6.501   11.099  1.00 0.46 ? 114 DA  C H62    1 
ATOM   441  H  H2     . DA  B 2 3  ? 5.964   4.776   14.010  1.00 0.39 ? 114 DA  C H2     1 
ATOM   442  P  P      . DC  B 2 4  ? 5.777   -2.386  9.489   1.00 0.38 ? 115 DC  C P      1 
ATOM   443  O  OP1    . DC  B 2 4  ? 5.254   -3.770  9.488   1.00 0.48 ? 115 DC  C OP1    1 
ATOM   444  O  OP2    . DC  B 2 4  ? 6.233   -1.767  8.224   1.00 0.42 ? 115 DC  C OP2    1 
ATOM   445  O  "O5'"  . DC  B 2 4  ? 4.663   -1.424  10.150  1.00 0.33 ? 115 DC  C "O5'"  1 
ATOM   446  C  "C5'"  . DC  B 2 4  ? 4.364   -1.520  11.547  1.00 0.37 ? 115 DC  C "C5'"  1 
ATOM   447  C  "C4'"  . DC  B 2 4  ? 3.275   -0.525  11.977  1.00 0.34 ? 115 DC  C "C4'"  1 
ATOM   448  O  "O4'"  . DC  B 2 4  ? 3.858   0.739   12.366  1.00 0.37 ? 115 DC  C "O4'"  1 
ATOM   449  C  "C3'"  . DC  B 2 4  ? 2.260   -0.251  10.864  1.00 0.31 ? 115 DC  C "C3'"  1 
ATOM   450  O  "O3'"  . DC  B 2 4  ? 1.028   -0.934  11.112  1.00 0.36 ? 115 DC  C "O3'"  1 
ATOM   451  C  "C2'"  . DC  B 2 4  ? 2.055   1.251   10.869  1.00 0.30 ? 115 DC  C "C2'"  1 
ATOM   452  C  "C1'"  . DC  B 2 4  ? 3.140   1.839   11.766  1.00 0.34 ? 115 DC  C "C1'"  1 
ATOM   453  N  N1     . DC  B 2 4  ? 4.072   2.689   10.972  1.00 0.35 ? 115 DC  C N1     1 
ATOM   454  C  C2     . DC  B 2 4  ? 4.272   4.006   11.375  1.00 0.44 ? 115 DC  C C2     1 
ATOM   455  O  O2     . DC  B 2 4  ? 3.672   4.449   12.351  1.00 0.50 ? 115 DC  C O2     1 
ATOM   456  N  N3     . DC  B 2 4  ? 5.141   4.774   10.663  1.00 0.50 ? 115 DC  C N3     1 
ATOM   457  C  C4     . DC  B 2 4  ? 5.788   4.278   9.602   1.00 0.48 ? 115 DC  C C4     1 
ATOM   458  N  N4     . DC  B 2 4  ? 6.634   5.050   8.931   1.00 0.58 ? 115 DC  C N4     1 
ATOM   459  C  C5     . DC  B 2 4  ? 5.587   2.931   9.180   1.00 0.40 ? 115 DC  C C5     1 
ATOM   460  C  C6     . DC  B 2 4  ? 4.725   2.174   9.889   1.00 0.33 ? 115 DC  C C6     1 
ATOM   461  H  "H5'"  . DC  B 2 4  ? 5.272   -1.318  12.117  1.00 0.48 ? 115 DC  C "H5'"  1 
ATOM   462  H  "H5''" . DC  B 2 4  ? 4.029   -2.534  11.765  1.00 0.46 ? 115 DC  C "H5''" 1 
ATOM   463  H  "H4'"  . DC  B 2 4  ? 2.743   -0.937  12.835  1.00 0.38 ? 115 DC  C "H4'"  1 
ATOM   464  H  "H3'"  . DC  B 2 4  ? 2.661   -0.566  9.896   1.00 0.31 ? 115 DC  C "H3'"  1 
ATOM   465  H  "H2'"  . DC  B 2 4  ? 2.146   1.656   9.861   1.00 0.28 ? 115 DC  C "H2'"  1 
ATOM   466  H  "H2''" . DC  B 2 4  ? 1.065   1.483   11.269  1.00 0.33 ? 115 DC  C "H2''" 1 
ATOM   467  H  "H1'"  . DC  B 2 4  ? 2.674   2.431   12.560  1.00 0.40 ? 115 DC  C "H1'"  1 
ATOM   468  H  H41    . DC  B 2 4  ? 6.785   6.006   9.221   1.00 0.65 ? 115 DC  C H41    1 
ATOM   469  H  H42    . DC  B 2 4  ? 7.128   4.683   8.130   1.00 0.60 ? 115 DC  C H42    1 
ATOM   470  H  H5     . DC  B 2 4  ? 6.114   2.533   8.311   1.00 0.44 ? 115 DC  C H5     1 
ATOM   471  H  H6     . DC  B 2 4  ? 4.537   1.146   9.590   1.00 0.31 ? 115 DC  C H6     1 
ATOM   472  P  P      . DT  B 2 5  ? -0.137  -0.946  10.001  1.00 0.41 ? 116 DT  C P      1 
ATOM   473  O  OP1    . DT  B 2 5  ? -1.212  -1.848  10.467  1.00 0.52 ? 116 DT  C OP1    1 
ATOM   474  O  OP2    . DT  B 2 5  ? 0.488   -1.164  8.677   1.00 0.45 ? 116 DT  C OP2    1 
ATOM   475  O  "O5'"  . DT  B 2 5  ? -0.688  0.566   10.052  1.00 0.40 ? 116 DT  C "O5'"  1 
ATOM   476  C  "C5'"  . DT  B 2 5  ? -1.641  0.956   11.045  1.00 0.41 ? 116 DT  C "C5'"  1 
ATOM   477  C  "C4'"  . DT  B 2 5  ? -2.184  2.365   10.785  1.00 0.38 ? 116 DT  C "C4'"  1 
ATOM   478  O  "O4'"  . DT  B 2 5  ? -1.097  3.286   10.545  1.00 0.35 ? 116 DT  C "O4'"  1 
ATOM   479  C  "C3'"  . DT  B 2 5  ? -3.128  2.409   9.577   1.00 0.39 ? 116 DT  C "C3'"  1 
ATOM   480  O  "O3'"  . DT  B 2 5  ? -4.450  2.774   9.984   1.00 0.47 ? 116 DT  C "O3'"  1 
ATOM   481  C  "C2'"  . DT  B 2 5  ? -2.549  3.449   8.640   1.00 0.36 ? 116 DT  C "C2'"  1 
ATOM   482  C  "C1'"  . DT  B 2 5  ? -1.297  4.007   9.311   1.00 0.32 ? 116 DT  C "C1'"  1 
ATOM   483  N  N1     . DT  B 2 5  ? -0.110  3.851   8.425   1.00 0.28 ? 116 DT  C N1     1 
ATOM   484  C  C2     . DT  B 2 5  ? 0.527   4.998   7.968   1.00 0.31 ? 116 DT  C C2     1 
ATOM   485  O  O2     . DT  B 2 5  ? 0.126   6.124   8.251   1.00 0.36 ? 116 DT  C O2     1 
ATOM   486  N  N3     . DT  B 2 5  ? 1.641   4.799   7.173   1.00 0.31 ? 116 DT  C N3     1 
ATOM   487  C  C4     . DT  B 2 5  ? 2.168   3.577   6.797   1.00 0.30 ? 116 DT  C C4     1 
ATOM   488  O  O4     . DT  B 2 5  ? 3.175   3.520   6.092   1.00 0.35 ? 116 DT  C O4     1 
ATOM   489  C  C5     . DT  B 2 5  ? 1.438   2.437   7.314   1.00 0.28 ? 116 DT  C C5     1 
ATOM   490  C  C7     . DT  B 2 5  ? 1.898   1.020   6.959   1.00 0.34 ? 116 DT  C C7     1 
ATOM   491  C  C6     . DT  B 2 5  ? 0.348   2.604   8.093   1.00 0.28 ? 116 DT  C C6     1 
ATOM   492  H  "H5'"  . DT  B 2 5  ? -1.163  0.934   12.025  1.00 0.45 ? 116 DT  C "H5'"  1 
ATOM   493  H  "H5''" . DT  B 2 5  ? -2.470  0.249   11.039  1.00 0.45 ? 116 DT  C "H5''" 1 
ATOM   494  H  "H4'"  . DT  B 2 5  ? -2.733  2.694   11.668  1.00 0.43 ? 116 DT  C "H4'"  1 
ATOM   495  H  "H3'"  . DT  B 2 5  ? -3.162  1.435   9.077   1.00 0.42 ? 116 DT  C "H3'"  1 
ATOM   496  H  "H2'"  . DT  B 2 5  ? -2.283  2.995   7.683   1.00 0.36 ? 116 DT  C "H2'"  1 
ATOM   497  H  "H2''" . DT  B 2 5  ? -3.279  4.245   8.480   1.00 0.39 ? 116 DT  C "H2''" 1 
ATOM   498  H  "H1'"  . DT  B 2 5  ? -1.453  5.066   9.548   1.00 0.35 ? 116 DT  C "H1'"  1 
ATOM   499  H  H3     . DT  B 2 5  ? 2.111   5.625   6.831   1.00 0.36 ? 116 DT  C H3     1 
ATOM   500  H  H71    . DT  B 2 5  ? 2.774   1.069   6.312   1.00 1.04 ? 116 DT  C H71    1 
ATOM   501  H  H72    . DT  B 2 5  ? 1.092   0.497   6.444   1.00 1.10 ? 116 DT  C H72    1 
ATOM   502  H  H73    . DT  B 2 5  ? 2.153   0.481   7.868   1.00 1.04 ? 116 DT  C H73    1 
ATOM   503  H  H6     . DT  B 2 5  ? -0.183  1.728   8.464   1.00 0.31 ? 116 DT  C H6     1 
ATOM   504  P  P      . DC  B 2 6  ? -5.630  2.928   8.900   1.00 0.85 ? 117 DC  C P      1 
ATOM   505  O  OP1    . DC  B 2 6  ? -6.916  3.023   9.626   1.00 1.47 ? 117 DC  C OP1    1 
ATOM   506  O  OP2    . DC  B 2 6  ? -5.443  1.889   7.862   1.00 1.46 ? 117 DC  C OP2    1 
ATOM   507  O  "O5'"  . DC  B 2 6  ? -5.318  4.363   8.239   1.00 0.60 ? 117 DC  C "O5'"  1 
ATOM   508  C  "C5'"  . DC  B 2 6  ? -5.722  5.567   8.896   1.00 0.51 ? 117 DC  C "C5'"  1 
ATOM   509  C  "C4'"  . DC  B 2 6  ? -5.283  6.809   8.114   1.00 0.40 ? 117 DC  C "C4'"  1 
ATOM   510  O  "O4'"  . DC  B 2 6  ? -3.905  6.678   7.698   1.00 0.36 ? 117 DC  C "O4'"  1 
ATOM   511  C  "C3'"  . DC  B 2 6  ? -6.139  7.040   6.858   1.00 0.39 ? 117 DC  C "C3'"  1 
ATOM   512  O  "O3'"  . DC  B 2 6  ? -6.773  8.323   6.907   1.00 0.41 ? 117 DC  C "O3'"  1 
ATOM   513  C  "C2'"  . DC  B 2 6  ? -5.173  6.971   5.699   1.00 0.39 ? 117 DC  C "C2'"  1 
ATOM   514  C  "C1'"  . DC  B 2 6  ? -3.776  7.005   6.301   1.00 0.34 ? 117 DC  C "C1'"  1 
ATOM   515  N  N1     . DC  B 2 6  ? -2.883  6.049   5.600   1.00 0.33 ? 117 DC  C N1     1 
ATOM   516  C  C2     . DC  B 2 6  ? -1.828  6.569   4.860   1.00 0.37 ? 117 DC  C C2     1 
ATOM   517  O  O2     . DC  B 2 6  ? -1.639  7.782   4.833   1.00 0.43 ? 117 DC  C O2     1 
ATOM   518  N  N3     . DC  B 2 6  ? -1.023  5.708   4.185   1.00 0.38 ? 117 DC  C N3     1 
ATOM   519  C  C4     . DC  B 2 6  ? -1.239  4.390   4.230   1.00 0.37 ? 117 DC  C C4     1 
ATOM   520  N  N4     . DC  B 2 6  ? -0.447  3.581   3.533   1.00 0.41 ? 117 DC  C N4     1 
ATOM   521  C  C5     . DC  B 2 6  ? -2.319  3.844   4.991   1.00 0.35 ? 117 DC  C C5     1 
ATOM   522  C  C6     . DC  B 2 6  ? -3.111  4.705   5.658   1.00 0.33 ? 117 DC  C C6     1 
ATOM   523  H  "H5'"  . DC  B 2 6  ? -5.276  5.596   9.890   1.00 0.64 ? 117 DC  C "H5'"  1 
ATOM   524  H  "H5''" . DC  B 2 6  ? -6.808  5.573   8.994   1.00 0.52 ? 117 DC  C "H5''" 1 
ATOM   525  H  "H4'"  . DC  B 2 6  ? -5.372  7.680   8.764   1.00 0.45 ? 117 DC  C "H4'"  1 
ATOM   526  H  "H3'"  . DC  B 2 6  ? -6.900  6.261   6.757   1.00 0.46 ? 117 DC  C "H3'"  1 
ATOM   527  H  "H2'"  . DC  B 2 6  ? -5.314  6.042   5.148   1.00 0.45 ? 117 DC  C "H2'"  1 
ATOM   528  H  "H2''" . DC  B 2 6  ? -5.321  7.814   5.032   1.00 0.44 ? 117 DC  C "H2''" 1 
ATOM   529  H  "H1'"  . DC  B 2 6  ? -3.377  8.022   6.222   1.00 0.39 ? 117 DC  C "H1'"  1 
ATOM   530  H  H41    . DC  B 2 6  ? 0.323   3.965   3.000   1.00 0.44 ? 117 DC  C H41    1 
ATOM   531  H  H42    . DC  B 2 6  ? -0.609  2.584   3.544   1.00 0.43 ? 117 DC  C H42    1 
ATOM   532  H  H5     . DC  B 2 6  ? -2.493  2.769   5.031   1.00 0.40 ? 117 DC  C H5     1 
ATOM   533  H  H6     . DC  B 2 6  ? -3.947  4.324   6.244   1.00 0.36 ? 117 DC  C H6     1 
ATOM   534  P  P      . DT  B 2 7  ? -7.710  8.826   5.695   1.00 0.45 ? 118 DT  C P      1 
ATOM   535  O  OP1    . DT  B 2 7  ? -8.470  10.009  6.158   1.00 0.54 ? 118 DT  C OP1    1 
ATOM   536  O  OP2    . DT  B 2 7  ? -8.432  7.653   5.154   1.00 0.48 ? 118 DT  C OP2    1 
ATOM   537  O  "O5'"  . DT  B 2 7  ? -6.642  9.313   4.589   1.00 0.41 ? 118 DT  C "O5'"  1 
ATOM   538  C  "C5'"  . DT  B 2 7  ? -5.730  10.384  4.862   1.00 0.43 ? 118 DT  C "C5'"  1 
ATOM   539  C  "C4'"  . DT  B 2 7  ? -5.012  10.849  3.591   1.00 0.41 ? 118 DT  C "C4'"  1 
ATOM   540  O  "O4'"  . DT  B 2 7  ? -3.908  9.960   3.300   1.00 0.39 ? 118 DT  C "O4'"  1 
ATOM   541  C  "C3'"  . DT  B 2 7  ? -5.937  10.868  2.365   1.00 0.41 ? 118 DT  C "C3'"  1 
ATOM   542  O  "O3'"  . DT  B 2 7  ? -6.205  12.203  1.930   1.00 0.47 ? 118 DT  C "O3'"  1 
ATOM   543  C  "C2'"  . DT  B 2 7  ? -5.180  10.132  1.279   1.00 0.38 ? 118 DT  C "C2'"  1 
ATOM   544  C  "C1'"  . DT  B 2 7  ? -3.858  9.670   1.889   1.00 0.37 ? 118 DT  C "C1'"  1 
ATOM   545  N  N1     . DT  B 2 7  ? -3.631  8.214   1.635   1.00 0.33 ? 118 DT  C N1     1 
ATOM   546  C  C2     . DT  B 2 7  ? -2.493  7.850   0.927   1.00 0.34 ? 118 DT  C C2     1 
ATOM   547  O  O2     . DT  B 2 7  ? -1.670  8.681   0.547   1.00 0.38 ? 118 DT  C O2     1 
ATOM   548  N  N3     . DT  B 2 7  ? -2.335  6.502   0.673   1.00 0.34 ? 118 DT  C N3     1 
ATOM   549  C  C4     . DT  B 2 7  ? -3.196  5.494   1.055   1.00 0.33 ? 118 DT  C C4     1 
ATOM   550  O  O4     . DT  B 2 7  ? -2.953  4.323   0.771   1.00 0.35 ? 118 DT  C O4     1 
ATOM   551  C  C5     . DT  B 2 7  ? -4.353  5.953   1.784   1.00 0.33 ? 118 DT  C C5     1 
ATOM   552  C  C7     . DT  B 2 7  ? -5.404  4.934   2.221   1.00 0.36 ? 118 DT  C C7     1 
ATOM   553  C  C6     . DT  B 2 7  ? -4.534  7.266   2.053   1.00 0.33 ? 118 DT  C C6     1 
ATOM   554  H  "H5'"  . DT  B 2 7  ? -4.987  10.045  5.583   1.00 0.47 ? 118 DT  C "H5'"  1 
ATOM   555  H  "H5''" . DT  B 2 7  ? -6.276  11.225  5.288   1.00 0.50 ? 118 DT  C "H5''" 1 
ATOM   556  H  "H4'"  . DT  B 2 7  ? -4.621  11.851  3.754   1.00 0.45 ? 118 DT  C "H4'"  1 
ATOM   557  H  "H3'"  . DT  B 2 7  ? -6.880  10.355  2.580   1.00 0.42 ? 118 DT  C "H3'"  1 
ATOM   558  H  "H2'"  . DT  B 2 7  ? -5.754  9.277   0.922   1.00 0.37 ? 118 DT  C "H2'"  1 
ATOM   559  H  "H2''" . DT  B 2 7  ? -4.988  10.812  0.449   1.00 0.41 ? 118 DT  C "H2''" 1 
ATOM   560  H  "H1'"  . DT  B 2 7  ? -3.041  10.254  1.451   1.00 0.40 ? 118 DT  C "H1'"  1 
ATOM   561  H  H3     . DT  B 2 7  ? -1.514  6.228   0.159   1.00 0.36 ? 118 DT  C H3     1 
ATOM   562  H  H71    . DT  B 2 7  ? -5.143  4.538   3.200   1.00 1.05 ? 118 DT  C H71    1 
ATOM   563  H  H72    . DT  B 2 7  ? -5.435  4.117   1.499   1.00 1.09 ? 118 DT  C H72    1 
ATOM   564  H  H73    . DT  B 2 7  ? -6.384  5.410   2.268   1.00 1.12 ? 118 DT  C H73    1 
ATOM   565  H  H6     . DT  B 2 7  ? -5.409  7.576   2.623   1.00 0.35 ? 118 DT  C H6     1 
ATOM   566  P  P      . DC  B 2 8  ? -7.092  12.457  0.606   1.00 0.50 ? 119 DC  C P      1 
ATOM   567  O  OP1    . DC  B 2 8  ? -7.726  13.788  0.717   1.00 0.60 ? 119 DC  C OP1    1 
ATOM   568  O  OP2    . DC  B 2 8  ? -7.930  11.260  0.375   1.00 0.50 ? 119 DC  C OP2    1 
ATOM   569  O  "O5'"  . DC  B 2 8  ? -5.977  12.521  -0.556  1.00 0.48 ? 119 DC  C "O5'"  1 
ATOM   570  C  "C5'"  . DC  B 2 8  ? -4.821  13.348  -0.400  1.00 0.52 ? 119 DC  C "C5'"  1 
ATOM   571  C  "C4'"  . DC  B 2 8  ? -3.803  13.135  -1.526  1.00 0.46 ? 119 DC  C "C4'"  1 
ATOM   572  O  "O4'"  . DC  B 2 8  ? -3.151  11.853  -1.380  1.00 0.45 ? 119 DC  C "O4'"  1 
ATOM   573  C  "C3'"  . DC  B 2 8  ? -4.447  13.186  -2.918  1.00 0.45 ? 119 DC  C "C3'"  1 
ATOM   574  O  "O3'"  . DC  B 2 8  ? -3.978  14.322  -3.649  1.00 0.49 ? 119 DC  C "O3'"  1 
ATOM   575  C  "C2'"  . DC  B 2 8  ? -4.024  11.905  -3.610  1.00 0.41 ? 119 DC  C "C2'"  1 
ATOM   576  C  "C1'"  . DC  B 2 8  ? -3.093  11.170  -2.650  1.00 0.40 ? 119 DC  C "C1'"  1 
ATOM   577  N  N1     . DC  B 2 8  ? -3.495  9.741   -2.501  1.00 0.37 ? 119 DC  C N1     1 
ATOM   578  C  C2     . DC  B 2 8  ? -2.580  8.759   -2.875  1.00 0.39 ? 119 DC  C C2     1 
ATOM   579  O  O2     . DC  B 2 8  ? -1.484  9.082   -3.327  1.00 0.44 ? 119 DC  C O2     1 
ATOM   580  N  N3     . DC  B 2 8  ? -2.933  7.453   -2.727  1.00 0.39 ? 119 DC  C N3     1 
ATOM   581  C  C4     . DC  B 2 8  ? -4.130  7.115   -2.234  1.00 0.37 ? 119 DC  C C4     1 
ATOM   582  N  N4     . DC  B 2 8  ? -4.441  5.826   -2.100  1.00 0.39 ? 119 DC  C N4     1 
ATOM   583  C  C5     . DC  B 2 8  ? -5.076  8.116   -1.848  1.00 0.37 ? 119 DC  C C5     1 
ATOM   584  C  C6     . DC  B 2 8  ? -4.721  9.407   -1.998  1.00 0.37 ? 119 DC  C C6     1 
ATOM   585  H  "H5'"  . DC  B 2 8  ? -4.348  13.117  0.554   1.00 0.59 ? 119 DC  C "H5'"  1 
ATOM   586  H  "H5''" . DC  B 2 8  ? -5.132  14.392  -0.397  1.00 0.63 ? 119 DC  C "H5''" 1 
ATOM   587  H  "H4'"  . DC  B 2 8  ? -3.047  13.918  -1.463  1.00 0.49 ? 119 DC  C "H4'"  1 
ATOM   588  H  "H3'"  . DC  B 2 8  ? -5.538  13.228  -2.840  1.00 0.48 ? 119 DC  C "H3'"  1 
ATOM   589  H  "H2'"  . DC  B 2 8  ? -4.895  11.286  -3.832  1.00 0.41 ? 119 DC  C "H2'"  1 
ATOM   590  H  "H2''" . DC  B 2 8  ? -3.499  12.146  -4.537  1.00 0.44 ? 119 DC  C "H2''" 1 
ATOM   591  H  "H1'"  . DC  B 2 8  ? -2.066  11.231  -3.027  1.00 0.43 ? 119 DC  C "H1'"  1 
ATOM   592  H  H41    . DC  B 2 8  ? -3.776  5.116   -2.370  1.00 0.43 ? 119 DC  C H41    1 
ATOM   593  H  H42    . DC  B 2 8  ? -5.341  5.560   -1.727  1.00 0.40 ? 119 DC  C H42    1 
ATOM   594  H  H5     . DC  B 2 8  ? -6.051  7.842   -1.445  1.00 0.39 ? 119 DC  C H5     1 
ATOM   595  H  H6     . DC  B 2 8  ? -5.425  10.191  -1.726  1.00 0.40 ? 119 DC  C H6     1 
ATOM   596  P  P      . DG  B 2 9  ? -4.515  14.617  -5.138  1.00 0.49 ? 120 DG  C P      1 
ATOM   597  O  OP1    . DG  B 2 9  ? -4.272  16.044  -5.444  1.00 0.59 ? 120 DG  C OP1    1 
ATOM   598  O  OP2    . DG  B 2 9  ? -5.881  14.059  -5.257  1.00 0.51 ? 120 DG  C OP2    1 
ATOM   599  O  "O5'"  . DG  B 2 9  ? -3.528  13.731  -6.053  1.00 0.47 ? 120 DG  C "O5'"  1 
ATOM   600  C  "C5'"  . DG  B 2 9  ? -2.124  14.005  -6.080  1.00 0.51 ? 120 DG  C "C5'"  1 
ATOM   601  C  "C4'"  . DG  B 2 9  ? -1.389  13.099  -7.075  1.00 0.46 ? 120 DG  C "C4'"  1 
ATOM   602  O  "O4'"  . DG  B 2 9  ? -1.501  11.714  -6.671  1.00 0.44 ? 120 DG  C "O4'"  1 
ATOM   603  C  "C3'"  . DG  B 2 9  ? -1.946  13.229  -8.501  1.00 0.45 ? 120 DG  C "C3'"  1 
ATOM   604  O  "O3'"  . DG  B 2 9  ? -0.909  13.632  -9.408  1.00 0.51 ? 120 DG  C "O3'"  1 
ATOM   605  C  "C2'"  . DG  B 2 9  ? -2.466  11.852  -8.857  1.00 0.46 ? 120 DG  C "C2'"  1 
ATOM   606  C  "C1'"  . DG  B 2 9  ? -2.010  10.909  -7.755  1.00 0.41 ? 120 DG  C "C1'"  1 
ATOM   607  N  N9     . DG  B 2 9  ? -3.119  10.047  -7.298  1.00 0.36 ? 120 DG  C N9     1 
ATOM   608  C  C8     . DG  B 2 9  ? -4.295  10.394  -6.697  1.00 0.38 ? 120 DG  C C8     1 
ATOM   609  N  N7     . DG  B 2 9  ? -5.074  9.398   -6.392  1.00 0.38 ? 120 DG  C N7     1 
ATOM   610  C  C5     . DG  B 2 9  ? -4.356  8.286   -6.831  1.00 0.35 ? 120 DG  C C5     1 
ATOM   611  C  C6     . DG  B 2 9  ? -4.689  6.905   -6.775  1.00 0.36 ? 120 DG  C C6     1 
ATOM   612  O  O6     . DG  B 2 9  ? -5.704  6.384   -6.317  1.00 0.41 ? 120 DG  C O6     1 
ATOM   613  N  N1     . DG  B 2 9  ? -3.688  6.117   -7.329  1.00 0.34 ? 120 DG  C N1     1 
ATOM   614  C  C2     . DG  B 2 9  ? -2.513  6.593   -7.869  1.00 0.33 ? 120 DG  C C2     1 
ATOM   615  N  N2     . DG  B 2 9  ? -1.672  5.679   -8.353  1.00 0.36 ? 120 DG  C N2     1 
ATOM   616  N  N3     . DG  B 2 9  ? -2.196  7.890   -7.922  1.00 0.33 ? 120 DG  C N3     1 
ATOM   617  C  C4     . DG  B 2 9  ? -3.159  8.675   -7.387  1.00 0.33 ? 120 DG  C C4     1 
ATOM   618  H  "H5'"  . DG  B 2 9  ? -1.712  13.846  -5.084  1.00 0.59 ? 120 DG  C "H5'"  1 
ATOM   619  H  "H5''" . DG  B 2 9  ? -1.971  15.045  -6.367  1.00 0.58 ? 120 DG  C "H5''" 1 
ATOM   620  H  "H4'"  . DG  B 2 9  ? -0.335  13.376  -7.085  1.00 0.49 ? 120 DG  C "H4'"  1 
ATOM   621  H  "H3'"  . DG  B 2 9  ? -2.761  13.958  -8.536  1.00 0.46 ? 120 DG  C "H3'"  1 
ATOM   622  H  "H2'"  . DG  B 2 9  ? -3.557  11.857  -8.909  1.00 0.48 ? 120 DG  C "H2'"  1 
ATOM   623  H  "H2''" . DG  B 2 9  ? -2.053  11.537  -9.810  1.00 0.57 ? 120 DG  C "H2''" 1 
ATOM   624  H  "H1'"  . DG  B 2 9  ? -1.204  10.276  -8.136  1.00 0.45 ? 120 DG  C "H1'"  1 
ATOM   625  H  H8     . DG  B 2 9  ? -4.564  11.430  -6.493  1.00 0.42 ? 120 DG  C H8     1 
ATOM   626  H  H1     . DG  B 2 9  ? -3.854  5.122   -7.327  1.00 0.36 ? 120 DG  C H1     1 
ATOM   627  H  H21    . DG  B 2 9  ? -1.913  4.700   -8.312  1.00 0.37 ? 120 DG  C H21    1 
ATOM   628  H  H22    . DG  B 2 9  ? -0.794  5.967   -8.761  1.00 0.39 ? 120 DG  C H22    1 
ATOM   629  P  P      . DG  B 2 10 ? -1.173  13.712  -10.998 1.00 0.55 ? 121 DG  C P      1 
ATOM   630  O  OP1    . DG  B 2 10 ? -0.153  14.604  -11.594 1.00 0.70 ? 121 DG  C OP1    1 
ATOM   631  O  OP2    . DG  B 2 10 ? -2.612  13.987  -11.215 1.00 0.64 ? 121 DG  C OP2    1 
ATOM   632  O  "O5'"  . DG  B 2 10 ? -0.870  12.201  -11.482 1.00 0.44 ? 121 DG  C "O5'"  1 
ATOM   633  C  "C5'"  . DG  B 2 10 ? 0.358   11.557  -11.128 1.00 0.45 ? 121 DG  C "C5'"  1 
ATOM   634  C  "C4'"  . DG  B 2 10 ? 0.586   10.266  -11.933 1.00 0.38 ? 121 DG  C "C4'"  1 
ATOM   635  O  "O4'"  . DG  B 2 10 ? -0.016  9.137   -11.259 1.00 0.36 ? 121 DG  C "O4'"  1 
ATOM   636  C  "C3'"  . DG  B 2 10 ? -0.004  10.348  -13.348 1.00 0.37 ? 121 DG  C "C3'"  1 
ATOM   637  O  "O3'"  . DG  B 2 10 ? 1.035   10.302  -14.331 1.00 0.42 ? 121 DG  C "O3'"  1 
ATOM   638  C  "C2'"  . DG  B 2 10 ? -0.917  9.145   -13.484 1.00 0.37 ? 121 DG  C "C2'"  1 
ATOM   639  C  "C1'"  . DG  B 2 10 ? -0.836  8.375   -12.170 1.00 0.34 ? 121 DG  C "C1'"  1 
ATOM   640  N  N9     . DG  B 2 10 ? -2.183  8.164   -11.602 1.00 0.33 ? 121 DG  C N9     1 
ATOM   641  C  C8     . DG  B 2 10 ? -3.113  9.091   -11.236 1.00 0.38 ? 121 DG  C C8     1 
ATOM   642  N  N7     . DG  B 2 10 ? -4.213  8.609   -10.744 1.00 0.40 ? 121 DG  C N7     1 
ATOM   643  C  C5     . DG  B 2 10 ? -4.004  7.233   -10.785 1.00 0.37 ? 121 DG  C C5     1 
ATOM   644  C  C6     . DG  B 2 10 ? -4.856  6.173   -10.379 1.00 0.40 ? 121 DG  C C6     1 
ATOM   645  O  O6     . DG  B 2 10 ? -5.983  6.244   -9.893  1.00 0.45 ? 121 DG  C O6     1 
ATOM   646  N  N1     . DG  B 2 10 ? -4.265  4.936   -10.591 1.00 0.39 ? 121 DG  C N1     1 
ATOM   647  C  C2     . DG  B 2 10 ? -3.010  4.738   -11.128 1.00 0.37 ? 121 DG  C C2     1 
ATOM   648  N  N2     . DG  B 2 10 ? -2.616  3.472   -11.255 1.00 0.43 ? 121 DG  C N2     1 
ATOM   649  N  N3     . DG  B 2 10 ? -2.204  5.734   -11.510 1.00 0.34 ? 121 DG  C N3     1 
ATOM   650  C  C4     . DG  B 2 10 ? -2.763  6.949   -11.310 1.00 0.33 ? 121 DG  C C4     1 
ATOM   651  H  "H5'"  . DG  B 2 10 ? 0.336   11.312  -10.067 1.00 0.53 ? 121 DG  C "H5'"  1 
ATOM   652  H  "H5''" . DG  B 2 10 ? 1.183   12.246  -11.316 1.00 0.52 ? 121 DG  C "H5''" 1 
ATOM   653  H  "H4'"  . DG  B 2 10 ? 1.659   10.088  -12.015 1.00 0.42 ? 121 DG  C "H4'"  1 
ATOM   654  H  "H3'"  . DG  B 2 10 ? -0.580  11.270  -13.474 1.00 0.39 ? 121 DG  C "H3'"  1 
ATOM   655  H  "H2'"  . DG  B 2 10 ? -1.946  9.467   -13.661 1.00 0.41 ? 121 DG  C "H2'"  1 
ATOM   656  H  "H2''" . DG  B 2 10 ? -0.580  8.519   -14.313 1.00 0.43 ? 121 DG  C "H2''" 1 
ATOM   657  H  "H1'"  . DG  B 2 10 ? -0.366  7.404   -12.342 1.00 0.36 ? 121 DG  C "H1'"  1 
ATOM   658  H  H8     . DG  B 2 10 ? -2.948  10.156  -11.358 1.00 0.42 ? 121 DG  C H8     1 
ATOM   659  H  H1     . DG  B 2 10 ? -4.813  4.133   -10.326 1.00 0.42 ? 121 DG  C H1     1 
ATOM   660  H  H21    . DG  B 2 10 ? -3.226  2.722   -10.965 1.00 0.46 ? 121 DG  C H21    1 
ATOM   661  H  H22    . DG  B 2 10 ? -1.706  3.262   -11.642 1.00 0.45 ? 121 DG  C H22    1 
ATOM   662  P  P      . DC  B 2 11 ? 0.677   10.304  -15.900 1.00 0.48 ? 122 DC  C P      1 
ATOM   663  O  OP1    . DC  B 2 11 ? 1.839   10.848  -16.639 1.00 0.57 ? 122 DC  C OP1    1 
ATOM   664  O  OP2    . DC  B 2 11 ? -0.658  10.920  -16.071 1.00 0.49 ? 122 DC  C OP2    1 
ATOM   665  O  "O5'"  . DC  B 2 11 ? 0.556   8.734   -16.238 1.00 0.51 ? 122 DC  C "O5'"  1 
ATOM   666  C  "C5'"  . DC  B 2 11 ? 1.692   7.875   -16.112 1.00 0.57 ? 122 DC  C "C5'"  1 
ATOM   667  C  "C4'"  . DC  B 2 11 ? 1.332   6.416   -16.409 1.00 0.60 ? 122 DC  C "C4'"  1 
ATOM   668  O  "O4'"  . DC  B 2 11 ? 0.279   5.969   -15.527 1.00 0.57 ? 122 DC  C "O4'"  1 
ATOM   669  C  "C3'"  . DC  B 2 11 ? 0.864   6.216   -17.856 1.00 0.68 ? 122 DC  C "C3'"  1 
ATOM   670  O  "O3'"  . DC  B 2 11 ? 1.782   5.388   -18.574 1.00 0.78 ? 122 DC  C "O3'"  1 
ATOM   671  C  "C2'"  . DC  B 2 11 ? -0.494  5.552   -17.762 1.00 0.68 ? 122 DC  C "C2'"  1 
ATOM   672  C  "C1'"  . DC  B 2 11 ? -0.809  5.389   -16.277 1.00 0.60 ? 122 DC  C "C1'"  1 
ATOM   673  N  N1     . DC  B 2 11 ? -2.090  6.066   -15.937 1.00 0.58 ? 122 DC  C N1     1 
ATOM   674  C  C2     . DC  B 2 11 ? -3.140  5.293   -15.450 1.00 0.58 ? 122 DC  C C2     1 
ATOM   675  O  O2     . DC  B 2 11 ? -2.997  4.080   -15.312 1.00 0.60 ? 122 DC  C O2     1 
ATOM   676  N  N3     . DC  B 2 11 ? -4.311  5.912   -15.138 1.00 0.58 ? 122 DC  C N3     1 
ATOM   677  C  C4     . DC  B 2 11 ? -4.453  7.234   -15.295 1.00 0.59 ? 122 DC  C C4     1 
ATOM   678  N  N4     . DC  B 2 11 ? -5.614  7.809   -14.982 1.00 0.63 ? 122 DC  C N4     1 
ATOM   679  C  C5     . DC  B 2 11 ? -3.379  8.036   -15.795 1.00 0.58 ? 122 DC  C C5     1 
ATOM   680  C  C6     . DC  B 2 11 ? -2.223  7.416   -16.101 1.00 0.57 ? 122 DC  C C6     1 
ATOM   681  H  "H5'"  . DC  B 2 11 ? 2.080   7.946   -15.096 1.00 0.64 ? 122 DC  C "H5'"  1 
ATOM   682  H  "H5''" . DC  B 2 11 ? 2.462   8.200   -16.811 1.00 0.66 ? 122 DC  C "H5''" 1 
ATOM   683  H  "H4'"  . DC  B 2 11 ? 2.214   5.798   -16.240 1.00 0.65 ? 122 DC  C "H4'"  1 
ATOM   684  H  "H3'"  . DC  B 2 11 ? 0.773   7.179   -18.370 1.00 0.68 ? 122 DC  C "H3'"  1 
ATOM   685  H  "H2'"  . DC  B 2 11 ? -1.257  6.175   -18.235 1.00 0.68 ? 122 DC  C "H2'"  1 
ATOM   686  H  "H2''" . DC  B 2 11 ? -0.461  4.577   -18.253 1.00 0.76 ? 122 DC  C "H2''" 1 
ATOM   687  H  "H1'"  . DC  B 2 11 ? -0.871  4.322   -16.033 1.00 0.64 ? 122 DC  C "H1'"  1 
ATOM   688  H  H41    . DC  B 2 11 ? -6.376  7.247   -14.628 1.00 0.64 ? 122 DC  C H41    1 
ATOM   689  H  H42    . DC  B 2 11 ? -5.733  8.805   -15.098 1.00 0.65 ? 122 DC  C H42    1 
ATOM   690  H  H5     . DC  B 2 11 ? -3.492  9.112   -15.925 1.00 0.61 ? 122 DC  C H5     1 
ATOM   691  H  H6     . DC  B 2 11 ? -1.385  7.997   -16.484 1.00 0.58 ? 122 DC  C H6     1 
ATOM   692  N  N      . PRO C 3 1  ? -9.597  23.263  9.969   1.00 6.62 ? 10  PRO A N      1 
ATOM   693  C  CA     . PRO C 3 1  ? -10.210 22.873  8.679   1.00 6.05 ? 10  PRO A CA     1 
ATOM   694  C  C      . PRO C 3 1  ? -10.114 21.358  8.458   1.00 5.28 ? 10  PRO A C      1 
ATOM   695  O  O      . PRO C 3 1  ? -10.841 20.583  9.047   1.00 5.41 ? 10  PRO A O      1 
ATOM   696  C  CB     . PRO C 3 1  ? -9.334  23.626  7.684   1.00 6.23 ? 10  PRO A CB     1 
ATOM   697  C  CG     . PRO C 3 1  ? -7.954  23.588  8.288   1.00 6.85 ? 10  PRO A CG     1 
ATOM   698  C  CD     . PRO C 3 1  ? -8.141  23.377  9.808   1.00 7.12 ? 10  PRO A CD     1 
ATOM   699  H  HA     . PRO C 3 1  ? -11.230 23.219  8.610   1.00 6.44 ? 10  PRO A HA     1 
ATOM   700  H  HB2    . PRO C 3 1  ? -9.352  23.141  6.716   1.00 5.89 ? 10  PRO A HB2    1 
ATOM   701  H  HB3    . PRO C 3 1  ? -9.671  24.648  7.596   1.00 6.63 ? 10  PRO A HB3    1 
ATOM   702  H  HG2    . PRO C 3 1  ? -7.383  22.770  7.860   1.00 6.83 ? 10  PRO A HG2    1 
ATOM   703  H  HG3    . PRO C 3 1  ? -7.443  24.524  8.111   1.00 7.43 ? 10  PRO A HG3    1 
ATOM   704  H  HD2    . PRO C 3 1  ? -7.651  22.466  10.130  1.00 7.20 ? 10  PRO A HD2    1 
ATOM   705  H  HD3    . PRO C 3 1  ? -7.769  24.224  10.363  1.00 7.85 ? 10  PRO A HD3    1 
ATOM   706  N  N      . LYS C 3 2  ? -9.205  20.934  7.620   1.00 4.84 ? 11  LYS A N      1 
ATOM   707  C  CA     . LYS C 3 2  ? -9.017  19.476  7.348   1.00 4.41 ? 11  LYS A CA     1 
ATOM   708  C  C      . LYS C 3 2  ? -7.524  19.231  7.203   1.00 3.72 ? 11  LYS A C      1 
ATOM   709  O  O      . LYS C 3 2  ? -6.718  20.060  7.572   1.00 4.01 ? 11  LYS A O      1 
ATOM   710  C  CB     . LYS C 3 2  ? -9.675  19.082  6.014   1.00 4.88 ? 11  LYS A CB     1 
ATOM   711  C  CG     . LYS C 3 2  ? -11.188 19.431  5.987   1.00 5.57 ? 11  LYS A CG     1 
ATOM   712  C  CD     . LYS C 3 2  ? -11.549 20.187  4.697   1.00 6.26 ? 11  LYS A CD     1 
ATOM   713  C  CE     . LYS C 3 2  ? -11.104 21.653  4.803   1.00 7.09 ? 11  LYS A CE     1 
ATOM   714  N  NZ     . LYS C 3 2  ? -11.835 22.327  5.912   1.00 7.74 ? 11  LYS A NZ     1 
ATOM   715  H  H      . LYS C 3 2  ? -8.630  21.579  7.170   1.00 5.07 ? 11  LYS A H      1 
ATOM   716  H  HA     . LYS C 3 2  ? -9.413  18.882  8.158   1.00 4.74 ? 11  LYS A HA     1 
ATOM   717  H  HB2    . LYS C 3 2  ? -9.163  19.602  5.221   1.00 4.97 ? 11  LYS A HB2    1 
ATOM   718  H  HB3    . LYS C 3 2  ? -9.552  18.017  5.866   1.00 5.11 ? 11  LYS A HB3    1 
ATOM   719  H  HG2    . LYS C 3 2  ? -11.770 18.521  6.027   1.00 5.86 ? 11  LYS A HG2    1 
ATOM   720  H  HG3    . LYS C 3 2  ? -11.441 20.040  6.829   1.00 5.65 ? 11  LYS A HG3    1 
ATOM   721  H  HD2    . LYS C 3 2  ? -11.058 19.719  3.854   1.00 6.29 ? 11  LYS A HD2    1 
ATOM   722  H  HD3    . LYS C 3 2  ? -12.619 20.149  4.553   1.00 6.51 ? 11  LYS A HD3    1 
ATOM   723  H  HE2    . LYS C 3 2  ? -10.045 21.702  4.995   1.00 7.41 ? 11  LYS A HE2    1 
ATOM   724  H  HE3    . LYS C 3 2  ? -11.323 22.160  3.875   1.00 7.20 ? 11  LYS A HE3    1 
ATOM   725  H  HZ1    . LYS C 3 2  ? -11.766 21.755  6.777   1.00 7.94 ? 11  LYS A HZ1    1 
ATOM   726  H  HZ2    . LYS C 3 2  ? -11.413 23.260  6.085   1.00 7.97 ? 11  LYS A HZ2    1 
ATOM   727  H  HZ3    . LYS C 3 2  ? -12.835 22.441  5.649   1.00 8.05 ? 11  LYS A HZ3    1 
ATOM   728  N  N      . ALA C 3 3  ? -7.143  18.111  6.657   1.00 3.28 ? 12  ALA A N      1 
ATOM   729  C  CA     . ALA C 3 3  ? -5.700  17.845  6.477   1.00 3.02 ? 12  ALA A CA     1 
ATOM   730  C  C      . ALA C 3 3  ? -5.511  16.781  5.402   1.00 2.14 ? 12  ALA A C      1 
ATOM   731  O  O      . ALA C 3 3  ? -5.202  15.646  5.682   1.00 2.46 ? 12  ALA A O      1 
ATOM   732  C  CB     . ALA C 3 3  ? -5.082  17.392  7.816   1.00 3.96 ? 12  ALA A CB     1 
ATOM   733  H  H      . ALA C 3 3  ? -7.805  17.457  6.351   1.00 3.51 ? 12  ALA A H      1 
ATOM   734  H  HA     . ALA C 3 3  ? -5.216  18.752  6.146   1.00 3.38 ? 12  ALA A HA     1 
ATOM   735  H  HB1    . ALA C 3 3  ? -5.869  17.117  8.498   1.00 4.29 ? 12  ALA A HB1    1 
ATOM   736  H  HB2    . ALA C 3 3  ? -4.429  16.546  7.663   1.00 4.40 ? 12  ALA A HB2    1 
ATOM   737  H  HB3    . ALA C 3 3  ? -4.510  18.204  8.241   1.00 4.36 ? 12  ALA A HB3    1 
ATOM   738  N  N      . LYS C 3 4  ? -5.658  17.151  4.169   1.00 1.63 ? 13  LYS A N      1 
ATOM   739  C  CA     . LYS C 3 4  ? -5.429  16.162  3.088   1.00 1.34 ? 13  LYS A CA     1 
ATOM   740  C  C      . LYS C 3 4  ? -3.919  16.045  2.994   1.00 1.13 ? 13  LYS A C      1 
ATOM   741  O  O      . LYS C 3 4  ? -3.222  17.031  2.859   1.00 1.19 ? 13  LYS A O      1 
ATOM   742  C  CB     . LYS C 3 4  ? -6.037  16.623  1.732   1.00 1.84 ? 13  LYS A CB     1 
ATOM   743  C  CG     . LYS C 3 4  ? -6.908  17.873  1.922   1.00 2.45 ? 13  LYS A CG     1 
ATOM   744  C  CD     . LYS C 3 4  ? -8.136  17.567  2.827   1.00 3.30 ? 13  LYS A CD     1 
ATOM   745  C  CE     . LYS C 3 4  ? -9.367  17.172  1.988   1.00 4.02 ? 13  LYS A CE     1 
ATOM   746  N  NZ     . LYS C 3 4  ? -9.522  18.075  0.817   1.00 4.52 ? 13  LYS A NZ     1 
ATOM   747  H  H      . LYS C 3 4  ? -5.879  18.071  3.968   1.00 2.06 ? 13  LYS A H      1 
ATOM   748  H  HA     . LYS C 3 4  ? -5.848  15.207  3.374   1.00 1.82 ? 13  LYS A HA     1 
ATOM   749  H  HB2    . LYS C 3 4  ? -5.247  16.849  1.026   1.00 2.12 ? 13  LYS A HB2    1 
ATOM   750  H  HB3    . LYS C 3 4  ? -6.648  15.829  1.326   1.00 2.45 ? 13  LYS A HB3    1 
ATOM   751  H  HG2    . LYS C 3 4  ? -6.309  18.654  2.367   1.00 2.81 ? 13  LYS A HG2    1 
ATOM   752  H  HG3    . LYS C 3 4  ? -7.244  18.209  0.955   1.00 2.71 ? 13  LYS A HG3    1 
ATOM   753  H  HD2    . LYS C 3 4  ? -7.905  16.758  3.507   1.00 3.60 ? 13  LYS A HD2    1 
ATOM   754  H  HD3    . LYS C 3 4  ? -8.377  18.445  3.405   1.00 3.67 ? 13  LYS A HD3    1 
ATOM   755  H  HE2    . LYS C 3 4  ? -9.267  16.155  1.643   1.00 4.42 ? 13  LYS A HE2    1 
ATOM   756  H  HE3    . LYS C 3 4  ? -10.245 17.252  2.606   1.00 4.31 ? 13  LYS A HE3    1 
ATOM   757  H  HZ1    . LYS C 3 4  ? -9.233  19.039  1.084   1.00 4.79 ? 13  LYS A HZ1    1 
ATOM   758  H  HZ2    . LYS C 3 4  ? -8.930  17.736  0.031   1.00 4.82 ? 13  LYS A HZ2    1 
ATOM   759  H  HZ3    . LYS C 3 4  ? -10.517 18.079  0.519   1.00 4.76 ? 13  LYS A HZ3    1 
ATOM   760  N  N      . ARG C 3 5  ? -3.393  14.874  3.108   1.00 0.93 ? 14  ARG A N      1 
ATOM   761  C  CA     . ARG C 3 5  ? -1.923  14.759  3.068   1.00 0.78 ? 14  ARG A CA     1 
ATOM   762  C  C      . ARG C 3 5  ? -1.472  15.053  1.653   1.00 0.70 ? 14  ARG A C      1 
ATOM   763  O  O      . ARG C 3 5  ? -1.358  14.191  0.803   1.00 0.65 ? 14  ARG A O      1 
ATOM   764  C  CB     . ARG C 3 5  ? -1.524  13.364  3.513   1.00 0.66 ? 14  ARG A CB     1 
ATOM   765  C  CG     . ARG C 3 5  ? -2.150  13.113  4.893   1.00 0.88 ? 14  ARG A CG     1 
ATOM   766  C  CD     . ARG C 3 5  ? -1.866  11.682  5.387   1.00 0.78 ? 14  ARG A CD     1 
ATOM   767  N  NE     . ARG C 3 5  ? -0.887  11.773  6.496   1.00 0.93 ? 14  ARG A NE     1 
ATOM   768  C  CZ     . ARG C 3 5  ? -0.650  10.744  7.259   1.00 0.81 ? 14  ARG A CZ     1 
ATOM   769  N  NH1    . ARG C 3 5  ? -1.287  9.624   7.063   1.00 1.22 ? 14  ARG A NH1    1 
ATOM   770  N  NH2    . ARG C 3 5  ? 0.221   10.842  8.226   1.00 1.21 ? 14  ARG A NH2    1 
ATOM   771  H  H      . ARG C 3 5  ? -3.955  14.084  3.254   1.00 0.93 ? 14  ARG A H      1 
ATOM   772  H  HA     . ARG C 3 5  ? -1.486  15.487  3.739   1.00 0.89 ? 14  ARG A HA     1 
ATOM   773  H  HB2    . ARG C 3 5  ? -1.890  12.639  2.801   1.00 0.61 ? 14  ARG A HB2    1 
ATOM   774  H  HB3    . ARG C 3 5  ? -0.451  13.302  3.585   1.00 0.66 ? 14  ARG A HB3    1 
ATOM   775  H  HG2    . ARG C 3 5  ? -1.732  13.820  5.596   1.00 1.10 ? 14  ARG A HG2    1 
ATOM   776  H  HG3    . ARG C 3 5  ? -3.214  13.270  4.840   1.00 1.00 ? 14  ARG A HG3    1 
ATOM   777  H  HD2    . ARG C 3 5  ? -2.778  11.228  5.750   1.00 0.86 ? 14  ARG A HD2    1 
ATOM   778  H  HD3    . ARG C 3 5  ? -1.459  11.078  4.587   1.00 1.01 ? 14  ARG A HD3    1 
ATOM   779  H  HE     . ARG C 3 5  ? -0.424  12.614  6.655   1.00 1.55 ? 14  ARG A HE     1 
ATOM   780  H  HH11   . ARG C 3 5  ? -1.959  9.555   6.326   1.00 1.44 ? 14  ARG A HH11   1 
ATOM   781  H  HH12   . ARG C 3 5  ? -1.105  8.835   7.649   1.00 1.67 ? 14  ARG A HH12   1 
ATOM   782  H  HH21   . ARG C 3 5  ? 0.703   11.706  8.378   1.00 1.71 ? 14  ARG A HH21   1 
ATOM   783  H  HH22   . ARG C 3 5  ? 0.407   10.056  8.814   1.00 1.34 ? 14  ARG A HH22   1 
ATOM   784  N  N      . ALA C 3 6  ? -1.245  16.307  1.414   1.00 0.76 ? 15  ALA A N      1 
ATOM   785  C  CA     . ALA C 3 6  ? -0.828  16.773  0.075   1.00 0.75 ? 15  ALA A CA     1 
ATOM   786  C  C      . ALA C 3 6  ? 0.680   16.631  -0.078  1.00 0.68 ? 15  ALA A C      1 
ATOM   787  O  O      . ALA C 3 6  ? 1.443   17.188  0.679   1.00 0.71 ? 15  ALA A O      1 
ATOM   788  C  CB     . ALA C 3 6  ? -1.207  18.249  -0.072  1.00 0.90 ? 15  ALA A CB     1 
ATOM   789  H  H      . ALA C 3 6  ? -1.373  16.956  2.132   1.00 0.85 ? 15  ALA A H      1 
ATOM   790  H  HA     . ALA C 3 6  ? -1.328  16.198  -0.687  1.00 0.76 ? 15  ALA A HA     1 
ATOM   791  H  HB1    . ALA C 3 6  ? -2.249  18.380  0.181   1.00 1.36 ? 15  ALA A HB1    1 
ATOM   792  H  HB2    . ALA C 3 6  ? -0.599  18.845  0.595   1.00 1.31 ? 15  ALA A HB2    1 
ATOM   793  H  HB3    . ALA C 3 6  ? -1.040  18.566  -1.090  1.00 1.46 ? 15  ALA A HB3    1 
ATOM   794  N  N      . LYS C 3 7  ? 1.110   15.901  -1.066  1.00 0.70 ? 16  LYS A N      1 
ATOM   795  C  CA     . LYS C 3 7  ? 2.570   15.745  -1.311  1.00 0.73 ? 16  LYS A CA     1 
ATOM   796  C  C      . LYS C 3 7  ? 2.987   16.839  -2.302  1.00 0.81 ? 16  LYS A C      1 
ATOM   797  O  O      . LYS C 3 7  ? 4.027   16.771  -2.925  1.00 0.90 ? 16  LYS A O      1 
ATOM   798  C  CB     . LYS C 3 7  ? 2.850   14.369  -1.928  1.00 0.94 ? 16  LYS A CB     1 
ATOM   799  C  CG     . LYS C 3 7  ? 2.055   13.286  -1.194  1.00 0.77 ? 16  LYS A CG     1 
ATOM   800  C  CD     . LYS C 3 7  ? 2.329   11.932  -1.854  1.00 0.79 ? 16  LYS A CD     1 
ATOM   801  C  CE     . LYS C 3 7  ? 1.491   10.844  -1.178  1.00 1.10 ? 16  LYS A CE     1 
ATOM   802  N  NZ     . LYS C 3 7  ? 0.054   11.034  -1.523  1.00 2.01 ? 16  LYS A NZ     1 
ATOM   803  H  H      . LYS C 3 7  ? 0.468   15.473  -1.669  1.00 0.77 ? 16  LYS A H      1 
ATOM   804  H  HA     . LYS C 3 7  ? 3.117   15.854  -0.386  1.00 0.70 ? 16  LYS A HA     1 
ATOM   805  H  HB2    . LYS C 3 7  ? 2.563   14.374  -2.969  1.00 1.65 ? 16  LYS A HB2    1 
ATOM   806  H  HB3    . LYS C 3 7  ? 3.905   14.150  -1.849  1.00 1.41 ? 16  LYS A HB3    1 
ATOM   807  H  HG2    . LYS C 3 7  ? 2.360   13.252  -0.158  1.00 1.28 ? 16  LYS A HG2    1 
ATOM   808  H  HG3    . LYS C 3 7  ? 1.000   13.506  -1.254  1.00 1.48 ? 16  LYS A HG3    1 
ATOM   809  H  HD2    . LYS C 3 7  ? 2.070   11.985  -2.902  1.00 1.38 ? 16  LYS A HD2    1 
ATOM   810  H  HD3    . LYS C 3 7  ? 3.376   11.690  -1.753  1.00 1.37 ? 16  LYS A HD3    1 
ATOM   811  H  HE2    . LYS C 3 7  ? 1.819   9.874   -1.524  1.00 1.52 ? 16  LYS A HE2    1 
ATOM   812  H  HE3    . LYS C 3 7  ? 1.617   10.905  -0.107  1.00 1.65 ? 16  LYS A HE3    1 
ATOM   813  H  HZ1    . LYS C 3 7  ? -0.020  11.610  -2.387  1.00 2.40 ? 16  LYS A HZ1    1 
ATOM   814  H  HZ2    . LYS C 3 7  ? -0.387  10.107  -1.685  1.00 2.51 ? 16  LYS A HZ2    1 
ATOM   815  H  HZ3    . LYS C 3 7  ? -0.431  11.514  -0.741  1.00 2.55 ? 16  LYS A HZ3    1 
ATOM   816  N  N      . HIS C 3 8  ? 2.143   17.823  -2.482  1.00 0.87 ? 17  HIS A N      1 
ATOM   817  C  CA     . HIS C 3 8  ? 2.430   18.907  -3.469  1.00 1.09 ? 17  HIS A CA     1 
ATOM   818  C  C      . HIS C 3 8  ? 3.398   19.961  -2.895  1.00 1.06 ? 17  HIS A C      1 
ATOM   819  O  O      . HIS C 3 8  ? 4.250   20.457  -3.605  1.00 1.21 ? 17  HIS A O      1 
ATOM   820  C  CB     . HIS C 3 8  ? 1.086   19.572  -3.870  1.00 1.31 ? 17  HIS A CB     1 
ATOM   821  C  CG     . HIS C 3 8  ? 0.828   19.403  -5.348  1.00 1.72 ? 17  HIS A CG     1 
ATOM   822  N  ND1    . HIS C 3 8  ? 0.644   20.483  -6.195  1.00 2.41 ? 17  HIS A ND1    1 
ATOM   823  C  CD2    . HIS C 3 8  ? 0.726   18.286  -6.138  1.00 2.37 ? 17  HIS A CD2    1 
ATOM   824  C  CE1    . HIS C 3 8  ? 0.444   19.997  -7.434  1.00 3.03 ? 17  HIS A CE1    1 
ATOM   825  N  NE2    . HIS C 3 8  ? 0.484   18.664  -7.455  1.00 2.98 ? 17  HIS A NE2    1 
ATOM   826  H  H      . HIS C 3 8  ? 1.294   17.827  -1.991  1.00 0.84 ? 17  HIS A H      1 
ATOM   827  H  HA     . HIS C 3 8  ? 2.889   18.462  -4.341  1.00 1.20 ? 17  HIS A HA     1 
ATOM   828  H  HB2    . HIS C 3 8  ? 0.284   19.103  -3.319  1.00 1.75 ? 17  HIS A HB2    1 
ATOM   829  H  HB3    . HIS C 3 8  ? 1.103   20.628  -3.633  1.00 1.41 ? 17  HIS A HB3    1 
ATOM   830  H  HD1    . HIS C 3 8  ? 0.656   21.429  -5.937  1.00 2.80 ? 17  HIS A HD1    1 
ATOM   831  H  HD2    . HIS C 3 8  ? 0.821   17.267  -5.792  1.00 2.83 ? 17  HIS A HD2    1 
ATOM   832  H  HE1    . HIS C 3 8  ? 0.274   20.612  -8.305  1.00 3.82 ? 17  HIS A HE1    1 
ATOM   833  N  N      . PRO C 3 9  ? 3.271   20.320  -1.647  1.00 0.99 ? 18  PRO A N      1 
ATOM   834  C  CA     . PRO C 3 9  ? 4.155   21.349  -1.030  1.00 1.10 ? 18  PRO A CA     1 
ATOM   835  C  C      . PRO C 3 9  ? 5.640   21.013  -1.252  1.00 1.01 ? 18  PRO A C      1 
ATOM   836  O  O      . PRO C 3 9  ? 6.013   19.856  -1.274  1.00 0.91 ? 18  PRO A O      1 
ATOM   837  C  CB     . PRO C 3 9  ? 3.786   21.302  0.462   1.00 1.16 ? 18  PRO A CB     1 
ATOM   838  C  CG     . PRO C 3 9  ? 2.389   20.774  0.485   1.00 1.11 ? 18  PRO A CG     1 
ATOM   839  C  CD     . PRO C 3 9  ? 2.298   19.794  -0.684  1.00 0.93 ? 18  PRO A CD     1 
ATOM   840  H  HA     . PRO C 3 9  ? 3.915   22.317  -1.432  1.00 1.30 ? 18  PRO A HA     1 
ATOM   841  H  HB2    . PRO C 3 9  ? 4.452   20.635  0.997   1.00 1.13 ? 18  PRO A HB2    1 
ATOM   842  H  HB3    . PRO C 3 9  ? 3.818   22.292  0.894   1.00 1.39 ? 18  PRO A HB3    1 
ATOM   843  H  HG2    . PRO C 3 9  ? 2.195   20.266  1.422   1.00 1.14 ? 18  PRO A HG2    1 
ATOM   844  H  HG3    . PRO C 3 9  ? 1.681   21.577  0.343   1.00 1.28 ? 18  PRO A HG3    1 
ATOM   845  H  HD2    . PRO C 3 9  ? 2.589   18.809  -0.364  1.00 0.80 ? 18  PRO A HD2    1 
ATOM   846  H  HD3    . PRO C 3 9  ? 1.308   19.788  -1.112  1.00 1.04 ? 18  PRO A HD3    1 
ATOM   847  N  N      . PRO C 3 10 ? 6.484   22.002  -1.422  1.00 1.11 ? 19  PRO A N      1 
ATOM   848  C  CA     . PRO C 3 10 ? 7.938   21.770  -1.655  1.00 1.10 ? 19  PRO A CA     1 
ATOM   849  C  C      . PRO C 3 10 ? 8.634   21.227  -0.403  1.00 1.06 ? 19  PRO A C      1 
ATOM   850  O  O      . PRO C 3 10 ? 8.041   21.118  0.652   1.00 1.08 ? 19  PRO A O      1 
ATOM   851  C  CB     . PRO C 3 10 ? 8.476   23.160  -2.033  1.00 1.23 ? 19  PRO A CB     1 
ATOM   852  C  CG     . PRO C 3 10 ? 7.529   24.122  -1.394  1.00 1.34 ? 19  PRO A CG     1 
ATOM   853  C  CD     . PRO C 3 10 ? 6.159   23.441  -1.412  1.00 1.30 ? 19  PRO A CD     1 
ATOM   854  H  HA     . PRO C 3 10 ? 8.079   21.090  -2.480  1.00 1.08 ? 19  PRO A HA     1 
ATOM   855  H  HB2    . PRO C 3 10 ? 9.480   23.300  -1.654  1.00 1.31 ? 19  PRO A HB2    1 
ATOM   856  H  HB3    . PRO C 3 10 ? 8.461   23.287  -3.108  1.00 1.33 ? 19  PRO A HB3    1 
ATOM   857  H  HG2    . PRO C 3 10 ? 7.835   24.322  -0.374  1.00 1.43 ? 19  PRO A HG2    1 
ATOM   858  H  HG3    . PRO C 3 10 ? 7.486   25.043  -1.958  1.00 1.49 ? 19  PRO A HG3    1 
ATOM   859  H  HD2    . PRO C 3 10 ? 5.594   23.699  -0.525  1.00 1.39 ? 19  PRO A HD2    1 
ATOM   860  H  HD3    . PRO C 3 10 ? 5.611   23.705  -2.304  1.00 1.40 ? 19  PRO A HD3    1 
ATOM   861  N  N      . GLY C 3 11 ? 9.886   20.885  -0.513  1.00 1.08 ? 20  GLY A N      1 
ATOM   862  C  CA     . GLY C 3 11 ? 10.617  20.351  0.669   1.00 1.12 ? 20  GLY A CA     1 
ATOM   863  C  C      . GLY C 3 11 ? 10.188  18.909  0.937   1.00 1.00 ? 20  GLY A C      1 
ATOM   864  O  O      . GLY C 3 11 ? 10.284  18.422  2.047   1.00 1.04 ? 20  GLY A O      1 
ATOM   865  H  H      . GLY C 3 11 ? 10.347  20.983  -1.372  1.00 1.12 ? 20  GLY A H      1 
ATOM   866  H  HA2    . GLY C 3 11 ? 11.680  20.379  0.471   1.00 1.20 ? 20  GLY A HA2    1 
ATOM   867  H  HA3    . GLY C 3 11 ? 10.397  20.958  1.533   1.00 1.20 ? 20  GLY A HA3    1 
ATOM   868  N  N      . THR C 3 12 ? 9.722   18.214  -0.068  1.00 0.91 ? 21  THR A N      1 
ATOM   869  C  CA     . THR C 3 12 ? 9.301   16.795  0.137   1.00 0.83 ? 21  THR A CA     1 
ATOM   870  C  C      . THR C 3 12 ? 10.492  15.878  -0.141  1.00 0.84 ? 21  THR A C      1 
ATOM   871  O  O      . THR C 3 12 ? 10.686  15.394  -1.237  1.00 0.88 ? 21  THR A O      1 
ATOM   872  C  CB     . THR C 3 12 ? 8.133   16.440  -0.802  1.00 0.82 ? 21  THR A CB     1 
ATOM   873  O  OG1    . THR C 3 12 ? 7.848   15.053  -0.685  1.00 0.82 ? 21  THR A OG1    1 
ATOM   874  C  CG2    . THR C 3 12 ? 8.485   16.760  -2.263  1.00 0.90 ? 21  THR A CG2    1 
ATOM   875  H  H      . THR C 3 12 ? 9.661   18.623  -0.955  1.00 0.93 ? 21  THR A H      1 
ATOM   876  H  HA     . THR C 3 12 ? 8.983   16.656  1.163   1.00 0.84 ? 21  THR A HA     1 
ATOM   877  H  HB     . THR C 3 12 ? 7.260   17.007  -0.513  1.00 0.88 ? 21  THR A HB     1 
ATOM   878  H  HG1    . THR C 3 12 ? 8.682   14.587  -0.578  1.00 1.23 ? 21  THR A HG1    1 
ATOM   879  H  HG21   . THR C 3 12 ? 9.125   17.625  -2.307  1.00 1.38 ? 21  THR A HG21   1 
ATOM   880  H  HG22   . THR C 3 12 ? 8.991   15.917  -2.704  1.00 1.35 ? 21  THR A HG22   1 
ATOM   881  H  HG23   . THR C 3 12 ? 7.577   16.958  -2.815  1.00 1.41 ? 21  THR A HG23   1 
ATOM   882  N  N      . GLU C 3 13 ? 11.298  15.644  0.853   1.00 0.88 ? 22  GLU A N      1 
ATOM   883  C  CA     . GLU C 3 13 ? 12.484  14.765  0.667   1.00 0.93 ? 22  GLU A CA     1 
ATOM   884  C  C      . GLU C 3 13 ? 12.043  13.302  0.710   1.00 0.83 ? 22  GLU A C      1 
ATOM   885  O  O      . GLU C 3 13 ? 11.092  12.952  1.381   1.00 0.81 ? 22  GLU A O      1 
ATOM   886  C  CB     . GLU C 3 13 ? 13.508  15.043  1.774   1.00 1.07 ? 22  GLU A CB     1 
ATOM   887  C  CG     . GLU C 3 13 ? 13.812  16.556  1.834   1.00 1.23 ? 22  GLU A CG     1 
ATOM   888  C  CD     . GLU C 3 13 ? 15.222  16.790  2.376   1.00 1.50 ? 22  GLU A CD     1 
ATOM   889  O  OE1    . GLU C 3 13 ? 15.592  16.111  3.318   1.00 2.23 ? 22  GLU A OE1    1 
ATOM   890  O  OE2    . GLU C 3 13 ? 15.907  17.648  1.842   1.00 1.99 ? 22  GLU A OE2    1 
ATOM   891  H  H      . GLU C 3 13 ? 11.119  16.049  1.724   1.00 0.92 ? 22  GLU A H      1 
ATOM   892  H  HA     . GLU C 3 13 ? 12.934  14.972  -0.294  1.00 1.00 ? 22  GLU A HA     1 
ATOM   893  H  HB2    . GLU C 3 13 ? 13.104  14.718  2.723   1.00 1.07 ? 22  GLU A HB2    1 
ATOM   894  H  HB3    . GLU C 3 13 ? 14.416  14.497  1.564   1.00 1.13 ? 22  GLU A HB3    1 
ATOM   895  H  HG2    . GLU C 3 13 ? 13.739  16.987  0.844   1.00 1.68 ? 22  GLU A HG2    1 
ATOM   896  H  HG3    . GLU C 3 13 ? 13.100  17.040  2.485   1.00 1.70 ? 22  GLU A HG3    1 
ATOM   897  N  N      . LYS C 3 14 ? 12.712  12.450  -0.026  1.00 0.85 ? 23  LYS A N      1 
ATOM   898  C  CA     . LYS C 3 14 ? 12.331  11.001  -0.063  1.00 0.81 ? 23  LYS A CA     1 
ATOM   899  C  C      . LYS C 3 14 ? 13.311  10.145  0.764   1.00 0.78 ? 23  LYS A C      1 
ATOM   900  O  O      . LYS C 3 14 ? 14.139  9.456   0.202   1.00 0.86 ? 23  LYS A O      1 
ATOM   901  C  CB     . LYS C 3 14 ? 12.350  10.531  -1.524  1.00 0.92 ? 23  LYS A CB     1 
ATOM   902  C  CG     . LYS C 3 14 ? 11.754  11.626  -2.428  1.00 1.05 ? 23  LYS A CG     1 
ATOM   903  C  CD     . LYS C 3 14 ? 11.243  11.014  -3.753  1.00 1.26 ? 23  LYS A CD     1 
ATOM   904  C  CE     . LYS C 3 14 ? 9.788   10.532  -3.622  1.00 1.36 ? 23  LYS A CE     1 
ATOM   905  N  NZ     . LYS C 3 14 ? 9.159   10.508  -4.972  1.00 2.06 ? 23  LYS A NZ     1 
ATOM   906  H  H      . LYS C 3 14 ? 13.460  12.766  -0.573  1.00 0.95 ? 23  LYS A H      1 
ATOM   907  H  HA     . LYS C 3 14 ? 11.332  10.875  0.321   1.00 0.80 ? 23  LYS A HA     1 
ATOM   908  H  HB2    . LYS C 3 14 ? 13.370  10.334  -1.827  1.00 0.98 ? 23  LYS A HB2    1 
ATOM   909  H  HB3    . LYS C 3 14 ? 11.766  9.627   -1.620  1.00 0.98 ? 23  LYS A HB3    1 
ATOM   910  H  HG2    . LYS C 3 14 ? 10.946  12.125  -1.912  1.00 1.41 ? 23  LYS A HG2    1 
ATOM   911  H  HG3    . LYS C 3 14 ? 12.524  12.351  -2.649  1.00 1.33 ? 23  LYS A HG3    1 
ATOM   912  H  HD2    . LYS C 3 14 ? 11.295  11.761  -4.532  1.00 1.77 ? 23  LYS A HD2    1 
ATOM   913  H  HD3    . LYS C 3 14 ? 11.869  10.177  -4.027  1.00 1.78 ? 23  LYS A HD3    1 
ATOM   914  H  HE2    . LYS C 3 14 ? 9.774   9.538   -3.204  1.00 1.78 ? 23  LYS A HE2    1 
ATOM   915  H  HE3    . LYS C 3 14 ? 9.227   11.197  -2.985  1.00 1.49 ? 23  LYS A HE3    1 
ATOM   916  H  HZ1    . LYS C 3 14 ? 9.898   10.452  -5.701  1.00 2.46 ? 23  LYS A HZ1    1 
ATOM   917  H  HZ2    . LYS C 3 14 ? 8.538   9.679   -5.047  1.00 2.52 ? 23  LYS A HZ2    1 
ATOM   918  H  HZ3    . LYS C 3 14 ? 8.598   11.375  -5.110  1.00 2.47 ? 23  LYS A HZ3    1 
ATOM   919  N  N      . PRO C 3 15 ? 13.226  10.152  2.078   1.00 0.74 ? 24  PRO A N      1 
ATOM   920  C  CA     . PRO C 3 15 ? 14.135  9.317   2.918   1.00 0.73 ? 24  PRO A CA     1 
ATOM   921  C  C      . PRO C 3 15 ? 13.853  7.824   2.701   1.00 0.67 ? 24  PRO A C      1 
ATOM   922  O  O      . PRO C 3 15 ? 12.716  7.410   2.593   1.00 0.60 ? 24  PRO A O      1 
ATOM   923  C  CB     . PRO C 3 15 ? 13.826  9.751   4.362   1.00 0.76 ? 24  PRO A CB     1 
ATOM   924  C  CG     . PRO C 3 15 ? 12.453  10.348  4.310   1.00 0.84 ? 24  PRO A CG     1 
ATOM   925  C  CD     . PRO C 3 15 ? 12.284  10.933  2.904   1.00 0.81 ? 24  PRO A CD     1 
ATOM   926  H  HA     . PRO C 3 15 ? 15.165  9.537   2.681   1.00 0.80 ? 24  PRO A HA     1 
ATOM   927  H  HB2    . PRO C 3 15 ? 13.849  8.898   5.031   1.00 0.72 ? 24  PRO A HB2    1 
ATOM   928  H  HB3    . PRO C 3 15 ? 14.539  10.496  4.689   1.00 0.92 ? 24  PRO A HB3    1 
ATOM   929  H  HG2    . PRO C 3 15 ? 11.711  9.582   4.489   1.00 0.93 ? 24  PRO A HG2    1 
ATOM   930  H  HG3    . PRO C 3 15 ? 12.356  11.132  5.047   1.00 0.97 ? 24  PRO A HG3    1 
ATOM   931  H  HD2    . PRO C 3 15 ? 11.266  10.801  2.567   1.00 0.87 ? 24  PRO A HD2    1 
ATOM   932  H  HD3    . PRO C 3 15 ? 12.559  11.976  2.893   1.00 0.89 ? 24  PRO A HD3    1 
ATOM   933  N  N      . ARG C 3 16 ? 14.874  7.019   2.603   1.00 0.73 ? 25  ARG A N      1 
ATOM   934  C  CA     . ARG C 3 16 ? 14.652  5.566   2.353   1.00 0.72 ? 25  ARG A CA     1 
ATOM   935  C  C      . ARG C 3 16 ? 14.099  4.877   3.603   1.00 0.58 ? 25  ARG A C      1 
ATOM   936  O  O      . ARG C 3 16 ? 13.712  3.727   3.560   1.00 0.51 ? 25  ARG A O      1 
ATOM   937  C  CB     . ARG C 3 16 ? 15.975  4.923   1.940   1.00 0.88 ? 25  ARG A CB     1 
ATOM   938  C  CG     . ARG C 3 16 ? 16.384  5.480   0.576   1.00 1.22 ? 25  ARG A CG     1 
ATOM   939  C  CD     . ARG C 3 16 ? 17.818  5.067   0.248   1.00 1.84 ? 25  ARG A CD     1 
ATOM   940  N  NE     . ARG C 3 16 ? 18.244  5.749   -1.007  1.00 2.29 ? 25  ARG A NE     1 
ATOM   941  C  CZ     . ARG C 3 16 ? 19.505  5.795   -1.334  1.00 2.73 ? 25  ARG A CZ     1 
ATOM   942  N  NH1    . ARG C 3 16 ? 20.400  5.241   -0.563  1.00 3.18 ? 25  ARG A NH1    1 
ATOM   943  N  NH2    . ARG C 3 16 ? 19.870  6.396   -2.433  1.00 3.21 ? 25  ARG A NH2    1 
ATOM   944  H  H      . ARG C 3 16 ? 15.786  7.372   2.668   1.00 0.82 ? 25  ARG A H      1 
ATOM   945  H  HA     . ARG C 3 16 ? 13.942  5.454   1.548   1.00 0.76 ? 25  ARG A HA     1 
ATOM   946  H  HB2    . ARG C 3 16 ? 16.736  5.154   2.673   1.00 0.94 ? 25  ARG A HB2    1 
ATOM   947  H  HB3    . ARG C 3 16 ? 15.853  3.852   1.870   1.00 1.18 ? 25  ARG A HB3    1 
ATOM   948  H  HG2    . ARG C 3 16 ? 15.718  5.096   -0.182  1.00 1.71 ? 25  ARG A HG2    1 
ATOM   949  H  HG3    . ARG C 3 16 ? 16.319  6.558   0.597   1.00 1.51 ? 25  ARG A HG3    1 
ATOM   950  H  HD2    . ARG C 3 16 ? 18.472  5.357   1.057   1.00 2.17 ? 25  ARG A HD2    1 
ATOM   951  H  HD3    . ARG C 3 16 ? 17.864  3.998   0.111   1.00 2.30 ? 25  ARG A HD3    1 
ATOM   952  H  HE     . ARG C 3 16 ? 17.572  6.166   -1.588  1.00 2.63 ? 25  ARG A HE     1 
ATOM   953  H  HH11   . ARG C 3 16 ? 20.120  4.781   0.279   1.00 3.08 ? 25  ARG A HH11   1 
ATOM   954  H  HH12   . ARG C 3 16 ? 21.367  5.277   -0.816  1.00 3.87 ? 25  ARG A HH12   1 
ATOM   955  H  HH21   . ARG C 3 16 ? 19.183  6.822   -3.023  1.00 3.34 ? 25  ARG A HH21   1 
ATOM   956  H  HH22   . ARG C 3 16 ? 20.836  6.433   -2.686  1.00 3.70 ? 25  ARG A HH22   1 
ATOM   957  N  N      . SER C 3 17 ? 14.037  5.562   4.710   1.00 0.60 ? 26  SER A N      1 
ATOM   958  C  CA     . SER C 3 17 ? 13.483  4.921   5.935   1.00 0.55 ? 26  SER A CA     1 
ATOM   959  C  C      . SER C 3 17 ? 11.972  4.749   5.759   1.00 0.48 ? 26  SER A C      1 
ATOM   960  O  O      . SER C 3 17 ? 11.269  4.370   6.675   1.00 0.49 ? 26  SER A O      1 
ATOM   961  C  CB     . SER C 3 17 ? 13.762  5.802   7.153   1.00 0.69 ? 26  SER A CB     1 
ATOM   962  O  OG     . SER C 3 17 ? 15.166  5.886   7.359   1.00 0.84 ? 26  SER A OG     1 
ATOM   963  H  H      . SER C 3 17 ? 14.339  6.494   4.732   1.00 0.70 ? 26  SER A H      1 
ATOM   964  H  HA     . SER C 3 17 ? 13.942  3.953   6.075   1.00 0.55 ? 26  SER A HA     1 
ATOM   965  H  HB2    . SER C 3 17 ? 13.369  6.790   6.985   1.00 0.73 ? 26  SER A HB2    1 
ATOM   966  H  HB3    . SER C 3 17 ? 13.286  5.371   8.025   1.00 0.70 ? 26  SER A HB3    1 
ATOM   967  H  HG     . SER C 3 17 ? 15.592  5.902   6.500   1.00 1.24 ? 26  SER A HG     1 
ATOM   968  N  N      . ARG C 3 18 ? 11.470  5.036   4.580   1.00 0.48 ? 27  ARG A N      1 
ATOM   969  C  CA     . ARG C 3 18 ? 10.000  4.907   4.312   1.00 0.48 ? 27  ARG A CA     1 
ATOM   970  C  C      . ARG C 3 18 ? 9.757   3.756   3.334   1.00 0.45 ? 27  ARG A C      1 
ATOM   971  O  O      . ARG C 3 18 ? 8.829   2.987   3.481   1.00 0.53 ? 27  ARG A O      1 
ATOM   972  C  CB     . ARG C 3 18 ? 9.475   6.202   3.676   1.00 0.58 ? 27  ARG A CB     1 
ATOM   973  C  CG     . ARG C 3 18 ? 9.979   7.424   4.450   1.00 0.66 ? 27  ARG A CG     1 
ATOM   974  C  CD     . ARG C 3 18 ? 9.336   7.491   5.840   1.00 0.77 ? 27  ARG A CD     1 
ATOM   975  N  NE     . ARG C 3 18 ? 9.352   8.923   6.275   1.00 1.22 ? 27  ARG A NE     1 
ATOM   976  C  CZ     . ARG C 3 18 ? 8.848   9.272   7.421   1.00 1.27 ? 27  ARG A CZ     1 
ATOM   977  N  NH1    . ARG C 3 18 ? 8.442   8.360   8.244   1.00 1.67 ? 27  ARG A NH1    1 
ATOM   978  N  NH2    . ARG C 3 18 ? 8.768   10.532  7.749   1.00 1.75 ? 27  ARG A NH2    1 
ATOM   979  H  H      . ARG C 3 18 ? 12.065  5.344   3.865   1.00 0.53 ? 27  ARG A H      1 
ATOM   980  H  HA     . ARG C 3 18 ? 9.466   4.717   5.232   1.00 0.49 ? 27  ARG A HA     1 
ATOM   981  H  HB2    . ARG C 3 18 ? 9.823   6.263   2.654   1.00 0.69 ? 27  ARG A HB2    1 
ATOM   982  H  HB3    . ARG C 3 18 ? 8.396   6.193   3.684   1.00 0.63 ? 27  ARG A HB3    1 
ATOM   983  H  HG2    . ARG C 3 18 ? 11.051  7.363   4.557   1.00 0.73 ? 27  ARG A HG2    1 
ATOM   984  H  HG3    . ARG C 3 18 ? 9.728   8.319   3.901   1.00 0.79 ? 27  ARG A HG3    1 
ATOM   985  H  HD2    . ARG C 3 18 ? 8.319   7.149   5.803   1.00 1.04 ? 27  ARG A HD2    1 
ATOM   986  H  HD3    . ARG C 3 18 ? 9.893   6.863   6.530   1.00 0.74 ? 27  ARG A HD3    1 
ATOM   987  H  HE     . ARG C 3 18 ? 9.704   9.609   5.671   1.00 1.90 ? 27  ARG A HE     1 
ATOM   988  H  HH11   . ARG C 3 18 ? 8.516   7.394   7.995   1.00 1.68 ? 27  ARG A HH11   1 
ATOM   989  H  HH12   . ARG C 3 18 ? 8.058   8.619   9.130   1.00 2.30 ? 27  ARG A HH12   1 
ATOM   990  H  HH21   . ARG C 3 18 ? 9.093   11.234  7.117   1.00 2.13 ? 27  ARG A HH21   1 
ATOM   991  H  HH22   . ARG C 3 18 ? 8.382   10.794  8.633   1.00 2.04 ? 27  ARG A HH22   1 
ATOM   992  N  N      . SER C 3 19 ? 10.578  3.644   2.322   1.00 0.41 ? 28  SER A N      1 
ATOM   993  C  CA     . SER C 3 19 ? 10.392  2.557   1.312   1.00 0.42 ? 28  SER A CA     1 
ATOM   994  C  C      . SER C 3 19 ? 11.305  1.375   1.645   1.00 0.44 ? 28  SER A C      1 
ATOM   995  O  O      . SER C 3 19 ? 11.041  0.253   1.262   1.00 0.48 ? 28  SER A O      1 
ATOM   996  C  CB     . SER C 3 19 ? 10.748  3.096   -0.075  1.00 0.46 ? 28  SER A CB     1 
ATOM   997  O  OG     . SER C 3 19 ? 11.974  3.814   0.002   1.00 0.51 ? 28  SER A OG     1 
ATOM   998  H  H      . SER C 3 19 ? 11.310  4.285   2.218   1.00 0.42 ? 28  SER A H      1 
ATOM   999  H  HA     . SER C 3 19 ? 9.365   2.227   1.312   1.00 0.44 ? 28  SER A HA     1 
ATOM   1000 H  HB2    . SER C 3 19 ? 10.859  2.277   -0.766  1.00 0.50 ? 28  SER A HB2    1 
ATOM   1001 H  HB3    . SER C 3 19 ? 9.956   3.750   -0.420  1.00 0.46 ? 28  SER A HB3    1 
ATOM   1002 H  HG     . SER C 3 19 ? 12.629  3.240   0.406   1.00 1.05 ? 28  SER A HG     1 
ATOM   1003 N  N      . GLN C 3 20 ? 12.375  1.613   2.350   1.00 0.45 ? 29  GLN A N      1 
ATOM   1004 C  CA     . GLN C 3 20 ? 13.292  0.490   2.694   1.00 0.50 ? 29  GLN A CA     1 
ATOM   1005 C  C      . GLN C 3 20 ? 12.641  -0.372  3.774   1.00 0.49 ? 29  GLN A C      1 
ATOM   1006 O  O      . GLN C 3 20 ? 12.700  -1.584  3.734   1.00 0.54 ? 29  GLN A O      1 
ATOM   1007 C  CB     . GLN C 3 20 ? 14.623  1.053   3.211   1.00 0.55 ? 29  GLN A CB     1 
ATOM   1008 C  CG     . GLN C 3 20 ? 15.635  -0.094  3.446   1.00 1.27 ? 29  GLN A CG     1 
ATOM   1009 C  CD     . GLN C 3 20 ? 17.061  0.395   3.161   1.00 1.92 ? 29  GLN A CD     1 
ATOM   1010 O  OE1    . GLN C 3 20 ? 17.390  1.534   3.420   1.00 2.56 ? 29  GLN A OE1    1 
ATOM   1011 N  NE2    . GLN C 3 20 ? 17.923  -0.427  2.631   1.00 2.58 ? 29  GLN A NE2    1 
ATOM   1012 H  H      . GLN C 3 20 ? 12.577  2.524   2.648   1.00 0.45 ? 29  GLN A H      1 
ATOM   1013 H  HA     . GLN C 3 20 ? 13.469  -0.109  1.811   1.00 0.54 ? 29  GLN A HA     1 
ATOM   1014 H  HB2    . GLN C 3 20 ? 15.019  1.748   2.482   1.00 0.95 ? 29  GLN A HB2    1 
ATOM   1015 H  HB3    . GLN C 3 20 ? 14.451  1.574   4.141   1.00 1.06 ? 29  GLN A HB3    1 
ATOM   1016 H  HG2    . GLN C 3 20 ? 15.572  -0.422  4.474   1.00 1.91 ? 29  GLN A HG2    1 
ATOM   1017 H  HG3    . GLN C 3 20 ? 15.411  -0.927  2.793   1.00 1.84 ? 29  GLN A HG3    1 
ATOM   1018 H  HE21   . GLN C 3 20 ? 17.658  -1.346  2.421   1.00 2.75 ? 29  GLN A HE21   1 
ATOM   1019 H  HE22   . GLN C 3 20 ? 18.835  -0.124  2.442   1.00 3.25 ? 29  GLN A HE22   1 
ATOM   1020 N  N      . SER C 3 21 ? 12.007  0.245   4.733   1.00 0.47 ? 30  SER A N      1 
ATOM   1021 C  CA     . SER C 3 21 ? 11.341  -0.536  5.810   1.00 0.49 ? 30  SER A CA     1 
ATOM   1022 C  C      . SER C 3 21 ? 10.383  -1.546  5.179   1.00 0.46 ? 30  SER A C      1 
ATOM   1023 O  O      . SER C 3 21 ? 10.095  -2.584  5.745   1.00 0.52 ? 30  SER A O      1 
ATOM   1024 C  CB     . SER C 3 21 ? 10.553  0.412   6.714   1.00 0.51 ? 30  SER A CB     1 
ATOM   1025 O  OG     . SER C 3 21 ? 11.430  1.404   7.230   1.00 0.58 ? 30  SER A OG     1 
ATOM   1026 H  H      . SER C 3 21 ? 11.964  1.225   4.740   1.00 0.46 ? 30  SER A H      1 
ATOM   1027 H  HA     . SER C 3 21 ? 12.085  -1.058  6.393   1.00 0.56 ? 30  SER A HA     1 
ATOM   1028 H  HB2    . SER C 3 21 ? 9.774   0.890   6.144   1.00 0.49 ? 30  SER A HB2    1 
ATOM   1029 H  HB3    . SER C 3 21 ? 10.110  -0.151  7.525   1.00 0.56 ? 30  SER A HB3    1 
ATOM   1030 H  HG     . SER C 3 21 ? 11.018  2.261   7.098   1.00 1.09 ? 30  SER A HG     1 
ATOM   1031 N  N      . GLU C 3 22 ? 9.883   -1.249  4.011   1.00 0.42 ? 31  GLU A N      1 
ATOM   1032 C  CA     . GLU C 3 22 ? 8.939   -2.186  3.337   1.00 0.44 ? 31  GLU A CA     1 
ATOM   1033 C  C      . GLU C 3 22 ? 9.723   -3.161  2.461   1.00 0.41 ? 31  GLU A C      1 
ATOM   1034 O  O      . GLU C 3 22 ? 10.756  -2.827  1.915   1.00 0.43 ? 31  GLU A O      1 
ATOM   1035 C  CB     . GLU C 3 22 ? 7.977   -1.388  2.466   1.00 0.51 ? 31  GLU A CB     1 
ATOM   1036 C  CG     . GLU C 3 22 ? 7.179   -0.424  3.339   1.00 0.55 ? 31  GLU A CG     1 
ATOM   1037 C  CD     . GLU C 3 22 ? 6.261   -1.215  4.273   1.00 0.67 ? 31  GLU A CD     1 
ATOM   1038 O  OE1    . GLU C 3 22 ? 6.038   -2.383  4.004   1.00 0.71 ? 31  GLU A OE1    1 
ATOM   1039 O  OE2    . GLU C 3 22 ? 5.796   -0.637  5.242   1.00 0.81 ? 31  GLU A OE2    1 
ATOM   1040 H  H      . GLU C 3 22 ? 10.127  -0.406  3.575   1.00 0.41 ? 31  GLU A H      1 
ATOM   1041 H  HA     . GLU C 3 22 ? 8.377   -2.737  4.078   1.00 0.48 ? 31  GLU A HA     1 
ATOM   1042 H  HB2    . GLU C 3 22 ? 8.535   -0.830  1.727   1.00 0.52 ? 31  GLU A HB2    1 
ATOM   1043 H  HB3    . GLU C 3 22 ? 7.301   -2.063  1.971   1.00 0.58 ? 31  GLU A HB3    1 
ATOM   1044 H  HG2    . GLU C 3 22 ? 7.859   0.180   3.924   1.00 0.49 ? 31  GLU A HG2    1 
ATOM   1045 H  HG3    . GLU C 3 22 ? 6.584   0.213   2.711   1.00 0.65 ? 31  GLU A HG3    1 
ATOM   1046 N  N      . GLN C 3 23 ? 9.237   -4.371  2.330   1.00 0.41 ? 32  GLN A N      1 
ATOM   1047 C  CA     . GLN C 3 23 ? 9.940   -5.400  1.499   1.00 0.43 ? 32  GLN A CA     1 
ATOM   1048 C  C      . GLN C 3 23 ? 8.937   -6.017  0.506   1.00 0.38 ? 32  GLN A C      1 
ATOM   1049 O  O      . GLN C 3 23 ? 7.757   -6.091  0.788   1.00 0.37 ? 32  GLN A O      1 
ATOM   1050 C  CB     . GLN C 3 23 ? 10.495  -6.473  2.438   1.00 0.51 ? 32  GLN A CB     1 
ATOM   1051 C  CG     . GLN C 3 23 ? 11.496  -5.820  3.394   1.00 0.58 ? 32  GLN A CG     1 
ATOM   1052 C  CD     . GLN C 3 23 ? 11.869  -6.797  4.509   1.00 1.31 ? 32  GLN A CD     1 
ATOM   1053 O  OE1    . GLN C 3 23 ? 11.737  -6.484  5.675   1.00 2.03 ? 32  GLN A OE1    1 
ATOM   1054 N  NE2    . GLN C 3 23 ? 12.335  -7.975  4.200   1.00 2.13 ? 32  GLN A NE2    1 
ATOM   1055 H  H      . GLN C 3 23 ? 8.404   -4.609  2.790   1.00 0.45 ? 32  GLN A H      1 
ATOM   1056 H  HA     . GLN C 3 23 ? 10.753  -4.940  0.957   1.00 0.45 ? 32  GLN A HA     1 
ATOM   1057 H  HB2    . GLN C 3 23 ? 9.686   -6.910  3.004   1.00 0.56 ? 32  GLN A HB2    1 
ATOM   1058 H  HB3    . GLN C 3 23 ? 10.992  -7.241  1.867   1.00 0.59 ? 32  GLN A HB3    1 
ATOM   1059 H  HG2    . GLN C 3 23 ? 12.386  -5.545  2.846   1.00 1.21 ? 32  GLN A HG2    1 
ATOM   1060 H  HG3    . GLN C 3 23 ? 11.053  -4.936  3.827   1.00 1.03 ? 32  GLN A HG3    1 
ATOM   1061 H  HE21   . GLN C 3 23 ? 12.445  -8.226  3.260   1.00 2.45 ? 32  GLN A HE21   1 
ATOM   1062 H  HE22   . GLN C 3 23 ? 12.578  -8.605  4.909   1.00 2.81 ? 32  GLN A HE22   1 
ATOM   1063 N  N      . PRO C 3 24 ? 9.388   -6.443  -0.656  1.00 0.39 ? 33  PRO A N      1 
ATOM   1064 C  CA     . PRO C 3 24 ? 8.494   -7.036  -1.689  1.00 0.37 ? 33  PRO A CA     1 
ATOM   1065 C  C      . PRO C 3 24 ? 7.392   -7.909  -1.081  1.00 0.34 ? 33  PRO A C      1 
ATOM   1066 O  O      . PRO C 3 24 ? 7.547   -8.469  -0.013  1.00 0.36 ? 33  PRO A O      1 
ATOM   1067 C  CB     . PRO C 3 24 ? 9.441   -7.879  -2.551  1.00 0.42 ? 33  PRO A CB     1 
ATOM   1068 C  CG     . PRO C 3 24 ? 10.794  -7.231  -2.421  1.00 0.66 ? 33  PRO A CG     1 
ATOM   1069 C  CD     . PRO C 3 24 ? 10.789  -6.411  -1.114  1.00 0.49 ? 33  PRO A CD     1 
ATOM   1070 H  HA     . PRO C 3 24 ? 8.059   -6.257  -2.291  1.00 0.36 ? 33  PRO A HA     1 
ATOM   1071 H  HB2    . PRO C 3 24 ? 9.469   -8.899  -2.187  1.00 0.55 ? 33  PRO A HB2    1 
ATOM   1072 H  HB3    . PRO C 3 24 ? 9.118   -7.866  -3.582  1.00 0.55 ? 33  PRO A HB3    1 
ATOM   1073 H  HG2    . PRO C 3 24 ? 11.566  -7.993  -2.382  1.00 0.97 ? 33  PRO A HG2    1 
ATOM   1074 H  HG3    . PRO C 3 24 ? 10.973  -6.574  -3.261  1.00 0.92 ? 33  PRO A HG3    1 
ATOM   1075 H  HD2    . PRO C 3 24 ? 11.438  -6.868  -0.378  1.00 0.55 ? 33  PRO A HD2    1 
ATOM   1076 H  HD3    . PRO C 3 24 ? 11.094  -5.393  -1.303  1.00 0.49 ? 33  PRO A HD3    1 
ATOM   1077 N  N      . ALA C 3 25 ? 6.278   -8.033  -1.756  1.00 0.32 ? 34  ALA A N      1 
ATOM   1078 C  CA     . ALA C 3 25 ? 5.165   -8.877  -1.211  1.00 0.31 ? 34  ALA A CA     1 
ATOM   1079 C  C      . ALA C 3 25 ? 4.375   -9.525  -2.364  1.00 0.30 ? 34  ALA A C      1 
ATOM   1080 O  O      . ALA C 3 25 ? 4.013   -8.874  -3.324  1.00 0.31 ? 34  ALA A O      1 
ATOM   1081 C  CB     . ALA C 3 25 ? 4.244   -7.990  -0.353  1.00 0.30 ? 34  ALA A CB     1 
ATOM   1082 H  H      . ALA C 3 25 ? 6.176   -7.572  -2.619  1.00 0.32 ? 34  ALA A H      1 
ATOM   1083 H  HA     . ALA C 3 25 ? 5.582   -9.664  -0.593  1.00 0.34 ? 34  ALA A HA     1 
ATOM   1084 H  HB1    . ALA C 3 25 ? 4.791   -7.117  -0.032  1.00 1.05 ? 34  ALA A HB1    1 
ATOM   1085 H  HB2    . ALA C 3 25 ? 3.383   -7.678  -0.928  1.00 1.07 ? 34  ALA A HB2    1 
ATOM   1086 H  HB3    . ALA C 3 25 ? 3.915   -8.540  0.516   1.00 1.04 ? 34  ALA A HB3    1 
ATOM   1087 N  N      . THR C 3 26 ? 4.108   -10.810 -2.266  1.00 0.32 ? 35  THR A N      1 
ATOM   1088 C  CA     . THR C 3 26 ? 3.345   -11.533 -3.335  1.00 0.33 ? 35  THR A CA     1 
ATOM   1089 C  C      . THR C 3 26 ? 1.985   -11.994 -2.790  1.00 0.32 ? 35  THR A C      1 
ATOM   1090 O  O      . THR C 3 26 ? 1.823   -12.224 -1.608  1.00 0.39 ? 35  THR A O      1 
ATOM   1091 C  CB     . THR C 3 26 ? 4.149   -12.760 -3.775  1.00 0.38 ? 35  THR A CB     1 
ATOM   1092 O  OG1    . THR C 3 26 ? 5.443   -12.352 -4.192  1.00 0.40 ? 35  THR A OG1    1 
ATOM   1093 C  CG2    . THR C 3 26 ? 3.435   -13.465 -4.931  1.00 0.41 ? 35  THR A CG2    1 
ATOM   1094 H  H      . THR C 3 26 ? 4.414   -11.303 -1.480  1.00 0.34 ? 35  THR A H      1 
ATOM   1095 H  HA     . THR C 3 26 ? 3.189   -10.884 -4.187  1.00 0.32 ? 35  THR A HA     1 
ATOM   1096 H  HB     . THR C 3 26 ? 4.239   -13.444 -2.946  1.00 0.40 ? 35  THR A HB     1 
ATOM   1097 H  HG1    . THR C 3 26 ? 5.372   -12.007 -5.085  1.00 1.00 ? 35  THR A HG1    1 
ATOM   1098 H  HG21   . THR C 3 26 ? 3.312   -12.774 -5.752  1.00 1.06 ? 35  THR A HG21   1 
ATOM   1099 H  HG22   . THR C 3 26 ? 4.025   -14.308 -5.255  1.00 1.10 ? 35  THR A HG22   1 
ATOM   1100 H  HG23   . THR C 3 26 ? 2.467   -13.809 -4.600  1.00 1.14 ? 35  THR A HG23   1 
ATOM   1101 N  N      . CYS C 3 27 ? 1.010   -12.143 -3.652  1.00 0.33 ? 36  CYS A N      1 
ATOM   1102 C  CA     . CYS C 3 27 ? -0.344  -12.605 -3.211  1.00 0.34 ? 36  CYS A CA     1 
ATOM   1103 C  C      . CYS C 3 27 ? -0.411  -14.139 -3.350  1.00 0.39 ? 36  CYS A C      1 
ATOM   1104 O  O      . CYS C 3 27 ? -0.269  -14.656 -4.436  1.00 0.51 ? 36  CYS A O      1 
ATOM   1105 C  CB     . CYS C 3 27 ? -1.393  -11.951 -4.119  1.00 0.31 ? 36  CYS A CB     1 
ATOM   1106 S  SG     . CYS C 3 27 ? -2.951  -12.876 -4.071  1.00 0.35 ? 36  CYS A SG     1 
ATOM   1107 H  H      . CYS C 3 27 ? 1.172   -11.961 -4.600  1.00 0.38 ? 36  CYS A H      1 
ATOM   1108 H  HA     . CYS C 3 27 ? -0.514  -12.304 -2.196  1.00 0.34 ? 36  CYS A HA     1 
ATOM   1109 H  HB2    . CYS C 3 27 ? -1.571  -10.940 -3.786  1.00 0.30 ? 36  CYS A HB2    1 
ATOM   1110 H  HB3    . CYS C 3 27 ? -1.023  -11.930 -5.131  1.00 0.33 ? 36  CYS A HB3    1 
ATOM   1111 N  N      . PRO C 3 28 ? -0.610  -14.881 -2.280  1.00 0.47 ? 37  PRO A N      1 
ATOM   1112 C  CA     . PRO C 3 28 ? -0.661  -16.368 -2.369  1.00 0.51 ? 37  PRO A CA     1 
ATOM   1113 C  C      . PRO C 3 28 ? -1.939  -16.879 -3.051  1.00 0.50 ? 37  PRO A C      1 
ATOM   1114 O  O      . PRO C 3 28 ? -2.156  -18.070 -3.158  1.00 0.55 ? 37  PRO A O      1 
ATOM   1115 C  CB     . PRO C 3 28 ? -0.575  -16.836 -0.906  1.00 0.57 ? 37  PRO A CB     1 
ATOM   1116 C  CG     . PRO C 3 28 ? -1.081  -15.687 -0.087  1.00 1.01 ? 37  PRO A CG     1 
ATOM   1117 C  CD     . PRO C 3 28 ? -0.812  -14.408 -0.894  1.00 0.68 ? 37  PRO A CD     1 
ATOM   1118 H  HA     . PRO C 3 28 ? 0.203   -16.726 -2.909  1.00 0.53 ? 37  PRO A HA     1 
ATOM   1119 H  HB2    . PRO C 3 28 ? -1.190  -17.715 -0.750  1.00 0.53 ? 37  PRO A HB2    1 
ATOM   1120 H  HB3    . PRO C 3 28 ? 0.451   -17.052 -0.643  1.00 0.85 ? 37  PRO A HB3    1 
ATOM   1121 H  HG2    . PRO C 3 28 ? -2.145  -15.799 0.092   1.00 1.36 ? 37  PRO A HG2    1 
ATOM   1122 H  HG3    . PRO C 3 28 ? -0.555  -15.639 0.857   1.00 1.51 ? 37  PRO A HG3    1 
ATOM   1123 H  HD2    . PRO C 3 28 ? -1.666  -13.745 -0.838  1.00 0.72 ? 37  PRO A HD2    1 
ATOM   1124 H  HD3    . PRO C 3 28 ? 0.079   -13.910 -0.539  1.00 0.72 ? 37  PRO A HD3    1 
ATOM   1125 N  N      . ILE C 3 29 ? -2.782  -15.990 -3.525  1.00 0.45 ? 38  ILE A N      1 
ATOM   1126 C  CA     . ILE C 3 29 ? -4.040  -16.425 -4.213  1.00 0.47 ? 38  ILE A CA     1 
ATOM   1127 C  C      . ILE C 3 29 ? -3.872  -16.272 -5.728  1.00 0.47 ? 38  ILE A C      1 
ATOM   1128 O  O      . ILE C 3 29 ? -4.039  -17.218 -6.472  1.00 0.53 ? 38  ILE A O      1 
ATOM   1129 C  CB     . ILE C 3 29 ? -5.218  -15.567 -3.735  1.00 0.48 ? 38  ILE A CB     1 
ATOM   1130 C  CG1    . ILE C 3 29 ? -5.251  -15.574 -2.196  1.00 0.53 ? 38  ILE A CG1    1 
ATOM   1131 C  CG2    . ILE C 3 29 ? -6.536  -16.144 -4.277  1.00 0.53 ? 38  ILE A CG2    1 
ATOM   1132 C  CD1    . ILE C 3 29 ? -6.365  -14.658 -1.661  1.00 0.56 ? 38  ILE A CD1    1 
ATOM   1133 H  H      . ILE C 3 29 ? -2.583  -15.037 -3.436  1.00 0.43 ? 38  ILE A H      1 
ATOM   1134 H  HA     . ILE C 3 29 ? -4.244  -17.458 -3.985  1.00 0.50 ? 38  ILE A HA     1 
ATOM   1135 H  HB     . ILE C 3 29 ? -5.096  -14.554 -4.090  1.00 0.46 ? 38  ILE A HB     1 
ATOM   1136 H  HG12   . ILE C 3 29 ? -5.425  -16.583 -1.850  1.00 0.61 ? 38  ILE A HG12   1 
ATOM   1137 H  HG13   . ILE C 3 29 ? -4.298  -15.231 -1.819  1.00 0.55 ? 38  ILE A HG13   1 
ATOM   1138 H  HG21   . ILE C 3 29 ? -6.403  -16.470 -5.298  1.00 1.13 ? 38  ILE A HG21   1 
ATOM   1139 H  HG22   . ILE C 3 29 ? -6.842  -16.986 -3.672  1.00 1.20 ? 38  ILE A HG22   1 
ATOM   1140 H  HG23   . ILE C 3 29 ? -7.300  -15.383 -4.242  1.00 1.08 ? 38  ILE A HG23   1 
ATOM   1141 H  HD11   . ILE C 3 29 ? -7.049  -14.390 -2.453  1.00 1.14 ? 38  ILE A HD11   1 
ATOM   1142 H  HD12   . ILE C 3 29 ? -6.908  -15.176 -0.885  1.00 1.18 ? 38  ILE A HD12   1 
ATOM   1143 H  HD13   . ILE C 3 29 ? -5.924  -13.763 -1.249  1.00 1.15 ? 38  ILE A HD13   1 
ATOM   1144 N  N      . CYS C 3 30 ? -3.544  -15.086 -6.192  1.00 0.45 ? 39  CYS A N      1 
ATOM   1145 C  CA     . CYS C 3 30 ? -3.366  -14.859 -7.666  1.00 0.47 ? 39  CYS A CA     1 
ATOM   1146 C  C      . CYS C 3 30 ? -1.921  -14.432 -7.962  1.00 0.45 ? 39  CYS A C      1 
ATOM   1147 O  O      . CYS C 3 30 ? -1.621  -13.890 -9.008  1.00 0.48 ? 39  CYS A O      1 
ATOM   1148 C  CB     . CYS C 3 30 ? -4.345  -13.782 -8.140  1.00 0.46 ? 39  CYS A CB     1 
ATOM   1149 S  SG     . CYS C 3 30 ? -3.784  -12.145 -7.614  1.00 0.40 ? 39  CYS A SG     1 
ATOM   1150 H  H      . CYS C 3 30 ? -3.420  -14.344 -5.567  1.00 0.45 ? 39  CYS A H      1 
ATOM   1151 H  HA     . CYS C 3 30 ? -3.569  -15.774 -8.206  1.00 0.51 ? 39  CYS A HA     1 
ATOM   1152 H  HB2    . CYS C 3 30 ? -4.407  -13.806 -9.218  1.00 0.49 ? 39  CYS A HB2    1 
ATOM   1153 H  HB3    . CYS C 3 30 ? -5.317  -13.981 -7.727  1.00 0.48 ? 39  CYS A HB3    1 
ATOM   1154 N  N      . TYR C 3 31 ? -1.020  -14.714 -7.059  1.00 0.44 ? 40  TYR A N      1 
ATOM   1155 C  CA     . TYR C 3 31 ? 0.422   -14.379 -7.277  1.00 0.44 ? 40  TYR A CA     1 
ATOM   1156 C  C      . TYR C 3 31 ? 0.629   -12.906 -7.647  1.00 0.41 ? 40  TYR A C      1 
ATOM   1157 O  O      . TYR C 3 31 ? 1.679   -12.533 -8.130  1.00 0.43 ? 40  TYR A O      1 
ATOM   1158 C  CB     . TYR C 3 31 ? 0.973   -15.275 -8.383  1.00 0.50 ? 40  TYR A CB     1 
ATOM   1159 C  CG     . TYR C 3 31 ? 0.977   -16.703 -7.888  1.00 0.55 ? 40  TYR A CG     1 
ATOM   1160 C  CD1    . TYR C 3 31 ? 1.897   -17.097 -6.909  1.00 0.58 ? 40  TYR A CD1    1 
ATOM   1161 C  CD2    . TYR C 3 31 ? 0.053   -17.627 -8.391  1.00 0.60 ? 40  TYR A CD2    1 
ATOM   1162 C  CE1    . TYR C 3 31 ? 1.898   -18.415 -6.438  1.00 0.65 ? 40  TYR A CE1    1 
ATOM   1163 C  CE2    . TYR C 3 31 ? 0.053   -18.945 -7.919  1.00 0.66 ? 40  TYR A CE2    1 
ATOM   1164 C  CZ     . TYR C 3 31 ? 0.975   -19.338 -6.940  1.00 0.68 ? 40  TYR A CZ     1 
ATOM   1165 O  OH     . TYR C 3 31 ? 0.974   -20.636 -6.472  1.00 0.76 ? 40  TYR A OH     1 
ATOM   1166 H  H      . TYR C 3 31 ? -1.289  -15.177 -6.238  1.00 0.46 ? 40  TYR A H      1 
ATOM   1167 H  HA     . TYR C 3 31 ? 0.968   -14.583 -6.370  1.00 0.43 ? 40  TYR A HA     1 
ATOM   1168 H  HB2    . TYR C 3 31 ? 0.351   -15.192 -9.262  1.00 0.52 ? 40  TYR A HB2    1 
ATOM   1169 H  HB3    . TYR C 3 31 ? 1.982   -14.974 -8.622  1.00 0.52 ? 40  TYR A HB3    1 
ATOM   1170 H  HD1    . TYR C 3 31 ? 2.610   -16.384 -6.520  1.00 0.59 ? 40  TYR A HD1    1 
ATOM   1171 H  HD2    . TYR C 3 31 ? -0.657  -17.324 -9.146  1.00 0.62 ? 40  TYR A HD2    1 
ATOM   1172 H  HE1    . TYR C 3 31 ? 2.609   -18.717 -5.683  1.00 0.71 ? 40  TYR A HE1    1 
ATOM   1173 H  HE2    . TYR C 3 31 ? -0.659  -19.658 -8.306  1.00 0.72 ? 40  TYR A HE2    1 
ATOM   1174 H  HH     . TYR C 3 31 ? 0.792   -21.219 -7.212  1.00 1.16 ? 40  TYR A HH     1 
ATOM   1175 N  N      . ALA C 3 32 ? -0.328  -12.055 -7.402  1.00 0.38 ? 41  ALA A N      1 
ATOM   1176 C  CA     . ALA C 3 32 ? -0.113  -10.614 -7.725  1.00 0.36 ? 41  ALA A CA     1 
ATOM   1177 C  C      . ALA C 3 32 ? 1.162   -10.155 -6.996  1.00 0.34 ? 41  ALA A C      1 
ATOM   1178 O  O      . ALA C 3 32 ? 1.376   -10.484 -5.846  1.00 0.33 ? 41  ALA A O      1 
ATOM   1179 C  CB     . ALA C 3 32 ? -1.334  -9.791  -7.258  1.00 0.35 ? 41  ALA A CB     1 
ATOM   1180 H  H      . ALA C 3 32 ? -1.164  -12.352 -6.988  1.00 0.38 ? 41  ALA A H      1 
ATOM   1181 H  HA     . ALA C 3 32 ? 0.024   -10.502 -8.792  1.00 0.40 ? 41  ALA A HA     1 
ATOM   1182 H  HB1    . ALA C 3 32 ? -1.970  -10.413 -6.647  1.00 1.07 ? 41  ALA A HB1    1 
ATOM   1183 H  HB2    . ALA C 3 32 ? -1.014  -8.934  -6.680  1.00 1.05 ? 41  ALA A HB2    1 
ATOM   1184 H  HB3    . ALA C 3 32 ? -1.894  -9.448  -8.117  1.00 1.06 ? 41  ALA A HB3    1 
ATOM   1185 N  N      . VAL C 3 33 ? 2.013   -9.412  -7.654  1.00 0.35 ? 42  VAL A N      1 
ATOM   1186 C  CA     . VAL C 3 33 ? 3.276   -8.953  -6.991  1.00 0.34 ? 42  VAL A CA     1 
ATOM   1187 C  C      . VAL C 3 33 ? 3.076   -7.559  -6.394  1.00 0.30 ? 42  VAL A C      1 
ATOM   1188 O  O      . VAL C 3 33 ? 3.079   -6.566  -7.094  1.00 0.32 ? 42  VAL A O      1 
ATOM   1189 C  CB     . VAL C 3 33 ? 4.403   -8.901  -8.026  1.00 0.39 ? 42  VAL A CB     1 
ATOM   1190 C  CG1    . VAL C 3 33 ? 5.708   -8.465  -7.349  1.00 0.41 ? 42  VAL A CG1    1 
ATOM   1191 C  CG2    . VAL C 3 33 ? 4.584   -10.290 -8.647  1.00 0.45 ? 42  VAL A CG2    1 
ATOM   1192 H  H      . VAL C 3 33 ? 1.831   -9.163  -8.584  1.00 0.37 ? 42  VAL A H      1 
ATOM   1193 H  HA     . VAL C 3 33 ? 3.549   -9.645  -6.200  1.00 0.34 ? 42  VAL A HA     1 
ATOM   1194 H  HB     . VAL C 3 33 ? 4.146   -8.191  -8.799  1.00 0.41 ? 42  VAL A HB     1 
ATOM   1195 H  HG11   . VAL C 3 33 ? 5.801   -8.956  -6.391  1.00 1.02 ? 42  VAL A HG11   1 
ATOM   1196 H  HG12   . VAL C 3 33 ? 6.548   -8.733  -7.974  1.00 1.11 ? 42  VAL A HG12   1 
ATOM   1197 H  HG13   . VAL C 3 33 ? 5.697   -7.395  -7.204  1.00 1.12 ? 42  VAL A HG13   1 
ATOM   1198 H  HG21   . VAL C 3 33 ? 3.621   -10.685 -8.933  1.00 1.04 ? 42  VAL A HG21   1 
ATOM   1199 H  HG22   . VAL C 3 33 ? 5.216   -10.213 -9.520  1.00 1.14 ? 42  VAL A HG22   1 
ATOM   1200 H  HG23   . VAL C 3 33 ? 5.045   -10.949 -7.925  1.00 1.16 ? 42  VAL A HG23   1 
ATOM   1201 N  N      . ILE C 3 34 ? 2.915   -7.482  -5.098  1.00 0.27 ? 43  ILE A N      1 
ATOM   1202 C  CA     . ILE C 3 34 ? 2.727   -6.159  -4.423  1.00 0.25 ? 43  ILE A CA     1 
ATOM   1203 C  C      . ILE C 3 34 ? 4.034   -5.779  -3.722  1.00 0.26 ? 43  ILE A C      1 
ATOM   1204 O  O      . ILE C 3 34 ? 4.574   -6.540  -2.943  1.00 0.28 ? 43  ILE A O      1 
ATOM   1205 C  CB     . ILE C 3 34 ? 1.600   -6.282  -3.395  1.00 0.24 ? 43  ILE A CB     1 
ATOM   1206 C  CG1    . ILE C 3 34 ? 0.351   -6.880  -4.068  1.00 0.27 ? 43  ILE A CG1    1 
ATOM   1207 C  CG2    . ILE C 3 34 ? 1.275   -4.906  -2.804  1.00 0.24 ? 43  ILE A CG2    1 
ATOM   1208 C  CD1    . ILE C 3 34 ? -0.142  -5.998  -5.232  1.00 0.31 ? 43  ILE A CD1    1 
ATOM   1209 H  H      . ILE C 3 34 ? 2.927   -8.301  -4.560  1.00 0.28 ? 43  ILE A H      1 
ATOM   1210 H  HA     . ILE C 3 34 ? 2.476   -5.401  -5.152  1.00 0.25 ? 43  ILE A HA     1 
ATOM   1211 H  HB     . ILE C 3 34 ? 1.922   -6.938  -2.599  1.00 0.26 ? 43  ILE A HB     1 
ATOM   1212 H  HG12   . ILE C 3 34 ? 0.594   -7.861  -4.450  1.00 0.31 ? 43  ILE A HG12   1 
ATOM   1213 H  HG13   . ILE C 3 34 ? -0.437  -6.974  -3.338  1.00 0.28 ? 43  ILE A HG13   1 
ATOM   1214 H  HG21   . ILE C 3 34 ? 1.241   -4.172  -3.595  1.00 1.05 ? 43  ILE A HG21   1 
ATOM   1215 H  HG22   . ILE C 3 34 ? 0.315   -4.945  -2.309  1.00 1.03 ? 43  ILE A HG22   1 
ATOM   1216 H  HG23   . ILE C 3 34 ? 2.037   -4.631  -2.091  1.00 1.03 ? 43  ILE A HG23   1 
ATOM   1217 H  HD11   . ILE C 3 34 ? 0.193   -4.980  -5.108  1.00 1.03 ? 43  ILE A HD11   1 
ATOM   1218 H  HD12   . ILE C 3 34 ? 0.239   -6.389  -6.164  1.00 1.07 ? 43  ILE A HD12   1 
ATOM   1219 H  HD13   . ILE C 3 34 ? -1.223  -6.016  -5.255  1.00 1.07 ? 43  ILE A HD13   1 
ATOM   1220 N  N      . ARG C 3 35 ? 4.559   -4.621  -4.008  1.00 0.27 ? 44  ARG A N      1 
ATOM   1221 C  CA     . ARG C 3 35 ? 5.845   -4.208  -3.375  1.00 0.30 ? 44  ARG A CA     1 
ATOM   1222 C  C      . ARG C 3 35 ? 5.673   -4.003  -1.868  1.00 0.30 ? 44  ARG A C      1 
ATOM   1223 O  O      . ARG C 3 35 ? 6.214   -4.738  -1.066  1.00 0.33 ? 44  ARG A O      1 
ATOM   1224 C  CB     . ARG C 3 35 ? 6.318   -2.893  -3.988  1.00 0.33 ? 44  ARG A CB     1 
ATOM   1225 C  CG     . ARG C 3 35 ? 6.403   -3.020  -5.513  1.00 0.32 ? 44  ARG A CG     1 
ATOM   1226 C  CD     . ARG C 3 35 ? 7.178   -1.832  -6.069  1.00 0.39 ? 44  ARG A CD     1 
ATOM   1227 N  NE     . ARG C 3 35 ? 6.769   -1.631  -7.504  1.00 0.77 ? 44  ARG A NE     1 
ATOM   1228 C  CZ     . ARG C 3 35 ? 7.473   -2.061  -8.503  1.00 1.34 ? 44  ARG A CZ     1 
ATOM   1229 N  NH1    . ARG C 3 35 ? 8.624   -2.640  -8.297  1.00 2.11 ? 44  ARG A NH1    1 
ATOM   1230 N  NH2    . ARG C 3 35 ? 7.039   -1.893  -9.723  1.00 1.76 ? 44  ARG A NH2    1 
ATOM   1231 H  H      . ARG C 3 35 ? 4.118   -4.028  -4.651  1.00 0.28 ? 44  ARG A H      1 
ATOM   1232 H  HA     . ARG C 3 35 ? 6.589   -4.970  -3.550  1.00 0.32 ? 44  ARG A HA     1 
ATOM   1233 H  HB2    . ARG C 3 35 ? 5.623   -2.107  -3.732  1.00 0.35 ? 44  ARG A HB2    1 
ATOM   1234 H  HB3    . ARG C 3 35 ? 7.295   -2.648  -3.597  1.00 0.39 ? 44  ARG A HB3    1 
ATOM   1235 H  HG2    . ARG C 3 35 ? 6.909   -3.939  -5.771  1.00 0.37 ? 44  ARG A HG2    1 
ATOM   1236 H  HG3    . ARG C 3 35 ? 5.406   -3.026  -5.930  1.00 0.32 ? 44  ARG A HG3    1 
ATOM   1237 H  HD2    . ARG C 3 35 ? 6.906   -0.943  -5.555  1.00 0.71 ? 44  ARG A HD2    1 
ATOM   1238 H  HD3    . ARG C 3 35 ? 8.251   -2.008  -5.912  1.00 0.60 ? 44  ARG A HD3    1 
ATOM   1239 H  HE     . ARG C 3 35 ? 5.924   -1.170  -7.689  1.00 1.37 ? 44  ARG A HE     1 
ATOM   1240 H  HH11   . ARG C 3 35 ? 8.967   -2.755  -7.366  1.00 2.10 ? 44  ARG A HH11   1 
ATOM   1241 H  HH12   . ARG C 3 35 ? 9.166   -2.963  -9.072  1.00 2.90 ? 44  ARG A HH12   1 
ATOM   1242 H  HH21   . ARG C 3 35 ? 6.165   -1.435  -9.884  1.00 1.82 ? 44  ARG A HH21   1 
ATOM   1243 H  HH22   . ARG C 3 35 ? 7.582   -2.220  -10.497 1.00 2.37 ? 44  ARG A HH22   1 
ATOM   1244 N  N      . GLN C 3 36 ? 4.952   -2.988  -1.475  1.00 0.28 ? 45  GLN A N      1 
ATOM   1245 C  CA     . GLN C 3 36 ? 4.782   -2.718  -0.020  1.00 0.29 ? 45  GLN A CA     1 
ATOM   1246 C  C      . GLN C 3 36 ? 3.848   -3.750  0.614   1.00 0.27 ? 45  GLN A C      1 
ATOM   1247 O  O      . GLN C 3 36 ? 2.827   -4.108  0.062   1.00 0.26 ? 45  GLN A O      1 
ATOM   1248 C  CB     . GLN C 3 36 ? 4.214   -1.312  0.179   1.00 0.30 ? 45  GLN A CB     1 
ATOM   1249 C  CG     . GLN C 3 36 ? 5.103   -0.295  -0.545  1.00 0.34 ? 45  GLN A CG     1 
ATOM   1250 C  CD     . GLN C 3 36 ? 4.551   1.115   -0.328  1.00 0.42 ? 45  GLN A CD     1 
ATOM   1251 O  OE1    . GLN C 3 36 ? 3.357   1.302   -0.212  1.00 0.51 ? 45  GLN A OE1    1 
ATOM   1252 N  NE2    . GLN C 3 36 ? 5.377   2.123   -0.269  1.00 0.75 ? 45  GLN A NE2    1 
ATOM   1253 H  H      . GLN C 3 36 ? 4.543   -2.390  -2.136  1.00 0.27 ? 45  GLN A H      1 
ATOM   1254 H  HA     . GLN C 3 36 ? 5.744   -2.780  0.457   1.00 0.31 ? 45  GLN A HA     1 
ATOM   1255 H  HB2    . GLN C 3 36 ? 3.212   -1.266  -0.220  1.00 0.30 ? 45  GLN A HB2    1 
ATOM   1256 H  HB3    . GLN C 3 36 ? 4.195   -1.080  1.232   1.00 0.32 ? 45  GLN A HB3    1 
ATOM   1257 H  HG2    . GLN C 3 36 ? 6.108   -0.355  -0.152  1.00 0.37 ? 45  GLN A HG2    1 
ATOM   1258 H  HG3    . GLN C 3 36 ? 5.116   -0.517  -1.601  1.00 0.37 ? 45  GLN A HG3    1 
ATOM   1259 H  HE21   . GLN C 3 36 ? 6.342   1.973   -0.363  1.00 0.99 ? 45  GLN A HE21   1 
ATOM   1260 H  HE22   . GLN C 3 36 ? 5.034   3.030   -0.131  1.00 0.84 ? 45  GLN A HE22   1 
ATOM   1261 N  N      . SER C 3 37 ? 4.202   -4.228  1.777   1.00 0.30 ? 46  SER A N      1 
ATOM   1262 C  CA     . SER C 3 37 ? 3.354   -5.238  2.467   1.00 0.31 ? 46  SER A CA     1 
ATOM   1263 C  C      . SER C 3 37 ? 2.013   -4.612  2.854   1.00 0.30 ? 46  SER A C      1 
ATOM   1264 O  O      . SER C 3 37 ? 0.982   -5.249  2.793   1.00 0.30 ? 46  SER A O      1 
ATOM   1265 C  CB     . SER C 3 37 ? 4.070   -5.728  3.725   1.00 0.37 ? 46  SER A CB     1 
ATOM   1266 O  OG     . SER C 3 37 ? 4.318   -4.624  4.585   1.00 0.42 ? 46  SER A OG     1 
ATOM   1267 H  H      . SER C 3 37 ? 5.032   -3.921  2.198   1.00 0.34 ? 46  SER A H      1 
ATOM   1268 H  HA     . SER C 3 37 ? 3.182   -6.074  1.804   1.00 0.30 ? 46  SER A HA     1 
ATOM   1269 H  HB2    . SER C 3 37 ? 3.451   -6.446  4.239   1.00 0.39 ? 46  SER A HB2    1 
ATOM   1270 H  HB3    . SER C 3 37 ? 5.004   -6.197  3.446   1.00 0.41 ? 46  SER A HB3    1 
ATOM   1271 H  HG     . SER C 3 37 ? 3.530   -4.478  5.114   1.00 1.03 ? 46  SER A HG     1 
ATOM   1272 N  N      . ARG C 3 38 ? 2.006   -3.372  3.252   1.00 0.30 ? 47  ARG A N      1 
ATOM   1273 C  CA     . ARG C 3 38 ? 0.715   -2.736  3.633   1.00 0.31 ? 47  ARG A CA     1 
ATOM   1274 C  C      . ARG C 3 38 ? -0.241  -2.806  2.441   1.00 0.28 ? 47  ARG A C      1 
ATOM   1275 O  O      . ARG C 3 38 ? -1.424  -3.046  2.589   1.00 0.30 ? 47  ARG A O      1 
ATOM   1276 C  CB     . ARG C 3 38 ? 0.949   -1.273  4.028   1.00 0.33 ? 47  ARG A CB     1 
ATOM   1277 C  CG     . ARG C 3 38 ? 1.330   -0.442  2.792   1.00 0.43 ? 47  ARG A CG     1 
ATOM   1278 C  CD     . ARG C 3 38 ? 1.841   0.954   3.218   1.00 0.47 ? 47  ARG A CD     1 
ATOM   1279 N  NE     . ARG C 3 38 ? 3.302   1.052   2.928   1.00 0.82 ? 47  ARG A NE     1 
ATOM   1280 C  CZ     . ARG C 3 38 ? 3.907   2.201   3.048   1.00 1.03 ? 47  ARG A CZ     1 
ATOM   1281 N  NH1    . ARG C 3 38 ? 3.258   3.219   3.503   1.00 1.46 ? 47  ARG A NH1    1 
ATOM   1282 N  NH2    . ARG C 3 38 ? 5.156   2.334   2.714   1.00 1.76 ? 47  ARG A NH2    1 
ATOM   1283 H  H      . ARG C 3 38 ? 2.842   -2.862  3.300   1.00 0.32 ? 47  ARG A H      1 
ATOM   1284 H  HA     . ARG C 3 38 ? 0.285   -3.270  4.469   1.00 0.33 ? 47  ARG A HA     1 
ATOM   1285 H  HB2    . ARG C 3 38 ? 0.045   -0.873  4.464   1.00 0.41 ? 47  ARG A HB2    1 
ATOM   1286 H  HB3    . ARG C 3 38 ? 1.748   -1.223  4.753   1.00 0.42 ? 47  ARG A HB3    1 
ATOM   1287 H  HG2    . ARG C 3 38 ? 2.106   -0.956  2.247   1.00 0.68 ? 47  ARG A HG2    1 
ATOM   1288 H  HG3    . ARG C 3 38 ? 0.463   -0.330  2.156   1.00 0.68 ? 47  ARG A HG3    1 
ATOM   1289 H  HD2    . ARG C 3 38 ? 1.329   1.719   2.659   1.00 0.99 ? 47  ARG A HD2    1 
ATOM   1290 H  HD3    . ARG C 3 38 ? 1.657   1.115   4.272   1.00 1.11 ? 47  ARG A HD3    1 
ATOM   1291 H  HE     . ARG C 3 38 ? 3.795   0.266   2.614   1.00 1.59 ? 47  ARG A HE     1 
ATOM   1292 H  HH11   . ARG C 3 38 ? 2.297   3.123   3.762   1.00 1.67 ? 47  ARG A HH11   1 
ATOM   1293 H  HH12   . ARG C 3 38 ? 3.717   4.102   3.604   1.00 2.03 ? 47  ARG A HH12   1 
ATOM   1294 H  HH21   . ARG C 3 38 ? 5.661   1.555   2.357   1.00 2.30 ? 47  ARG A HH21   1 
ATOM   1295 H  HH22   . ARG C 3 38 ? 5.610   3.218   2.822   1.00 2.05 ? 47  ARG A HH22   1 
ATOM   1296 N  N      . ASN C 3 39 ? 0.267   -2.599  1.257   1.00 0.27 ? 48  ASN A N      1 
ATOM   1297 C  CA     . ASN C 3 39 ? -0.604  -2.655  0.054   1.00 0.27 ? 48  ASN A CA     1 
ATOM   1298 C  C      . ASN C 3 39 ? -1.071  -4.094  -0.163  1.00 0.26 ? 48  ASN A C      1 
ATOM   1299 O  O      . ASN C 3 39 ? -2.173  -4.334  -0.614  1.00 0.29 ? 48  ASN A O      1 
ATOM   1300 C  CB     . ASN C 3 39 ? 0.179   -2.172  -1.167  1.00 0.27 ? 48  ASN A CB     1 
ATOM   1301 C  CG     . ASN C 3 39 ? 0.348   -0.653  -1.092  1.00 0.30 ? 48  ASN A CG     1 
ATOM   1302 O  OD1    . ASN C 3 39 ? -0.568  0.053   -0.720  1.00 0.35 ? 48  ASN A OD1    1 
ATOM   1303 N  ND2    . ASN C 3 39 ? 1.487   -0.117  -1.435  1.00 0.33 ? 48  ASN A ND2    1 
ATOM   1304 H  H      . ASN C 3 39 ? 1.224   -2.410  1.161   1.00 0.28 ? 48  ASN A H      1 
ATOM   1305 H  HA     . ASN C 3 39 ? -1.464  -2.018  0.205   1.00 0.29 ? 48  ASN A HA     1 
ATOM   1306 H  HB2    . ASN C 3 39 ? 1.151   -2.645  -1.183  1.00 0.27 ? 48  ASN A HB2    1 
ATOM   1307 H  HB3    . ASN C 3 39 ? -0.362  -2.429  -2.066  1.00 0.29 ? 48  ASN A HB3    1 
ATOM   1308 H  HD21   . ASN C 3 39 ? 2.224   -0.686  -1.739  1.00 0.35 ? 48  ASN A HD21   1 
ATOM   1309 H  HD22   . ASN C 3 39 ? 1.605   0.855   -1.390  1.00 0.36 ? 48  ASN A HD22   1 
ATOM   1310 N  N      . LEU C 3 40 ? -0.252  -5.060  0.166   1.00 0.25 ? 49  LEU A N      1 
ATOM   1311 C  CA     . LEU C 3 40 ? -0.680  -6.475  -0.013  1.00 0.26 ? 49  LEU A CA     1 
ATOM   1312 C  C      . LEU C 3 40 ? -2.024  -6.659  0.679   1.00 0.29 ? 49  LEU A C      1 
ATOM   1313 O  O      . LEU C 3 40 ? -2.937  -7.257  0.150   1.00 0.30 ? 49  LEU A O      1 
ATOM   1314 C  CB     . LEU C 3 40 ? 0.347   -7.424  0.621   1.00 0.30 ? 49  LEU A CB     1 
ATOM   1315 C  CG     . LEU C 3 40 ? -0.110  -8.884  0.461   1.00 0.33 ? 49  LEU A CG     1 
ATOM   1316 C  CD1    . LEU C 3 40 ? -0.157  -9.258  -1.026  1.00 0.42 ? 49  LEU A CD1    1 
ATOM   1317 C  CD2    . LEU C 3 40 ? 0.868   -9.800  1.202   1.00 0.40 ? 49  LEU A CD2    1 
ATOM   1318 H  H      . LEU C 3 40 ? 0.629   -4.854  0.541   1.00 0.26 ? 49  LEU A H      1 
ATOM   1319 H  HA     . LEU C 3 40 ? -0.779  -6.691  -1.063  1.00 0.27 ? 49  LEU A HA     1 
ATOM   1320 H  HB2    . LEU C 3 40 ? 1.305   -7.292  0.137   1.00 0.32 ? 49  LEU A HB2    1 
ATOM   1321 H  HB3    . LEU C 3 40 ? 0.443   -7.199  1.669   1.00 0.31 ? 49  LEU A HB3    1 
ATOM   1322 H  HG     . LEU C 3 40 ? -1.094  -9.005  0.887   1.00 0.34 ? 49  LEU A HG     1 
ATOM   1323 H  HD11   . LEU C 3 40 ? 0.648   -8.769  -1.555  1.00 1.11 ? 49  LEU A HD11   1 
ATOM   1324 H  HD12   . LEU C 3 40 ? -0.056  -10.326 -1.132  1.00 1.12 ? 49  LEU A HD12   1 
ATOM   1325 H  HD13   . LEU C 3 40 ? -1.104  -8.948  -1.444  1.00 1.10 ? 49  LEU A HD13   1 
ATOM   1326 H  HD21   . LEU C 3 40 ? 1.878   -9.544  0.929   1.00 1.07 ? 49  LEU A HD21   1 
ATOM   1327 H  HD22   . LEU C 3 40 ? 0.741   -9.676  2.266   1.00 1.09 ? 49  LEU A HD22   1 
ATOM   1328 H  HD23   . LEU C 3 40 ? 0.673   -10.828 0.932   1.00 1.11 ? 49  LEU A HD23   1 
ATOM   1329 N  N      . ARG C 3 41 ? -2.144  -6.151  1.867   1.00 0.32 ? 50  ARG A N      1 
ATOM   1330 C  CA     . ARG C 3 41 ? -3.418  -6.291  2.610   1.00 0.36 ? 50  ARG A CA     1 
ATOM   1331 C  C      . ARG C 3 41 ? -4.547  -5.684  1.772   1.00 0.35 ? 50  ARG A C      1 
ATOM   1332 O  O      . ARG C 3 41 ? -5.588  -6.279  1.575   1.00 0.37 ? 50  ARG A O      1 
ATOM   1333 C  CB     . ARG C 3 41 ? -3.289  -5.537  3.956   1.00 0.43 ? 50  ARG A CB     1 
ATOM   1334 C  CG     . ARG C 3 41 ? -3.845  -6.398  5.101   1.00 1.27 ? 50  ARG A CG     1 
ATOM   1335 C  CD     . ARG C 3 41 ? -4.132  -5.550  6.359   1.00 1.72 ? 50  ARG A CD     1 
ATOM   1336 N  NE     . ARG C 3 41 ? -3.082  -5.908  7.374   1.00 2.29 ? 50  ARG A NE     1 
ATOM   1337 C  CZ     . ARG C 3 41 ? -3.345  -6.014  8.639   1.00 2.94 ? 50  ARG A CZ     1 
ATOM   1338 N  NH1    . ARG C 3 41 ? -4.574  -5.911  9.067   1.00 3.29 ? 50  ARG A NH1    1 
ATOM   1339 N  NH2    . ARG C 3 41 ? -2.380  -6.253  9.484   1.00 3.76 ? 50  ARG A NH2    1 
ATOM   1340 H  H      . ARG C 3 41 ? -1.389  -5.675  2.274   1.00 0.33 ? 50  ARG A H      1 
ATOM   1341 H  HA     . ARG C 3 41 ? -3.618  -7.338  2.781   1.00 0.38 ? 50  ARG A HA     1 
ATOM   1342 H  HB2    . ARG C 3 41 ? -2.245  -5.327  4.142   1.00 1.03 ? 50  ARG A HB2    1 
ATOM   1343 H  HB3    . ARG C 3 41 ? -3.833  -4.604  3.909   1.00 1.02 ? 50  ARG A HB3    1 
ATOM   1344 H  HG2    . ARG C 3 41 ? -4.757  -6.874  4.769   1.00 1.99 ? 50  ARG A HG2    1 
ATOM   1345 H  HG3    . ARG C 3 41 ? -3.121  -7.162  5.346   1.00 1.84 ? 50  ARG A HG3    1 
ATOM   1346 H  HD2    . ARG C 3 41 ? -4.037  -4.511  6.165   1.00 2.05 ? 50  ARG A HD2    1 
ATOM   1347 H  HD3    . ARG C 3 41 ? -5.164  -5.738  6.688   1.00 2.32 ? 50  ARG A HD3    1 
ATOM   1348 H  HE     . ARG C 3 41 ? -2.158  -6.034  7.071   1.00 2.67 ? 50  ARG A HE     1 
ATOM   1349 H  HH11   . ARG C 3 41 ? -5.318  -5.748  8.421   1.00 3.10 ? 50  ARG A HH11   1 
ATOM   1350 H  HH12   . ARG C 3 41 ? -4.773  -6.005  10.042  1.00 4.06 ? 50  ARG A HH12   1 
ATOM   1351 H  HH21   . ARG C 3 41 ? -1.441  -6.350  9.156   1.00 3.99 ? 50  ARG A HH21   1 
ATOM   1352 H  HH22   . ARG C 3 41 ? -2.582  -6.341  10.459  1.00 4.38 ? 50  ARG A HH22   1 
ATOM   1353 N  N      . ARG C 3 42 ? -4.334  -4.497  1.289   1.00 0.33 ? 51  ARG A N      1 
ATOM   1354 C  CA     . ARG C 3 42 ? -5.373  -3.818  0.471   1.00 0.34 ? 51  ARG A CA     1 
ATOM   1355 C  C      . ARG C 3 42 ? -5.694  -4.664  -0.762  1.00 0.31 ? 51  ARG A C      1 
ATOM   1356 O  O      . ARG C 3 42 ? -6.813  -4.692  -1.235  1.00 0.33 ? 51  ARG A O      1 
ATOM   1357 C  CB     . ARG C 3 42 ? -4.841  -2.453  0.040   1.00 0.35 ? 51  ARG A CB     1 
ATOM   1358 C  CG     . ARG C 3 42 ? -5.977  -1.605  -0.527  1.00 0.39 ? 51  ARG A CG     1 
ATOM   1359 C  CD     . ARG C 3 42 ? -5.431  -0.228  -0.901  1.00 0.46 ? 51  ARG A CD     1 
ATOM   1360 N  NE     . ARG C 3 42 ? -4.259  -0.396  -1.809  1.00 0.50 ? 51  ARG A NE     1 
ATOM   1361 C  CZ     . ARG C 3 42 ? -3.783  0.631   -2.451  1.00 0.58 ? 51  ARG A CZ     1 
ATOM   1362 N  NH1    . ARG C 3 42 ? -4.330  1.803   -2.294  1.00 0.88 ? 51  ARG A NH1    1 
ATOM   1363 N  NH2    . ARG C 3 42 ? -2.754  0.486   -3.240  1.00 0.65 ? 51  ARG A NH2    1 
ATOM   1364 H  H      . ARG C 3 42 ? -3.481  -4.046  1.470   1.00 0.33 ? 51  ARG A H      1 
ATOM   1365 H  HA     . ARG C 3 42 ? -6.268  -3.686  1.062   1.00 0.37 ? 51  ARG A HA     1 
ATOM   1366 H  HB2    . ARG C 3 42 ? -4.410  -1.951  0.894   1.00 0.38 ? 51  ARG A HB2    1 
ATOM   1367 H  HB3    . ARG C 3 42 ? -4.082  -2.587  -0.716  1.00 0.33 ? 51  ARG A HB3    1 
ATOM   1368 H  HG2    . ARG C 3 42 ? -6.382  -2.087  -1.404  1.00 0.37 ? 51  ARG A HG2    1 
ATOM   1369 H  HG3    . ARG C 3 42 ? -6.751  -1.494  0.217   1.00 0.45 ? 51  ARG A HG3    1 
ATOM   1370 H  HD2    . ARG C 3 42 ? -6.196  0.341   -1.405  1.00 0.50 ? 51  ARG A HD2    1 
ATOM   1371 H  HD3    . ARG C 3 42 ? -5.128  0.294   -0.005  1.00 0.51 ? 51  ARG A HD3    1 
ATOM   1372 H  HE     . ARG C 3 42 ? -3.846  -1.276  -1.922  1.00 0.71 ? 51  ARG A HE     1 
ATOM   1373 H  HH11   . ARG C 3 42 ? -5.113  1.912   -1.682  1.00 0.90 ? 51  ARG A HH11   1 
ATOM   1374 H  HH12   . ARG C 3 42 ? -3.968  2.592   -2.788  1.00 1.18 ? 51  ARG A HH12   1 
ATOM   1375 H  HH21   . ARG C 3 42 ? -2.333  -0.414  -3.351  1.00 0.68 ? 51  ARG A HH21   1 
ATOM   1376 H  HH22   . ARG C 3 42 ? -2.389  1.274   -3.735  1.00 0.86 ? 51  ARG A HH22   1 
ATOM   1377 N  N      . HIS C 3 43 ? -4.722  -5.358  -1.285  1.00 0.28 ? 52  HIS A N      1 
ATOM   1378 C  CA     . HIS C 3 43 ? -4.972  -6.205  -2.485  1.00 0.28 ? 52  HIS A CA     1 
ATOM   1379 C  C      . HIS C 3 43 ? -5.917  -7.350  -2.097  1.00 0.31 ? 52  HIS A C      1 
ATOM   1380 O  O      . HIS C 3 43 ? -6.710  -7.807  -2.895  1.00 0.33 ? 52  HIS A O      1 
ATOM   1381 C  CB     . HIS C 3 43 ? -3.635  -6.759  -2.999  1.00 0.26 ? 52  HIS A CB     1 
ATOM   1382 C  CG     . HIS C 3 43 ? -3.864  -7.875  -3.986  1.00 0.27 ? 52  HIS A CG     1 
ATOM   1383 N  ND1    . HIS C 3 43 ? -3.918  -7.654  -5.367  1.00 0.31 ? 52  HIS A ND1    1 
ATOM   1384 C  CD2    . HIS C 3 43 ? -4.024  -9.232  -3.815  1.00 0.28 ? 52  HIS A CD2    1 
ATOM   1385 C  CE1    . HIS C 3 43 ? -4.102  -8.850  -5.964  1.00 0.34 ? 52  HIS A CE1    1 
ATOM   1386 N  NE2    . HIS C 3 43 ? -4.170  -9.811  -5.059  1.00 0.31 ? 52  HIS A NE2    1 
ATOM   1387 H  H      . HIS C 3 43 ? -3.827  -5.324  -0.887  1.00 0.28 ? 52  HIS A H      1 
ATOM   1388 H  HA     . HIS C 3 43 ? -5.435  -5.606  -3.256  1.00 0.29 ? 52  HIS A HA     1 
ATOM   1389 H  HB2    . HIS C 3 43 ? -3.086  -5.966  -3.484  1.00 0.27 ? 52  HIS A HB2    1 
ATOM   1390 H  HB3    . HIS C 3 43 ? -3.058  -7.131  -2.168  1.00 0.27 ? 52  HIS A HB3    1 
ATOM   1391 H  HD1    . HIS C 3 43 ? -3.838  -6.788  -5.817  1.00 0.34 ? 52  HIS A HD1    1 
ATOM   1392 H  HD2    . HIS C 3 43 ? -4.033  -9.752  -2.872  1.00 0.29 ? 52  HIS A HD2    1 
ATOM   1393 H  HE1    . HIS C 3 43 ? -4.183  -9.000  -7.030  1.00 0.39 ? 52  HIS A HE1    1 
ATOM   1394 N  N      . LEU C 3 44 ? -5.845  -7.810  -0.877  1.00 0.33 ? 53  LEU A N      1 
ATOM   1395 C  CA     . LEU C 3 44 ? -6.746  -8.916  -0.448  1.00 0.37 ? 53  LEU A CA     1 
ATOM   1396 C  C      . LEU C 3 44 ? -8.197  -8.425  -0.460  1.00 0.40 ? 53  LEU A C      1 
ATOM   1397 O  O      . LEU C 3 44 ? -9.092  -9.107  -0.918  1.00 0.43 ? 53  LEU A O      1 
ATOM   1398 C  CB     . LEU C 3 44 ? -6.381  -9.374  0.971   1.00 0.41 ? 53  LEU A CB     1 
ATOM   1399 C  CG     . LEU C 3 44 ? -4.932  -9.884  1.019   1.00 0.42 ? 53  LEU A CG     1 
ATOM   1400 C  CD1    . LEU C 3 44 ? -4.573  -10.245 2.466   1.00 0.46 ? 53  LEU A CD1    1 
ATOM   1401 C  CD2    . LEU C 3 44 ? -4.775  -11.132 0.129   1.00 0.40 ? 53  LEU A CD2    1 
ATOM   1402 H  H      . LEU C 3 44 ? -5.202  -7.425  -0.244  1.00 0.34 ? 53  LEU A H      1 
ATOM   1403 H  HA     . LEU C 3 44 ? -6.649  -9.742  -1.125  1.00 0.37 ? 53  LEU A HA     1 
ATOM   1404 H  HB2    . LEU C 3 44 ? -6.489  -8.543  1.652   1.00 0.43 ? 53  LEU A HB2    1 
ATOM   1405 H  HB3    . LEU C 3 44 ? -7.048  -10.169 1.272   1.00 0.44 ? 53  LEU A HB3    1 
ATOM   1406 H  HG     . LEU C 3 44 ? -4.269  -9.108  0.673   1.00 0.42 ? 53  LEU A HG     1 
ATOM   1407 H  HD11   . LEU C 3 44 ? -4.925  -9.470  3.131   1.00 1.06 ? 53  LEU A HD11   1 
ATOM   1408 H  HD12   . LEU C 3 44 ? -5.039  -11.184 2.729   1.00 1.20 ? 53  LEU A HD12   1 
ATOM   1409 H  HD13   . LEU C 3 44 ? -3.501  -10.338 2.559   1.00 1.10 ? 53  LEU A HD13   1 
ATOM   1410 H  HD21   . LEU C 3 44 ? -5.666  -11.739 0.191   1.00 1.08 ? 53  LEU A HD21   1 
ATOM   1411 H  HD22   . LEU C 3 44 ? -4.619  -10.827 -0.893  1.00 1.12 ? 53  LEU A HD22   1 
ATOM   1412 H  HD23   . LEU C 3 44 ? -3.923  -11.712 0.458   1.00 1.07 ? 53  LEU A HD23   1 
ATOM   1413 N  N      . GLU C 3 45 ? -8.437  -7.256  0.066   1.00 0.40 ? 54  GLU A N      1 
ATOM   1414 C  CA     . GLU C 3 45 ? -9.830  -6.721  0.117   1.00 0.44 ? 54  GLU A CA     1 
ATOM   1415 C  C      . GLU C 3 45 ? -10.312 -6.242  -1.258  1.00 0.43 ? 54  GLU A C      1 
ATOM   1416 O  O      . GLU C 3 45 ? -11.492 -6.042  -1.457  1.00 0.48 ? 54  GLU A O      1 
ATOM   1417 C  CB     . GLU C 3 45 ? -9.887  -5.556  1.114   1.00 0.47 ? 54  GLU A CB     1 
ATOM   1418 C  CG     . GLU C 3 45 ? -9.399  -6.029  2.499   1.00 0.52 ? 54  GLU A CG     1 
ATOM   1419 C  CD     . GLU C 3 45 ? -10.049 -5.189  3.601   1.00 1.28 ? 54  GLU A CD     1 
ATOM   1420 O  OE1    . GLU C 3 45 ? -10.525 -4.110  3.293   1.00 2.09 ? 54  GLU A OE1    1 
ATOM   1421 O  OE2    . GLU C 3 45 ? -10.061 -5.643  4.733   1.00 1.88 ? 54  GLU A OE2    1 
ATOM   1422 H  H      . GLU C 3 45 ? -7.700  -6.733  0.447   1.00 0.39 ? 54  GLU A H      1 
ATOM   1423 H  HA     . GLU C 3 45 ? -10.491 -7.502  0.458   1.00 0.49 ? 54  GLU A HA     1 
ATOM   1424 H  HB2    . GLU C 3 45 ? -9.254  -4.753  0.761   1.00 0.45 ? 54  GLU A HB2    1 
ATOM   1425 H  HB3    . GLU C 3 45 ? -10.905 -5.203  1.187   1.00 0.51 ? 54  GLU A HB3    1 
ATOM   1426 H  HG2    . GLU C 3 45 ? -9.660  -7.068  2.647   1.00 1.09 ? 54  GLU A HG2    1 
ATOM   1427 H  HG3    . GLU C 3 45 ? -8.326  -5.919  2.558   1.00 0.97 ? 54  GLU A HG3    1 
ATOM   1428 N  N      . LEU C 3 46 ? -9.431  -6.036  -2.207  1.00 0.39 ? 55  LEU A N      1 
ATOM   1429 C  CA     . LEU C 3 46 ? -9.882  -5.547  -3.552  1.00 0.40 ? 55  LEU A CA     1 
ATOM   1430 C  C      . LEU C 3 46 ? -9.983  -6.701  -4.559  1.00 0.42 ? 55  LEU A C      1 
ATOM   1431 O  O      . LEU C 3 46 ? -10.885 -6.734  -5.374  1.00 0.50 ? 55  LEU A O      1 
ATOM   1432 C  CB     . LEU C 3 46 ? -8.876  -4.527  -4.104  1.00 0.40 ? 55  LEU A CB     1 
ATOM   1433 C  CG     . LEU C 3 46 ? -8.872  -3.238  -3.266  1.00 0.42 ? 55  LEU A CG     1 
ATOM   1434 C  CD1    . LEU C 3 46 ? -7.861  -2.262  -3.879  1.00 0.48 ? 55  LEU A CD1    1 
ATOM   1435 C  CD2    . LEU C 3 46 ? -10.271 -2.589  -3.258  1.00 0.52 ? 55  LEU A CD2    1 
ATOM   1436 H  H      . LEU C 3 46 ? -8.480  -6.189  -2.036  1.00 0.38 ? 55  LEU A H      1 
ATOM   1437 H  HA     . LEU C 3 46 ? -10.848 -5.080  -3.466  1.00 0.45 ? 55  LEU A HA     1 
ATOM   1438 H  HB2    . LEU C 3 46 ? -7.887  -4.963  -4.089  1.00 0.40 ? 55  LEU A HB2    1 
ATOM   1439 H  HB3    . LEU C 3 46 ? -9.139  -4.285  -5.124  1.00 0.45 ? 55  LEU A HB3    1 
ATOM   1440 H  HG     . LEU C 3 46 ? -8.574  -3.472  -2.253  1.00 0.41 ? 55  LEU A HG     1 
ATOM   1441 H  HD11   . LEU C 3 46 ? -6.923  -2.770  -4.043  1.00 1.05 ? 55  LEU A HD11   1 
ATOM   1442 H  HD12   . LEU C 3 46 ? -8.242  -1.897  -4.821  1.00 1.22 ? 55  LEU A HD12   1 
ATOM   1443 H  HD13   . LEU C 3 46 ? -7.709  -1.431  -3.207  1.00 1.14 ? 55  LEU A HD13   1 
ATOM   1444 H  HD21   . LEU C 3 46 ? -10.773 -2.786  -4.196  1.00 1.10 ? 55  LEU A HD21   1 
ATOM   1445 H  HD22   . LEU C 3 46 ? -10.852 -3.003  -2.449  1.00 1.08 ? 55  LEU A HD22   1 
ATOM   1446 H  HD23   . LEU C 3 46 ? -10.181 -1.521  -3.118  1.00 1.18 ? 55  LEU A HD23   1 
ATOM   1447 N  N      . ARG C 3 47 ? -9.049  -7.619  -4.549  1.00 0.42 ? 56  ARG A N      1 
ATOM   1448 C  CA     . ARG C 3 47 ? -9.075  -8.737  -5.552  1.00 0.48 ? 56  ARG A CA     1 
ATOM   1449 C  C      . ARG C 3 47 ? -9.512  -10.069 -4.928  1.00 0.49 ? 56  ARG A C      1 
ATOM   1450 O  O      . ARG C 3 47 ? -9.408  -11.100 -5.561  1.00 0.54 ? 56  ARG A O      1 
ATOM   1451 C  CB     . ARG C 3 47 ? -7.668  -8.906  -6.120  1.00 0.50 ? 56  ARG A CB     1 
ATOM   1452 C  CG     . ARG C 3 47 ? -7.155  -7.562  -6.654  1.00 0.53 ? 56  ARG A CG     1 
ATOM   1453 C  CD     . ARG C 3 47 ? -8.046  -7.037  -7.789  1.00 0.63 ? 56  ARG A CD     1 
ATOM   1454 N  NE     . ARG C 3 47 ? -8.495  -8.172  -8.652  1.00 0.93 ? 56  ARG A NE     1 
ATOM   1455 C  CZ     . ARG C 3 47 ? -9.367  -7.969  -9.599  1.00 1.52 ? 56  ARG A CZ     1 
ATOM   1456 N  NH1    . ARG C 3 47 ? -9.746  -6.754  -9.886  1.00 2.09 ? 56  ARG A NH1    1 
ATOM   1457 N  NH2    . ARG C 3 47 ? -9.833  -8.977  -10.283 1.00 2.06 ? 56  ARG A NH2    1 
ATOM   1458 H  H      . ARG C 3 47 ? -8.310  -7.557  -3.908  1.00 0.42 ? 56  ARG A H      1 
ATOM   1459 H  HA     . ARG C 3 47 ? -9.747  -8.492  -6.362  1.00 0.53 ? 56  ARG A HA     1 
ATOM   1460 H  HB2    . ARG C 3 47 ? -7.011  -9.251  -5.334  1.00 0.48 ? 56  ARG A HB2    1 
ATOM   1461 H  HB3    . ARG C 3 47 ? -7.683  -9.632  -6.914  1.00 0.57 ? 56  ARG A HB3    1 
ATOM   1462 H  HG2    . ARG C 3 47 ? -7.145  -6.842  -5.849  1.00 0.52 ? 56  ARG A HG2    1 
ATOM   1463 H  HG3    . ARG C 3 47 ? -6.151  -7.689  -7.026  1.00 0.56 ? 56  ARG A HG3    1 
ATOM   1464 H  HD2    . ARG C 3 47 ? -8.910  -6.551  -7.377  1.00 1.01 ? 56  ARG A HD2    1 
ATOM   1465 H  HD3    . ARG C 3 47 ? -7.485  -6.316  -8.374  1.00 0.95 ? 56  ARG A HD3    1 
ATOM   1466 H  HE     . ARG C 3 47 ? -8.163  -9.076  -8.485  1.00 1.36 ? 56  ARG A HE     1 
ATOM   1467 H  HH11   . ARG C 3 47 ? -9.368  -5.980  -9.378  1.00 2.04 ? 56  ARG A HH11   1 
ATOM   1468 H  HH12   . ARG C 3 47 ? -10.410 -6.597  -10.617 1.00 2.79 ? 56  ARG A HH12   1 
ATOM   1469 H  HH21   . ARG C 3 47 ? -9.523  -9.906  -10.080 1.00 2.17 ? 56  ARG A HH21   1 
ATOM   1470 H  HH22   . ARG C 3 47 ? -10.501 -8.821  -11.011 1.00 2.62 ? 56  ARG A HH22   1 
ATOM   1471 N  N      . HIS C 3 48 ? -9.997  -10.091 -3.712  1.00 0.50 ? 57  HIS A N      1 
ATOM   1472 C  CA     . HIS C 3 48 ? -10.412 -11.406 -3.121  1.00 0.55 ? 57  HIS A CA     1 
ATOM   1473 C  C      . HIS C 3 48 ? -11.512 -11.210 -2.074  1.00 0.63 ? 57  HIS A C      1 
ATOM   1474 O  O      . HIS C 3 48 ? -12.659 -11.536 -2.305  1.00 0.72 ? 57  HIS A O      1 
ATOM   1475 C  CB     . HIS C 3 48 ? -9.197  -12.079 -2.478  1.00 0.51 ? 57  HIS A CB     1 
ATOM   1476 C  CG     . HIS C 3 48 ? -8.124  -12.262 -3.518  1.00 0.45 ? 57  HIS A CG     1 
ATOM   1477 N  ND1    . HIS C 3 48 ? -8.314  -13.046 -4.661  1.00 0.48 ? 57  HIS A ND1    1 
ATOM   1478 C  CD2    . HIS C 3 48 ? -6.849  -11.753 -3.620  1.00 0.42 ? 57  HIS A CD2    1 
ATOM   1479 C  CE1    . HIS C 3 48 ? -7.182  -12.980 -5.395  1.00 0.46 ? 57  HIS A CE1    1 
ATOM   1480 N  NE2    . HIS C 3 48 ? -6.286  -12.210 -4.791  1.00 0.39 ? 57  HIS A NE2    1 
ATOM   1481 H  H      . HIS C 3 48 ? -10.083 -9.263  -3.196  1.00 0.51 ? 57  HIS A H      1 
ATOM   1482 H  HA     . HIS C 3 48 ? -10.793 -12.047 -3.905  1.00 0.58 ? 57  HIS A HA     1 
ATOM   1483 H  HB2    . HIS C 3 48 ? -8.823  -11.458 -1.676  1.00 0.52 ? 57  HIS A HB2    1 
ATOM   1484 H  HB3    . HIS C 3 48 ? -9.484  -13.042 -2.084  1.00 0.55 ? 57  HIS A HB3    1 
ATOM   1485 H  HD1    . HIS C 3 48 ? -9.123  -13.551 -4.889  1.00 0.54 ? 57  HIS A HD1    1 
ATOM   1486 H  HD2    . HIS C 3 48 ? -6.367  -11.114 -2.905  1.00 0.49 ? 57  HIS A HD2    1 
ATOM   1487 H  HE1    . HIS C 3 48 ? -7.036  -13.475 -6.337  1.00 0.55 ? 57  HIS A HE1    1 
ATOM   1488 N  N      . PHE C 3 49 ? -11.181 -10.693 -0.923  1.00 0.62 ? 58  PHE A N      1 
ATOM   1489 C  CA     . PHE C 3 49 ? -12.227 -10.501 0.121   1.00 0.73 ? 58  PHE A CA     1 
ATOM   1490 C  C      . PHE C 3 49 ? -13.062 -9.271  -0.230  1.00 0.76 ? 58  PHE A C      1 
ATOM   1491 O  O      . PHE C 3 49 ? -13.802 -8.752  0.584   1.00 0.90 ? 58  PHE A O      1 
ATOM   1492 C  CB     . PHE C 3 49 ? -11.562 -10.308 1.485   1.00 0.75 ? 58  PHE A CB     1 
ATOM   1493 C  CG     . PHE C 3 49 ? -10.973 -11.618 1.950   1.00 0.76 ? 58  PHE A CG     1 
ATOM   1494 C  CD1    . PHE C 3 49 ? -9.678  -11.977 1.561   1.00 0.65 ? 58  PHE A CD1    1 
ATOM   1495 C  CD2    . PHE C 3 49 ? -11.720 -12.473 2.768   1.00 0.96 ? 58  PHE A CD2    1 
ATOM   1496 C  CE1    . PHE C 3 49 ? -9.129  -13.191 1.990   1.00 0.69 ? 58  PHE A CE1    1 
ATOM   1497 C  CE2    . PHE C 3 49 ? -11.172 -13.687 3.197   1.00 1.00 ? 58  PHE A CE2    1 
ATOM   1498 C  CZ     . PHE C 3 49 ? -9.875  -14.046 2.809   1.00 0.84 ? 58  PHE A CZ     1 
ATOM   1499 H  H      . PHE C 3 49 ? -10.252 -10.441 -0.743  1.00 0.57 ? 58  PHE A H      1 
ATOM   1500 H  HA     . PHE C 3 49 ? -12.866 -11.372 0.152   1.00 0.80 ? 58  PHE A HA     1 
ATOM   1501 H  HB2    . PHE C 3 49 ? -10.779 -9.574  1.401   1.00 0.71 ? 58  PHE A HB2    1 
ATOM   1502 H  HB3    . PHE C 3 49 ? -12.298 -9.971  2.199   1.00 0.84 ? 58  PHE A HB3    1 
ATOM   1503 H  HD1    . PHE C 3 49 ? -9.102  -11.318 0.928   1.00 0.62 ? 58  PHE A HD1    1 
ATOM   1504 H  HD2    . PHE C 3 49 ? -12.721 -12.196 3.069   1.00 1.12 ? 58  PHE A HD2    1 
ATOM   1505 H  HE1    . PHE C 3 49 ? -8.130  -13.467 1.690   1.00 0.69 ? 58  PHE A HE1    1 
ATOM   1506 H  HE2    . PHE C 3 49 ? -11.748 -14.346 3.830   1.00 1.18 ? 58  PHE A HE2    1 
ATOM   1507 H  HZ     . PHE C 3 49 ? -9.452  -14.982 3.140   1.00 0.89 ? 58  PHE A HZ     1 
ATOM   1508 N  N      . ALA C 3 50 ? -12.950 -8.807  -1.443  1.00 0.68 ? 59  ALA A N      1 
ATOM   1509 C  CA     . ALA C 3 50 ? -13.736 -7.616  -1.869  1.00 0.73 ? 59  ALA A CA     1 
ATOM   1510 C  C      . ALA C 3 50 ? -15.205 -8.018  -2.051  1.00 0.95 ? 59  ALA A C      1 
ATOM   1511 O  O      . ALA C 3 50 ? -16.025 -7.229  -2.477  1.00 1.06 ? 59  ALA A O      1 
ATOM   1512 C  CB     . ALA C 3 50 ? -13.165 -7.073  -3.191  1.00 0.66 ? 59  ALA A CB     1 
ATOM   1513 H  H      . ALA C 3 50 ? -12.348 -9.246  -2.076  1.00 0.62 ? 59  ALA A H      1 
ATOM   1514 H  HA     . ALA C 3 50 ? -13.670 -6.855  -1.104  1.00 0.73 ? 59  ALA A HA     1 
ATOM   1515 H  HB1    . ALA C 3 50 ? -12.133 -7.373  -3.278  1.00 1.22 ? 59  ALA A HB1    1 
ATOM   1516 H  HB2    . ALA C 3 50 ? -13.721 -7.470  -4.029  1.00 1.20 ? 59  ALA A HB2    1 
ATOM   1517 H  HB3    . ALA C 3 50 ? -13.226 -5.993  -3.199  1.00 1.20 ? 59  ALA A HB3    1 
ATOM   1518 N  N      . LYS C 3 51 ? -15.547 -9.232  -1.714  1.00 1.09 ? 60  LYS A N      1 
ATOM   1519 C  CA     . LYS C 3 51 ? -16.966 -9.667  -1.851  1.00 1.35 ? 60  LYS A CA     1 
ATOM   1520 C  C      . LYS C 3 51 ? -17.711 -9.202  -0.611  1.00 1.55 ? 60  LYS A C      1 
ATOM   1521 O  O      . LYS C 3 51 ? -17.135 -9.145  0.456   1.00 1.62 ? 60  LYS A O      1 
ATOM   1522 C  CB     . LYS C 3 51 ? -17.066 -11.194 -1.853  1.00 1.51 ? 60  LYS A CB     1 
ATOM   1523 C  CG     . LYS C 3 51 ? -16.404 -11.813 -3.087  1.00 1.76 ? 60  LYS A CG     1 
ATOM   1524 C  CD     . LYS C 3 51 ? -16.774 -13.316 -3.150  1.00 2.09 ? 60  LYS A CD     1 
ATOM   1525 C  CE     . LYS C 3 51 ? -15.642 -14.127 -3.781  1.00 2.54 ? 60  LYS A CE     1 
ATOM   1526 N  NZ     . LYS C 3 51 ? -15.282 -13.531 -5.098  1.00 3.22 ? 60  LYS A NZ     1 
ATOM   1527 H  H      . LYS C 3 51 ? -14.874 -9.851  -1.359  1.00 1.06 ? 60  LYS A H      1 
ATOM   1528 H  HA     . LYS C 3 51 ? -17.403 -9.257  -2.747  1.00 1.36 ? 60  LYS A HA     1 
ATOM   1529 H  HB2    . LYS C 3 51 ? -16.581 -11.578 -0.967  1.00 1.88 ? 60  LYS A HB2    1 
ATOM   1530 H  HB3    . LYS C 3 51 ? -18.109 -11.478 -1.830  1.00 1.90 ? 60  LYS A HB3    1 
ATOM   1531 H  HG2    . LYS C 3 51 ? -16.758 -11.307 -3.976  1.00 2.18 ? 60  LYS A HG2    1 
ATOM   1532 H  HG3    . LYS C 3 51 ? -15.332 -11.702 -3.010  1.00 2.16 ? 60  LYS A HG3    1 
ATOM   1533 H  HD2    . LYS C 3 51 ? -16.950 -13.693 -2.152  1.00 2.48 ? 60  LYS A HD2    1 
ATOM   1534 H  HD3    . LYS C 3 51 ? -17.672 -13.442 -3.740  1.00 2.47 ? 60  LYS A HD3    1 
ATOM   1535 H  HE2    . LYS C 3 51 ? -14.783 -14.103 -3.126  1.00 2.85 ? 60  LYS A HE2    1 
ATOM   1536 H  HE3    . LYS C 3 51 ? -15.961 -15.151 -3.917  1.00 2.90 ? 60  LYS A HE3    1 
ATOM   1537 H  HZ1    . LYS C 3 51 ? -16.009 -12.841 -5.374  1.00 3.44 ? 60  LYS A HZ1    1 
ATOM   1538 H  HZ2    . LYS C 3 51 ? -14.364 -13.053 -5.019  1.00 3.66 ? 60  LYS A HZ2    1 
ATOM   1539 H  HZ3    . LYS C 3 51 ? -15.224 -14.282 -5.818  1.00 3.65 ? 60  LYS A HZ3    1 
ATOM   1540 N  N      . PRO C 3 52 ? -18.979 -8.917  -0.701  1.00 1.75 ? 61  PRO A N      1 
ATOM   1541 C  CA     . PRO C 3 52 ? -19.727 -8.523  0.508   1.00 2.04 ? 61  PRO A CA     1 
ATOM   1542 C  C      . PRO C 3 52 ? -19.608 -9.657  1.527   1.00 2.31 ? 61  PRO A C      1 
ATOM   1543 O  O      . PRO C 3 52 ? -19.899 -10.798 1.227   1.00 2.39 ? 61  PRO A O      1 
ATOM   1544 C  CB     . PRO C 3 52 ? -21.182 -8.326  0.027   1.00 2.19 ? 61  PRO A CB     1 
ATOM   1545 C  CG     . PRO C 3 52 ? -21.247 -8.902  -1.365  1.00 2.13 ? 61  PRO A CG     1 
ATOM   1546 C  CD     . PRO C 3 52 ? -19.814 -8.933  -1.909  1.00 1.81 ? 61  PRO A CD     1 
ATOM   1547 H  HA     . PRO C 3 52 ? -19.334 -7.604  0.917   1.00 2.05 ? 61  PRO A HA     1 
ATOM   1548 H  HB2    . PRO C 3 52 ? -21.874 -8.844  0.685   1.00 2.39 ? 61  PRO A HB2    1 
ATOM   1549 H  HB3    . PRO C 3 52 ? -21.425 -7.273  0.002   1.00 2.31 ? 61  PRO A HB3    1 
ATOM   1550 H  HG2    . PRO C 3 52 ? -21.654 -9.907  -1.334  1.00 2.33 ? 61  PRO A HG2    1 
ATOM   1551 H  HG3    . PRO C 3 52 ? -21.863 -8.279  -2.000  1.00 2.25 ? 61  PRO A HG3    1 
ATOM   1552 H  HD2    . PRO C 3 52 ? -19.644 -9.836  -2.480  1.00 1.84 ? 61  PRO A HD2    1 
ATOM   1553 H  HD3    . PRO C 3 52 ? -19.611 -8.059  -2.511  1.00 1.70 ? 61  PRO A HD3    1 
ATOM   1554 N  N      . GLY C 3 53 ? -19.168 -9.370  2.714   1.00 2.59 ? 62  GLY A N      1 
ATOM   1555 C  CA     . GLY C 3 53 ? -19.022 -10.459 3.717   1.00 2.96 ? 62  GLY A CA     1 
ATOM   1556 C  C      . GLY C 3 53 ? -20.408 -10.890 4.180   1.00 3.48 ? 62  GLY A C      1 
ATOM   1557 O  O      . GLY C 3 53 ? -21.393 -10.654 3.509   1.00 3.90 ? 62  GLY A O      1 
ATOM   1558 H  H      . GLY C 3 53 ? -18.919 -8.450  2.941   1.00 2.64 ? 62  GLY A H      1 
ATOM   1559 H  HA2    . GLY C 3 53 ? -18.513 -11.300 3.264   1.00 3.05 ? 62  GLY A HA2    1 
ATOM   1560 H  HA3    . GLY C 3 53 ? -18.454 -10.106 4.563   1.00 3.12 ? 62  GLY A HA3    1 
ATOM   1561 N  N      . VAL C 3 54 ? -20.494 -11.515 5.324   1.00 3.93 ? 63  VAL A N      1 
ATOM   1562 C  CA     . VAL C 3 54 ? -21.821 -11.960 5.847   1.00 4.73 ? 63  VAL A CA     1 
ATOM   1563 C  C      . VAL C 3 54 ? -21.901 -11.615 7.336   1.00 5.32 ? 63  VAL A C      1 
ATOM   1564 O  O      . VAL C 3 54 ? -22.988 -11.307 7.792   1.00 5.68 ? 63  VAL A O      1 
ATOM   1565 C  CB     . VAL C 3 54 ? -21.986 -13.484 5.635   1.00 5.40 ? 63  VAL A CB     1 
ATOM   1566 C  CG1    . VAL C 3 54 ? -23.448 -13.815 5.315   1.00 5.85 ? 63  VAL A CG1    1 
ATOM   1567 C  CG2    . VAL C 3 54 ? -21.106 -13.942 4.465   1.00 5.58 ? 63  VAL A CG2    1 
ATOM   1568 O  OXT    . VAL C 3 54 ? -20.873 -11.662 7.994   1.00 5.76 ? 63  VAL A OXT    1 
ATOM   1569 H  H      . VAL C 3 54 ? -19.684 -11.689 5.846   1.00 4.02 ? 63  VAL A H      1 
ATOM   1570 H  HA     . VAL C 3 54 ? -22.612 -11.430 5.330   1.00 4.84 ? 63  VAL A HA     1 
ATOM   1571 H  HB     . VAL C 3 54 ? -21.691 -14.014 6.531   1.00 5.90 ? 63  VAL A HB     1 
ATOM   1572 H  HG11   . VAL C 3 54 ? -24.096 -13.309 6.018   1.00 6.00 ? 63  VAL A HG11   1 
ATOM   1573 H  HG12   . VAL C 3 54 ? -23.680 -13.487 4.312   1.00 6.11 ? 63  VAL A HG12   1 
ATOM   1574 H  HG13   . VAL C 3 54 ? -23.600 -14.881 5.388   1.00 6.17 ? 63  VAL A HG13   1 
ATOM   1575 H  HG21   . VAL C 3 54 ? -21.322 -13.342 3.594   1.00 5.79 ? 63  VAL A HG21   1 
ATOM   1576 H  HG22   . VAL C 3 54 ? -20.065 -13.830 4.732   1.00 5.77 ? 63  VAL A HG22   1 
ATOM   1577 H  HG23   . VAL C 3 54 ? -21.311 -14.980 4.248   1.00 5.75 ? 63  VAL A HG23   1 
HETATM 1578 ZN ZN     . ZN  D 4 .  ? -4.432  -11.759 -5.428  1.00 0.35 ? 64  ZN  A ZN     1 
# 
